data_7XSO
#
_entry.id   7XSO
#
_cell.length_a   1.00
_cell.length_b   1.00
_cell.length_c   1.00
_cell.angle_alpha   90.00
_cell.angle_beta   90.00
_cell.angle_gamma   90.00
#
_symmetry.space_group_name_H-M   'P 1'
#
loop_
_entity.id
_entity.type
_entity.pdbx_description
1 polymer 'RAMP superfamily protein'
2 polymer 'RNA (35-MER)'
3 non-polymer 'ZINC ION'
#
loop_
_entity_poly.entity_id
_entity_poly.type
_entity_poly.pdbx_seq_one_letter_code
_entity_poly.pdbx_strand_id
1 'polypeptide(L)'
;MKSNDMNITVELTFFEPYRLVEWFDWDARKKSHSAMRGQAFAQWTWKGKGRTAGKSFITGTLVRSAVIKAVEELLSLNNG
KWEGVPCCNGSFQTDESKGKKPSFLRKRHTLQWQANNKNICDKEEACPFCILLGRFDNAGKVHERNKDYDIHFSNFDLDH
KQEKNDLRLVDIASGRILNRVDFDTGKAKDYFRTWEADYETYGTYTGRITLRNEHAKKLLLASLGFVDKLCGALCRIEVI
KKSESPLPSDTKEQSYTKDDTVEVLSEDHNDELRKQAEVIVEAFKQNDKLEKIRILADAIRTLRLHGEGVIEKDELPDGK
EERDKGHHLWDIKVQGTALRTKLKELWQSNKDIGWRKFTEMLGSNLYLIYKKETGGVSTRFRILGDTEYYSKAHDSEGSD
LFIPVTPPEGIETKEWIIVGRLKAATPFYFGVQQPSDSIPGKEKKSEDSLVINEHTSFNILLDKENRYRIPRSALRGALR
RDLRTAFGSGCNVSLGGQILCNCKVCIEMRRITLKDSVSDFSEPPEIRYRIAKNPGTATVEDGSLFDIEVGPEGLTFPFV
LRYRGHKFPEQLSSVIRYWEENDGKNGMAWLGGLDSTGKGRFALKDIKIFEWDLNQKINEYIKERGMRGKEKELLEMGES
SLPDGLIPYKFFEERECLFPYKENLKPQWSEVQYTIEVGSPLLTADTISALTEPGNRDAIAYKKRVYNDGNNAIEPEPRF
AVKSETHRGIFRTAVGRRTGDLGKEDHEDCTCDMCIIFGNEHESSKIRFEDLELINGNEFEKLEKHIDHVAIDRFTGGAL
DKAKFDTYPLAGSPKKPLKLKGRFWIKKGFSGDHKLLITTALSDIRDGLYPLGSKGGVGYGWVAGISIDDNVPDDFKEMI
NKTEMPLPEEVEESNNGPINNDYVHPGHQSPKQDHKNKNIYYPHYFLDSGSKVYREKDIITHEEFTEELLSGKINCKLET
LTPLIIPDTSDENGLKLQGNKPGHKNYKFFNINGELMIPGSELRGMLRTHFEALTKSCFAIFGEDSTLSWRMNADEKDYK
IDSNSIRKMESQRNPKYRIPDELQKELRNSGNGLFNRLYTSERRFWSDVSNKFENSIDYKREILRCAGRPKNYKGGIIRQ
RKDSLMAEELKVHRLPLYDNFDIPDSAYKANDHCRKSATCSTSRGCRERFTCGIKVRDKNRVFLNAANNNRQYLNNIKKS
NHDLYLQYLKGEKKIRFNSKVITGSERSPIDVIAELNERGRQTGFIKLSGLNNSNKSQGNTGTTFNSGWDRFELNILLDD
LETRPSKSDYPRPRLLFTKDQYEYNITKRCERVFEIDKGNKTGYPVDDQIKKNYEDILDSYDGIKDQEVAERFDTFTRGS
KLKVGDLVYFHIDGDNKIDSLIPVRISRKCASKTLGGKLDKALHPCTGLSDGLCPGCHLFGTTDYKGRVKFGFAKYENGP
EWLITRGNNPERSLTLGVLESPRPAFSIPDDESEIPGRKFYLHHNGWRIIRQKQLEIRETVQPERNVTTEVMDKGNVFSF
DVRFENLREWELGLLLQSLDPGKNIAHKLGKGKPYGFGSVKIKIDSLHTFKINSNNDKIKRVPQSDIREYINKGYQKLIE
WSGNNSIQKGNVLPQWHVIPHIDKLYKLLWVPFLNDSKLEPDVRYPVLNEESKGYIEGSDYTYKKLGDKDNLPYKTRVKG
LTTPWSPWNPFQVIAEHEEQEVNVTGSRPSVTDKIERDGKMV
;
A
2 'polyribonucleotide' GUUAUGAAACAAGAGAAGGACUUAAUGUCACGGUACCCAAUUUUCUGCCCCGGACUCCACGGCUGUUACUAGAG D
#
loop_
_chem_comp.id
_chem_comp.type
_chem_comp.name
_chem_comp.formula
A RNA linking ADENOSINE-5'-MONOPHOSPHATE 'C10 H14 N5 O7 P'
C RNA linking CYTIDINE-5'-MONOPHOSPHATE 'C9 H14 N3 O8 P'
G RNA linking GUANOSINE-5'-MONOPHOSPHATE 'C10 H14 N5 O8 P'
U RNA linking URIDINE-5'-MONOPHOSPHATE 'C9 H13 N2 O9 P'
ZN non-polymer 'ZINC ION' 'Zn 2'
#
# COMPACT_ATOMS: atom_id res chain seq x y z
N ASP A 5 -41.81 25.26 48.90
CA ASP A 5 -40.88 26.32 48.50
C ASP A 5 -39.44 25.89 48.71
N MET A 6 -39.15 24.64 48.38
CA MET A 6 -37.81 24.10 48.58
C MET A 6 -37.05 24.00 47.27
N ASN A 7 -35.74 24.14 47.36
CA ASN A 7 -34.87 24.07 46.19
C ASN A 7 -34.30 22.66 46.04
N ILE A 8 -33.96 22.32 44.81
CA ILE A 8 -33.41 21.01 44.47
C ILE A 8 -32.10 21.24 43.73
N THR A 9 -31.01 20.70 44.25
CA THR A 9 -29.71 20.80 43.61
C THR A 9 -29.51 19.56 42.75
N VAL A 10 -29.34 19.78 41.46
CA VAL A 10 -29.26 18.69 40.48
C VAL A 10 -27.88 18.68 39.84
N GLU A 11 -27.44 17.47 39.53
CA GLU A 11 -26.13 17.22 38.93
C GLU A 11 -26.32 16.43 37.65
N LEU A 12 -25.61 16.84 36.61
CA LEU A 12 -25.76 16.33 35.27
C LEU A 12 -24.42 15.73 34.84
N THR A 13 -24.40 14.43 34.57
CA THR A 13 -23.16 13.74 34.22
C THR A 13 -23.30 13.10 32.86
N PHE A 14 -22.28 13.28 32.02
CA PHE A 14 -22.26 12.75 30.68
C PHE A 14 -21.41 11.48 30.61
N PHE A 15 -21.68 10.67 29.59
CA PHE A 15 -20.95 9.43 29.39
C PHE A 15 -20.46 9.28 27.95
N GLU A 16 -20.71 10.25 27.09
CA GLU A 16 -20.20 10.33 25.74
C GLU A 16 -19.72 11.74 25.53
N PRO A 17 -18.88 11.99 24.53
CA PRO A 17 -18.51 13.37 24.21
C PRO A 17 -19.69 14.15 23.67
N TYR A 18 -19.97 15.28 24.30
CA TYR A 18 -21.10 16.11 23.96
C TYR A 18 -20.67 17.24 23.03
N ARG A 19 -21.63 18.04 22.59
CA ARG A 19 -21.43 19.03 21.56
C ARG A 19 -21.46 20.45 22.13
N LEU A 20 -20.65 21.31 21.53
CA LEU A 20 -20.43 22.66 22.03
C LEU A 20 -20.61 23.66 20.90
N VAL A 21 -21.19 24.82 21.22
CA VAL A 21 -21.43 25.88 20.25
C VAL A 21 -21.17 27.22 20.91
N GLU A 22 -21.01 28.26 20.10
CA GLU A 22 -20.76 29.61 20.60
C GLU A 22 -22.07 30.28 20.95
N TRP A 23 -22.01 31.25 21.87
CA TRP A 23 -23.20 31.89 22.39
C TRP A 23 -23.45 33.23 21.71
N PHE A 24 -24.66 33.41 21.18
CA PHE A 24 -25.18 34.68 20.71
C PHE A 24 -26.57 34.86 21.33
N ASP A 25 -27.10 36.08 21.28
CA ASP A 25 -28.25 36.34 22.14
C ASP A 25 -29.59 35.87 21.55
N TRP A 26 -30.16 36.58 20.58
CA TRP A 26 -31.25 36.03 19.80
C TRP A 26 -31.17 36.50 18.36
N ASP A 27 -30.57 37.68 18.17
CA ASP A 27 -30.50 38.38 16.90
C ASP A 27 -29.19 38.15 16.19
N ALA A 28 -28.08 38.20 16.94
CA ALA A 28 -26.81 37.73 16.43
C ALA A 28 -26.84 36.23 16.15
N ARG A 29 -27.76 35.51 16.79
CA ARG A 29 -27.98 34.11 16.43
C ARG A 29 -28.56 34.00 15.03
N LYS A 30 -29.54 34.85 14.70
CA LYS A 30 -30.13 34.82 13.37
C LYS A 30 -29.19 35.33 12.30
N LYS A 31 -28.18 36.13 12.68
CA LYS A 31 -27.17 36.53 11.71
C LYS A 31 -26.21 35.38 11.35
N SER A 32 -26.15 34.33 12.16
CA SER A 32 -25.17 33.26 12.00
C SER A 32 -25.82 31.94 11.62
N HIS A 33 -25.01 31.03 11.07
CA HIS A 33 -25.52 29.73 10.65
C HIS A 33 -25.14 28.62 11.64
N SER A 34 -23.89 28.63 12.11
CA SER A 34 -23.43 27.61 13.03
C SER A 34 -24.10 27.72 14.38
N ALA A 35 -24.54 28.91 14.77
CA ALA A 35 -25.28 29.06 16.01
C ALA A 35 -26.71 28.62 15.87
N MET A 36 -27.33 28.82 14.70
CA MET A 36 -28.71 28.40 14.51
C MET A 36 -28.81 26.89 14.39
N ARG A 37 -27.82 26.25 13.76
CA ARG A 37 -27.77 24.79 13.80
C ARG A 37 -27.43 24.30 15.19
N GLY A 38 -26.61 25.04 15.92
CA GLY A 38 -26.10 24.58 17.19
C GLY A 38 -26.96 24.83 18.41
N GLN A 39 -28.25 25.06 18.24
CA GLN A 39 -29.11 25.06 19.40
C GLN A 39 -29.31 23.63 19.90
N ALA A 40 -29.79 23.51 21.13
CA ALA A 40 -29.83 22.26 21.90
C ALA A 40 -28.46 21.62 22.05
N PHE A 41 -27.41 22.43 22.12
CA PHE A 41 -26.05 22.02 22.42
C PHE A 41 -25.64 22.65 23.75
N ALA A 42 -24.37 22.52 24.10
CA ALA A 42 -23.83 23.24 25.26
C ALA A 42 -23.16 24.52 24.80
N GLN A 43 -23.51 25.63 25.44
CA GLN A 43 -23.07 26.94 24.98
C GLN A 43 -21.74 27.32 25.60
N TRP A 44 -20.99 28.15 24.89
CA TRP A 44 -19.65 28.57 25.28
C TRP A 44 -19.54 30.07 25.14
N THR A 45 -19.16 30.75 26.22
CA THR A 45 -18.99 32.20 26.20
C THR A 45 -17.54 32.54 26.51
N TRP A 46 -17.07 33.61 25.87
CA TRP A 46 -15.68 34.02 26.04
C TRP A 46 -15.53 34.90 27.28
N LYS A 47 -14.29 35.02 27.74
CA LYS A 47 -13.98 35.84 28.90
C LYS A 47 -12.71 36.63 28.62
N GLY A 48 -12.75 37.93 28.88
CA GLY A 48 -11.60 38.78 28.72
C GLY A 48 -11.40 39.26 27.28
N LYS A 49 -10.57 40.28 27.13
CA LYS A 49 -10.22 40.77 25.80
C LYS A 49 -9.35 39.75 25.07
N GLY A 50 -9.78 39.37 23.88
CA GLY A 50 -9.10 38.31 23.15
C GLY A 50 -9.83 36.99 23.33
N ARG A 51 -9.89 36.19 22.27
CA ARG A 51 -10.67 34.95 22.28
C ARG A 51 -9.73 33.76 22.50
N THR A 52 -9.37 33.54 23.76
CA THR A 52 -8.65 32.33 24.16
C THR A 52 -9.31 31.55 25.29
N ALA A 53 -10.02 32.20 26.21
CA ALA A 53 -10.54 31.53 27.39
C ALA A 53 -11.97 31.95 27.66
N GLY A 54 -12.69 31.12 28.40
CA GLY A 54 -14.09 31.38 28.68
C GLY A 54 -14.68 30.31 29.56
N LYS A 55 -15.99 30.14 29.47
CA LYS A 55 -16.66 29.10 30.24
C LYS A 55 -17.85 28.54 29.48
N SER A 56 -18.24 27.33 29.86
CA SER A 56 -19.33 26.61 29.21
C SER A 56 -20.50 26.45 30.15
N PHE A 57 -21.70 26.46 29.58
CA PHE A 57 -22.91 26.28 30.38
C PHE A 57 -23.99 25.63 29.53
N ILE A 58 -25.07 25.26 30.21
CA ILE A 58 -26.26 24.69 29.59
C ILE A 58 -27.45 25.48 30.09
N THR A 59 -28.25 26.00 29.17
CA THR A 59 -29.36 26.87 29.54
C THR A 59 -30.49 26.08 30.19
N GLY A 60 -31.25 26.77 31.03
CA GLY A 60 -32.34 26.15 31.74
C GLY A 60 -33.53 25.82 30.87
N THR A 61 -33.68 26.50 29.73
CA THR A 61 -34.76 26.19 28.81
C THR A 61 -34.56 24.84 28.15
N LEU A 62 -33.31 24.44 27.90
CA LEU A 62 -33.03 23.13 27.31
C LEU A 62 -33.37 22.00 28.28
N VAL A 63 -32.98 22.15 29.55
CA VAL A 63 -33.34 21.19 30.57
C VAL A 63 -34.84 21.17 30.80
N ARG A 64 -35.49 22.33 30.67
CA ARG A 64 -36.95 22.39 30.79
C ARG A 64 -37.64 21.62 29.69
N SER A 65 -37.13 21.74 28.45
CA SER A 65 -37.72 21.00 27.34
C SER A 65 -37.52 19.50 27.47
N ALA A 66 -36.35 19.08 27.97
CA ALA A 66 -36.11 17.66 28.20
C ALA A 66 -37.03 17.11 29.28
N VAL A 67 -37.20 17.85 30.38
CA VAL A 67 -38.09 17.40 31.45
C VAL A 67 -39.56 17.40 31.00
N ILE A 68 -39.95 18.34 30.15
CA ILE A 68 -41.33 18.38 29.64
C ILE A 68 -41.60 17.18 28.74
N LYS A 69 -40.64 16.82 27.89
CA LYS A 69 -40.77 15.62 27.06
C LYS A 69 -40.83 14.35 27.91
N ALA A 70 -40.05 14.30 28.99
CA ALA A 70 -40.06 13.14 29.88
C ALA A 70 -41.39 13.02 30.62
N VAL A 71 -41.96 14.13 31.07
CA VAL A 71 -43.25 14.11 31.76
C VAL A 71 -44.34 13.66 30.81
N GLU A 72 -44.29 14.12 29.55
CA GLU A 72 -45.30 13.74 28.58
C GLU A 72 -45.23 12.25 28.26
N GLU A 73 -44.02 11.70 28.13
CA GLU A 73 -43.89 10.27 27.86
C GLU A 73 -44.31 9.43 29.06
N LEU A 74 -43.98 9.87 30.27
CA LEU A 74 -44.37 9.11 31.46
C LEU A 74 -45.87 9.14 31.68
N LEU A 75 -46.52 10.25 31.37
CA LEU A 75 -47.97 10.29 31.50
C LEU A 75 -48.66 9.53 30.38
N SER A 76 -48.00 9.41 29.22
CA SER A 76 -48.55 8.58 28.16
C SER A 76 -48.45 7.10 28.47
N LEU A 77 -47.40 6.69 29.20
CA LEU A 77 -47.24 5.27 29.50
C LEU A 77 -48.27 4.79 30.52
N ASN A 78 -48.74 5.69 31.38
CA ASN A 78 -49.71 5.33 32.42
C ASN A 78 -51.09 5.90 32.15
N ASN A 79 -51.36 6.29 30.90
CA ASN A 79 -52.68 6.75 30.44
C ASN A 79 -53.18 7.98 31.18
N GLY A 80 -52.28 8.94 31.38
CA GLY A 80 -52.68 10.22 31.95
C GLY A 80 -52.88 10.22 33.45
N LYS A 81 -52.23 9.31 34.17
CA LYS A 81 -52.43 9.18 35.60
C LYS A 81 -51.12 8.79 36.25
N TRP A 82 -50.54 9.69 37.04
CA TRP A 82 -49.34 9.38 37.81
C TRP A 82 -49.71 9.29 39.28
N GLU A 83 -49.27 8.21 39.93
CA GLU A 83 -49.52 7.84 41.34
C GLU A 83 -50.98 8.04 41.77
N GLY A 84 -51.91 7.80 40.86
CA GLY A 84 -53.31 7.84 41.21
C GLY A 84 -53.98 9.19 41.11
N VAL A 85 -53.27 10.24 40.71
CA VAL A 85 -53.88 11.55 40.46
C VAL A 85 -53.95 11.75 38.94
N PRO A 86 -55.10 12.14 38.42
CA PRO A 86 -55.22 12.32 36.97
C PRO A 86 -54.90 13.74 36.53
N CYS A 87 -54.51 13.85 35.26
CA CYS A 87 -53.99 15.10 34.73
C CYS A 87 -54.40 15.27 33.27
N CYS A 88 -54.62 16.53 32.89
CA CYS A 88 -55.08 16.83 31.54
C CYS A 88 -53.92 16.86 30.57
N ASN A 89 -54.25 17.13 29.30
CA ASN A 89 -53.27 17.03 28.22
C ASN A 89 -52.62 18.36 27.87
N GLY A 90 -52.57 19.30 28.80
CA GLY A 90 -51.76 20.48 28.64
C GLY A 90 -52.23 21.45 27.56
N SER A 91 -51.32 22.33 27.20
CA SER A 91 -51.55 23.25 26.10
C SER A 91 -50.23 23.55 25.42
N PHE A 92 -50.23 23.56 24.08
CA PHE A 92 -49.00 23.73 23.33
C PHE A 92 -49.20 24.66 22.13
N GLN A 93 -50.08 25.66 22.25
CA GLN A 93 -50.40 26.57 21.16
C GLN A 93 -50.52 27.99 21.68
N THR A 94 -50.17 28.97 20.86
CA THR A 94 -50.27 30.38 21.22
C THR A 94 -50.80 31.18 20.04
N ASP A 95 -51.88 31.93 20.27
CA ASP A 95 -52.41 32.80 19.24
C ASP A 95 -51.47 33.97 19.00
N GLU A 96 -51.27 34.30 17.72
CA GLU A 96 -50.30 35.31 17.34
C GLU A 96 -50.76 36.73 17.67
N SER A 97 -52.06 36.99 17.66
CA SER A 97 -52.52 38.36 17.90
C SER A 97 -52.44 38.72 19.38
N LYS A 98 -52.54 37.73 20.26
CA LYS A 98 -52.52 37.95 21.70
C LYS A 98 -51.19 37.46 22.25
N GLY A 99 -50.23 38.37 22.40
CA GLY A 99 -48.92 38.01 22.90
C GLY A 99 -48.01 37.42 21.84
N LYS A 100 -46.72 37.32 22.13
CA LYS A 100 -45.78 36.81 21.15
C LYS A 100 -45.68 35.29 21.24
N LYS A 101 -44.84 34.74 20.36
CA LYS A 101 -44.56 33.32 20.22
C LYS A 101 -43.33 32.94 21.05
N PRO A 102 -43.29 31.72 21.60
CA PRO A 102 -42.32 31.45 22.67
C PRO A 102 -40.93 31.04 22.23
N SER A 103 -40.35 31.69 21.23
CA SER A 103 -38.91 31.69 20.92
C SER A 103 -38.32 30.34 20.49
N PHE A 104 -39.11 29.27 20.54
CA PHE A 104 -38.75 27.95 20.08
C PHE A 104 -40.05 27.26 19.70
N LEU A 105 -40.13 26.75 18.49
CA LEU A 105 -41.37 26.20 17.96
C LEU A 105 -41.23 24.72 17.68
N ARG A 106 -42.26 23.96 18.03
CA ARG A 106 -42.22 22.51 17.95
C ARG A 106 -42.68 22.03 16.59
N LYS A 107 -41.90 21.14 15.98
CA LYS A 107 -42.29 20.48 14.75
C LYS A 107 -42.70 19.04 14.94
N ARG A 108 -42.40 18.43 16.09
CA ARG A 108 -42.70 17.03 16.30
C ARG A 108 -44.13 16.86 16.79
N HIS A 109 -44.54 15.61 16.93
CA HIS A 109 -45.89 15.25 17.33
C HIS A 109 -45.96 15.04 18.83
N THR A 110 -47.01 15.56 19.44
CA THR A 110 -47.19 15.52 20.88
C THR A 110 -48.17 14.43 21.29
N LEU A 111 -47.81 13.69 22.33
CA LEU A 111 -48.64 12.60 22.79
C LEU A 111 -49.79 13.13 23.63
N GLN A 112 -50.96 12.52 23.43
CA GLN A 112 -52.15 12.92 24.17
C GLN A 112 -52.79 11.68 24.76
N TRP A 113 -53.77 11.93 25.63
CA TRP A 113 -54.54 10.88 26.28
C TRP A 113 -55.95 11.41 26.51
N GLN A 114 -56.83 10.53 26.96
CA GLN A 114 -58.20 10.94 27.26
C GLN A 114 -58.25 11.58 28.63
N ALA A 115 -58.74 12.81 28.69
CA ALA A 115 -58.88 13.54 29.95
C ALA A 115 -60.09 13.01 30.69
N ASN A 116 -59.85 12.26 31.78
CA ASN A 116 -60.88 11.70 32.63
C ASN A 116 -60.65 12.16 34.08
N ASN A 117 -60.47 13.47 34.26
CA ASN A 117 -60.14 14.05 35.54
C ASN A 117 -61.31 14.76 36.22
N LYS A 118 -62.34 15.14 35.45
CA LYS A 118 -63.58 15.75 35.95
C LYS A 118 -63.33 17.05 36.70
N ASN A 119 -62.76 18.02 35.97
CA ASN A 119 -62.55 19.40 36.37
C ASN A 119 -62.03 20.13 35.13
N ILE A 120 -61.78 21.43 35.26
CA ILE A 120 -61.13 22.21 34.22
C ILE A 120 -60.05 23.07 34.88
N CYS A 121 -58.89 23.14 34.23
CA CYS A 121 -57.73 23.76 34.84
C CYS A 121 -57.83 25.27 34.78
N ASP A 122 -57.70 25.91 35.94
CA ASP A 122 -57.66 27.35 36.06
C ASP A 122 -56.59 27.74 37.06
N LYS A 123 -56.58 29.00 37.49
CA LYS A 123 -55.52 29.48 38.36
C LYS A 123 -55.63 28.91 39.77
N GLU A 124 -56.84 28.58 40.22
CA GLU A 124 -57.03 28.21 41.62
C GLU A 124 -56.59 26.78 41.88
N GLU A 125 -57.12 25.83 41.13
CA GLU A 125 -56.74 24.44 41.30
C GLU A 125 -56.30 23.87 39.96
N ALA A 126 -55.08 23.35 39.91
CA ALA A 126 -54.48 22.93 38.66
C ALA A 126 -53.89 21.53 38.80
N CYS A 127 -53.79 20.86 37.67
CA CYS A 127 -53.23 19.52 37.61
C CYS A 127 -51.71 19.59 37.73
N PRO A 128 -51.05 18.46 38.03
CA PRO A 128 -49.56 18.46 38.05
C PRO A 128 -48.89 18.87 36.76
N PHE A 129 -49.46 18.50 35.60
CA PHE A 129 -48.86 18.85 34.32
C PHE A 129 -48.90 20.35 34.07
N CYS A 130 -50.00 21.00 34.44
CA CYS A 130 -50.12 22.43 34.22
C CYS A 130 -49.28 23.23 35.19
N ILE A 131 -48.98 22.67 36.37
CA ILE A 131 -48.04 23.32 37.27
C ILE A 131 -46.63 23.19 36.74
N LEU A 132 -46.27 22.00 36.24
CA LEU A 132 -44.93 21.79 35.71
C LEU A 132 -44.68 22.58 34.43
N LEU A 133 -45.73 22.82 33.64
CA LEU A 133 -45.56 23.62 32.44
C LEU A 133 -45.41 25.10 32.78
N GLY A 134 -46.16 25.58 33.77
CA GLY A 134 -46.13 26.97 34.15
C GLY A 134 -47.13 27.81 33.41
N ARG A 135 -48.39 27.38 33.38
CA ARG A 135 -49.43 28.13 32.70
C ARG A 135 -50.00 29.22 33.59
N PHE A 136 -50.50 28.83 34.75
CA PHE A 136 -51.26 29.72 35.62
C PHE A 136 -50.36 30.24 36.75
N ASP A 137 -49.46 31.13 36.37
CA ASP A 137 -48.56 31.82 37.28
C ASP A 137 -48.28 33.21 36.71
N ASN A 138 -47.31 33.90 37.28
CA ASN A 138 -46.91 35.19 36.76
C ASN A 138 -45.59 35.03 36.01
N ALA A 139 -45.09 36.15 35.48
CA ALA A 139 -43.83 36.24 34.73
C ALA A 139 -43.83 35.29 33.52
N GLY A 140 -44.61 35.69 32.52
CA GLY A 140 -44.64 34.98 31.26
C GLY A 140 -43.98 35.73 30.12
N LYS A 141 -42.91 35.13 29.57
CA LYS A 141 -42.23 35.47 28.32
C LYS A 141 -41.44 36.78 28.35
N VAL A 142 -41.58 37.57 29.39
CA VAL A 142 -40.72 38.73 29.64
C VAL A 142 -40.29 38.65 31.10
N HIS A 143 -39.00 38.46 31.32
CA HIS A 143 -38.51 38.16 32.64
C HIS A 143 -38.42 39.42 33.48
N GLU A 144 -38.94 39.35 34.70
CA GLU A 144 -38.82 40.46 35.64
C GLU A 144 -38.02 40.06 36.87
N ARG A 145 -38.44 39.01 37.57
CA ARG A 145 -37.73 38.58 38.77
C ARG A 145 -37.94 37.10 39.00
N ASN A 146 -37.10 36.53 39.87
CA ASN A 146 -37.09 35.09 40.09
C ASN A 146 -38.27 34.61 40.91
N LYS A 147 -38.86 35.46 41.75
CA LYS A 147 -40.10 35.11 42.41
C LYS A 147 -41.25 35.23 41.40
N ASP A 148 -42.43 34.79 41.83
CA ASP A 148 -43.60 34.60 40.97
C ASP A 148 -43.31 33.65 39.81
N TYR A 149 -42.48 32.64 40.08
CA TYR A 149 -42.26 31.50 39.21
C TYR A 149 -42.72 30.26 39.97
N ASP A 150 -43.65 29.50 39.40
CA ASP A 150 -44.06 28.28 40.07
C ASP A 150 -42.99 27.21 39.99
N ILE A 151 -42.34 27.05 38.84
CA ILE A 151 -41.21 26.15 38.69
C ILE A 151 -40.16 26.87 37.86
N HIS A 152 -38.92 26.88 38.36
CA HIS A 152 -37.86 27.68 37.76
C HIS A 152 -36.61 26.84 37.59
N PHE A 153 -36.08 26.83 36.37
CA PHE A 153 -34.86 26.10 36.02
C PHE A 153 -33.74 27.11 35.86
N SER A 154 -32.72 26.99 36.69
CA SER A 154 -31.57 27.87 36.61
C SER A 154 -30.58 27.35 35.57
N ASN A 155 -29.55 28.16 35.32
CA ASN A 155 -28.53 27.77 34.38
C ASN A 155 -27.61 26.73 35.02
N PHE A 156 -26.96 25.95 34.18
CA PHE A 156 -26.16 24.81 34.61
C PHE A 156 -24.70 25.08 34.30
N ASP A 157 -23.90 25.28 35.34
CA ASP A 157 -22.51 25.68 35.20
C ASP A 157 -21.60 24.46 35.23
N LEU A 158 -20.42 24.61 34.63
CA LEU A 158 -19.45 23.52 34.63
C LEU A 158 -18.77 23.43 35.98
N ASP A 159 -18.97 22.31 36.67
CA ASP A 159 -18.40 22.07 37.99
C ASP A 159 -16.93 21.74 37.81
N HIS A 160 -16.14 22.79 37.64
CA HIS A 160 -14.71 22.63 37.39
C HIS A 160 -13.98 22.37 38.70
N LYS A 161 -13.30 21.23 38.78
CA LYS A 161 -12.65 20.85 40.03
C LYS A 161 -11.38 21.67 40.26
N GLN A 162 -10.75 22.14 39.19
CA GLN A 162 -9.51 22.91 39.28
C GLN A 162 -9.71 24.29 38.66
N GLU A 163 -10.85 24.91 38.94
CA GLU A 163 -11.14 26.27 38.47
C GLU A 163 -10.28 27.25 39.27
N LYS A 164 -9.13 27.59 38.73
CA LYS A 164 -8.24 28.55 39.36
C LYS A 164 -8.18 29.86 38.58
N ASN A 165 -7.83 29.81 37.30
CA ASN A 165 -7.74 31.03 36.50
C ASN A 165 -8.77 31.07 35.38
N ASP A 166 -8.74 30.12 34.46
CA ASP A 166 -9.58 30.14 33.28
C ASP A 166 -9.53 28.76 32.63
N LEU A 167 -10.38 28.57 31.64
CA LEU A 167 -10.44 27.33 30.88
C LEU A 167 -10.27 27.67 29.41
N ARG A 168 -9.22 27.11 28.80
CA ARG A 168 -8.99 27.34 27.39
C ARG A 168 -9.88 26.43 26.56
N LEU A 169 -10.29 26.92 25.39
CA LEU A 169 -11.18 26.14 24.54
C LEU A 169 -10.47 24.94 23.93
N VAL A 170 -9.17 25.06 23.66
CA VAL A 170 -8.43 23.95 23.09
C VAL A 170 -8.13 22.86 24.09
N ASP A 171 -8.42 23.08 25.38
CA ASP A 171 -8.23 22.05 26.39
C ASP A 171 -9.50 21.26 26.66
N ILE A 172 -10.66 21.75 26.23
CA ILE A 172 -11.93 21.08 26.46
C ILE A 172 -12.50 20.52 25.16
N ALA A 173 -12.40 21.26 24.07
CA ALA A 173 -13.02 20.90 22.82
C ALA A 173 -12.00 20.40 21.81
N SER A 174 -12.51 19.83 20.72
CA SER A 174 -11.71 19.43 19.58
C SER A 174 -12.61 19.42 18.35
N GLY A 175 -12.23 20.17 17.34
CA GLY A 175 -13.08 20.34 16.19
C GLY A 175 -13.12 19.13 15.28
N ARG A 176 -14.22 18.98 14.56
CA ARG A 176 -14.43 17.82 13.72
C ARG A 176 -15.40 18.16 12.61
N ILE A 177 -15.20 17.51 11.46
CA ILE A 177 -16.03 17.72 10.28
C ILE A 177 -16.85 16.46 10.04
N LEU A 178 -18.17 16.62 9.96
CA LEU A 178 -19.08 15.52 9.67
C LEU A 178 -19.43 15.57 8.19
N ASN A 179 -20.36 14.73 7.74
CA ASN A 179 -20.55 14.50 6.32
C ASN A 179 -21.99 14.15 6.03
N ARG A 180 -22.36 14.22 4.75
CA ARG A 180 -23.62 13.68 4.28
C ARG A 180 -23.36 12.93 2.98
N VAL A 181 -23.73 11.65 2.95
CA VAL A 181 -23.32 10.75 1.89
C VAL A 181 -24.55 10.28 1.13
N ASP A 182 -24.54 10.47 -0.18
CA ASP A 182 -25.62 10.01 -1.03
C ASP A 182 -25.62 8.49 -1.08
N PHE A 183 -26.80 7.90 -1.18
CA PHE A 183 -26.92 6.46 -1.09
C PHE A 183 -26.53 5.76 -2.38
N ASP A 184 -26.84 6.38 -3.52
CA ASP A 184 -26.63 5.71 -4.80
C ASP A 184 -25.19 5.85 -5.28
N THR A 185 -24.62 7.05 -5.18
CA THR A 185 -23.27 7.26 -5.68
C THR A 185 -22.19 6.95 -4.66
N GLY A 186 -22.49 7.02 -3.37
CA GLY A 186 -21.48 6.79 -2.36
C GLY A 186 -20.50 7.92 -2.17
N LYS A 187 -20.84 9.12 -2.64
CA LYS A 187 -20.01 10.29 -2.52
C LYS A 187 -20.71 11.33 -1.66
N ALA A 188 -19.93 12.25 -1.12
CA ALA A 188 -20.47 13.27 -0.22
C ALA A 188 -21.17 14.37 -0.98
N LYS A 189 -22.20 14.95 -0.35
CA LYS A 189 -22.92 16.08 -0.90
C LYS A 189 -22.51 17.38 -0.23
N ASP A 190 -22.41 17.39 1.09
CA ASP A 190 -22.03 18.58 1.84
C ASP A 190 -21.41 18.13 3.15
N TYR A 191 -20.95 19.11 3.94
CA TYR A 191 -20.30 18.83 5.20
C TYR A 191 -20.52 20.00 6.15
N PHE A 192 -20.24 19.77 7.43
CA PHE A 192 -20.39 20.80 8.45
C PHE A 192 -19.50 20.47 9.64
N ARG A 193 -19.32 21.45 10.51
CA ARG A 193 -18.35 21.42 11.59
C ARG A 193 -19.04 21.42 12.94
N THR A 194 -18.42 20.76 13.91
CA THR A 194 -18.90 20.73 15.29
C THR A 194 -17.71 20.82 16.23
N TRP A 195 -18.01 21.01 17.51
CA TRP A 195 -17.03 20.94 18.58
C TRP A 195 -17.44 19.85 19.55
N GLU A 196 -16.55 18.92 19.82
CA GLU A 196 -16.80 17.81 20.73
C GLU A 196 -15.98 17.98 21.99
N ALA A 197 -16.62 17.88 23.14
CA ALA A 197 -15.97 18.14 24.40
C ALA A 197 -15.67 16.85 25.14
N ASP A 198 -14.65 16.90 26.00
CA ASP A 198 -14.25 15.72 26.74
C ASP A 198 -15.20 15.47 27.91
N TYR A 199 -15.46 14.19 28.16
CA TYR A 199 -16.37 13.79 29.23
C TYR A 199 -15.67 13.22 30.43
N GLU A 200 -14.42 12.79 30.30
CA GLU A 200 -13.70 12.21 31.42
C GLU A 200 -13.20 13.25 32.40
N THR A 201 -12.97 14.48 31.94
CA THR A 201 -12.47 15.54 32.81
C THR A 201 -13.45 16.68 32.99
N TYR A 202 -14.22 17.01 31.95
CA TYR A 202 -15.12 18.16 32.00
C TYR A 202 -16.55 17.76 31.69
N GLY A 203 -17.06 16.75 32.39
CA GLY A 203 -18.40 16.29 32.09
C GLY A 203 -19.38 16.28 33.25
N THR A 204 -19.28 17.26 34.15
CA THR A 204 -20.20 17.35 35.27
C THR A 204 -20.71 18.78 35.37
N TYR A 205 -22.04 18.93 35.40
CA TYR A 205 -22.67 20.24 35.47
C TYR A 205 -23.61 20.26 36.68
N THR A 206 -23.80 21.44 37.26
CA THR A 206 -24.61 21.56 38.47
C THR A 206 -25.56 22.74 38.38
N GLY A 207 -26.75 22.59 38.95
CA GLY A 207 -27.76 23.62 38.86
C GLY A 207 -28.83 23.47 39.92
N ARG A 208 -29.80 24.39 39.88
CA ARG A 208 -30.85 24.44 40.88
C ARG A 208 -32.22 24.51 40.21
N ILE A 209 -33.18 23.76 40.75
CA ILE A 209 -34.57 23.80 40.34
C ILE A 209 -35.40 24.24 41.53
N THR A 210 -36.21 25.28 41.34
CA THR A 210 -37.05 25.81 42.40
C THR A 210 -38.50 25.47 42.11
N LEU A 211 -39.22 25.03 43.13
CA LEU A 211 -40.60 24.61 42.99
C LEU A 211 -41.43 25.14 44.14
N ARG A 212 -42.68 25.50 43.86
CA ARG A 212 -43.60 25.97 44.87
C ARG A 212 -44.90 25.18 44.92
N ASN A 213 -44.86 23.88 44.66
CA ASN A 213 -46.03 23.01 44.73
C ASN A 213 -45.56 21.57 44.83
N GLU A 214 -46.14 20.79 45.74
CA GLU A 214 -45.67 19.43 45.98
C GLU A 214 -46.27 18.41 45.02
N HIS A 215 -47.47 18.71 44.51
CA HIS A 215 -48.09 17.86 43.50
C HIS A 215 -47.23 17.79 42.25
N ALA A 216 -46.54 18.86 41.93
CA ALA A 216 -45.53 18.81 40.90
C ALA A 216 -44.26 18.14 41.36
N LYS A 217 -44.00 18.09 42.67
CA LYS A 217 -42.70 17.60 43.15
C LYS A 217 -42.57 16.11 42.98
N LYS A 218 -43.66 15.36 43.20
CA LYS A 218 -43.60 13.91 43.02
C LYS A 218 -43.34 13.53 41.56
N LEU A 219 -44.08 14.14 40.63
CA LEU A 219 -43.90 13.84 39.21
C LEU A 219 -42.58 14.40 38.68
N LEU A 220 -42.10 15.51 39.21
CA LEU A 220 -40.84 16.07 38.74
C LEU A 220 -39.66 15.22 39.16
N LEU A 221 -39.66 14.74 40.41
CA LEU A 221 -38.61 13.84 40.84
C LEU A 221 -38.71 12.48 40.15
N ALA A 222 -39.91 12.09 39.73
CA ALA A 222 -40.02 10.88 38.92
C ALA A 222 -39.45 11.09 37.53
N SER A 223 -39.65 12.27 36.94
CA SER A 223 -39.28 12.49 35.57
C SER A 223 -37.85 12.99 35.38
N LEU A 224 -37.15 13.35 36.45
CA LEU A 224 -35.74 13.66 36.30
C LEU A 224 -34.91 12.41 36.02
N GLY A 225 -35.42 11.24 36.39
CA GLY A 225 -34.70 10.01 36.09
C GLY A 225 -34.96 9.44 34.71
N PHE A 226 -35.97 9.94 34.01
CA PHE A 226 -36.33 9.43 32.70
C PHE A 226 -35.67 10.22 31.57
N VAL A 227 -35.01 11.33 31.87
CA VAL A 227 -34.24 12.05 30.87
C VAL A 227 -33.01 11.23 30.50
N ASP A 228 -32.90 10.87 29.23
CA ASP A 228 -31.86 9.94 28.80
C ASP A 228 -30.83 10.52 27.85
N LYS A 229 -30.97 11.76 27.41
CA LYS A 229 -30.19 12.27 26.31
C LYS A 229 -30.25 13.78 26.33
N LEU A 230 -29.09 14.43 26.32
CA LEU A 230 -29.04 15.88 26.37
C LEU A 230 -27.73 16.33 25.76
N CYS A 231 -27.81 17.29 24.84
CA CYS A 231 -26.66 17.91 24.16
C CYS A 231 -25.81 16.89 23.40
N GLY A 232 -26.41 15.82 22.93
CA GLY A 232 -25.73 14.87 22.08
C GLY A 232 -25.04 13.73 22.79
N ALA A 233 -25.37 13.46 24.05
CA ALA A 233 -24.71 12.40 24.79
C ALA A 233 -25.68 11.81 25.79
N LEU A 234 -25.44 10.55 26.13
CA LEU A 234 -26.19 9.90 27.20
C LEU A 234 -25.86 10.55 28.53
N CYS A 235 -26.91 10.87 29.29
CA CYS A 235 -26.71 11.64 30.50
C CYS A 235 -27.44 10.99 31.65
N ARG A 236 -26.99 11.33 32.85
CA ARG A 236 -27.62 10.89 34.08
C ARG A 236 -27.78 12.11 34.98
N ILE A 237 -29.01 12.33 35.44
CA ILE A 237 -29.35 13.48 36.27
C ILE A 237 -29.69 12.99 37.67
N GLU A 238 -28.98 13.50 38.66
CA GLU A 238 -29.18 13.08 40.04
C GLU A 238 -29.50 14.27 40.92
N VAL A 239 -30.10 13.99 42.06
CA VAL A 239 -30.48 14.99 43.06
C VAL A 239 -29.57 14.84 44.27
N ILE A 240 -28.82 15.89 44.59
CA ILE A 240 -27.95 15.86 45.76
C ILE A 240 -28.52 16.81 46.80
N LYS A 241 -27.93 16.77 47.99
CA LYS A 241 -28.39 17.63 49.09
C LYS A 241 -27.98 19.07 48.84
N SER A 266 1.97 23.81 24.84
CA SER A 266 3.37 23.59 24.48
C SER A 266 3.70 24.24 23.14
N GLU A 267 3.33 25.51 22.99
CA GLU A 267 3.59 26.22 21.75
C GLU A 267 5.06 26.60 21.59
N ASP A 268 5.80 26.68 22.69
CA ASP A 268 7.23 26.95 22.60
C ASP A 268 7.98 25.76 22.00
N HIS A 269 7.55 24.54 22.34
CA HIS A 269 8.09 23.34 21.71
C HIS A 269 7.80 23.33 20.21
N ASN A 270 6.60 23.75 19.82
CA ASN A 270 6.26 23.81 18.40
C ASN A 270 7.06 24.87 17.66
N ASP A 271 7.32 26.01 18.32
CA ASP A 271 8.09 27.06 17.66
C ASP A 271 9.55 26.66 17.47
N GLU A 272 10.16 26.06 18.52
CA GLU A 272 11.54 25.61 18.40
C GLU A 272 11.68 24.48 17.38
N LEU A 273 10.74 23.53 17.38
CA LEU A 273 10.80 22.46 16.41
C LEU A 273 10.49 22.94 15.00
N ARG A 274 9.69 24.01 14.86
CA ARG A 274 9.43 24.56 13.53
C ARG A 274 10.66 25.24 12.97
N LYS A 275 11.40 25.96 13.81
CA LYS A 275 12.63 26.57 13.31
C LYS A 275 13.68 25.52 12.96
N GLN A 276 13.74 24.43 13.74
CA GLN A 276 14.68 23.36 13.42
C GLN A 276 14.29 22.62 12.15
N ALA A 277 12.98 22.46 11.90
CA ALA A 277 12.54 21.87 10.65
C ALA A 277 12.82 22.79 9.46
N GLU A 278 12.76 24.10 9.65
CA GLU A 278 13.14 25.03 8.59
C GLU A 278 14.61 24.93 8.25
N VAL A 279 15.46 24.78 9.28
CA VAL A 279 16.89 24.57 9.05
C VAL A 279 17.15 23.27 8.29
N ILE A 280 16.42 22.20 8.63
CA ILE A 280 16.60 20.90 7.96
C ILE A 280 16.19 20.99 6.50
N VAL A 281 15.06 21.64 6.22
CA VAL A 281 14.59 21.81 4.85
C VAL A 281 15.53 22.66 4.01
N GLU A 282 16.08 23.75 4.57
CA GLU A 282 17.02 24.57 3.81
C GLU A 282 18.33 23.85 3.55
N ALA A 283 18.79 23.04 4.51
CA ALA A 283 20.01 22.27 4.30
C ALA A 283 19.82 21.20 3.25
N PHE A 284 18.63 20.61 3.17
CA PHE A 284 18.35 19.69 2.07
C PHE A 284 18.24 20.42 0.74
N LYS A 285 17.76 21.67 0.77
CA LYS A 285 17.59 22.44 -0.46
C LYS A 285 18.93 22.85 -1.06
N GLN A 286 19.93 23.11 -0.22
CA GLN A 286 21.22 23.57 -0.72
C GLN A 286 21.97 22.47 -1.47
N ASN A 287 21.64 21.21 -1.21
CA ASN A 287 22.28 20.10 -1.91
C ASN A 287 21.50 19.63 -3.12
N ASP A 288 20.40 20.31 -3.45
CA ASP A 288 19.45 19.92 -4.51
C ASP A 288 18.93 18.49 -4.29
N LYS A 289 18.42 18.24 -3.09
CA LYS A 289 17.86 16.96 -2.68
C LYS A 289 16.55 17.19 -1.93
N LEU A 290 15.67 18.01 -2.52
CA LEU A 290 14.48 18.45 -1.83
C LEU A 290 13.42 17.37 -1.74
N GLU A 291 13.28 16.56 -2.79
CA GLU A 291 12.28 15.51 -2.89
C GLU A 291 12.42 14.45 -1.81
N LYS A 292 13.62 14.28 -1.25
CA LYS A 292 13.83 13.35 -0.16
C LYS A 292 13.18 13.77 1.15
N ILE A 293 12.86 15.08 1.30
CA ILE A 293 12.33 15.61 2.55
C ILE A 293 11.03 14.92 2.92
N ARG A 294 10.17 14.69 1.91
CA ARG A 294 8.92 13.96 2.08
C ARG A 294 9.17 12.58 2.66
N ILE A 295 10.14 11.85 2.09
CA ILE A 295 10.51 10.53 2.58
C ILE A 295 10.94 10.61 4.03
N LEU A 296 11.81 11.60 4.33
CA LEU A 296 12.37 11.75 5.67
C LEU A 296 11.27 12.03 6.68
N ALA A 297 10.23 12.76 6.24
CA ALA A 297 9.12 13.11 7.11
C ALA A 297 8.45 11.86 7.65
N ASP A 298 8.09 10.95 6.76
CA ASP A 298 7.38 9.78 7.25
C ASP A 298 8.31 8.82 7.95
N ALA A 299 9.62 8.88 7.65
CA ALA A 299 10.58 8.06 8.36
C ALA A 299 10.60 8.40 9.83
N ILE A 300 10.53 9.70 10.15
CA ILE A 300 10.55 10.11 11.54
C ILE A 300 9.28 9.66 12.24
N ARG A 301 8.16 9.64 11.50
CA ARG A 301 6.91 9.16 12.08
C ARG A 301 6.98 7.66 12.38
N THR A 302 7.69 6.91 11.52
CA THR A 302 7.81 5.47 11.75
C THR A 302 8.67 5.19 12.97
N LEU A 303 9.52 6.15 13.36
CA LEU A 303 10.33 6.01 14.57
C LEU A 303 9.49 6.01 15.85
N ARG A 304 8.20 6.35 15.79
CA ARG A 304 7.38 6.19 16.97
C ARG A 304 7.06 4.73 17.27
N LEU A 305 7.30 3.81 16.34
CA LEU A 305 6.96 2.41 16.58
C LEU A 305 8.09 1.63 17.23
N HIS A 306 9.29 2.19 17.30
CA HIS A 306 10.39 1.62 18.05
C HIS A 306 10.65 2.48 19.27
N GLY A 307 11.60 2.05 20.10
CA GLY A 307 11.94 2.79 21.28
C GLY A 307 12.77 4.02 20.96
N GLU A 308 13.14 4.75 22.01
CA GLU A 308 14.02 5.88 21.84
C GLU A 308 15.46 5.45 21.62
N GLY A 309 15.79 4.20 21.94
CA GLY A 309 17.13 3.67 21.81
C GLY A 309 17.67 3.69 20.39
N VAL A 310 16.79 3.65 19.39
CA VAL A 310 17.20 3.70 17.99
C VAL A 310 17.79 5.06 17.62
N ILE A 311 17.60 6.08 18.46
CA ILE A 311 18.38 7.30 18.34
C ILE A 311 19.49 7.35 19.39
N GLU A 312 19.28 6.77 20.56
CA GLU A 312 20.26 6.89 21.63
C GLU A 312 21.42 5.92 21.51
N LYS A 313 21.20 4.72 20.98
CA LYS A 313 22.27 3.74 20.81
C LYS A 313 22.65 3.55 19.34
N ASP A 314 22.58 4.63 18.55
CA ASP A 314 22.90 4.78 17.12
C ASP A 314 22.62 3.58 16.22
N GLU A 315 21.43 2.99 16.38
CA GLU A 315 21.04 1.81 15.64
C GLU A 315 20.40 2.11 14.30
N LEU A 316 20.50 3.33 13.79
CA LEU A 316 20.02 3.64 12.46
C LEU A 316 20.93 2.95 11.43
N PRO A 317 20.41 2.65 10.24
CA PRO A 317 21.24 1.98 9.23
C PRO A 317 22.33 2.88 8.69
N ASP A 318 23.44 2.24 8.37
CA ASP A 318 24.55 2.87 7.68
C ASP A 318 24.63 2.33 6.26
N GLY A 319 25.40 3.01 5.42
CA GLY A 319 25.51 2.64 4.02
C GLY A 319 26.39 1.43 3.82
N LYS A 320 26.71 1.18 2.55
CA LYS A 320 27.58 0.08 2.18
C LYS A 320 29.04 0.53 2.27
N GLU A 321 29.96 -0.24 1.68
CA GLU A 321 31.39 0.02 1.79
C GLU A 321 31.78 1.20 0.88
N GLU A 322 31.42 2.40 1.36
CA GLU A 322 31.94 3.66 0.82
C GLU A 322 31.93 4.67 1.96
N ARG A 323 33.09 5.25 2.24
CA ARG A 323 33.18 6.17 3.37
C ARG A 323 32.72 7.57 2.97
N ASP A 324 32.69 7.85 1.67
CA ASP A 324 32.54 9.23 1.20
C ASP A 324 31.12 9.73 1.36
N LYS A 325 30.15 9.06 0.72
CA LYS A 325 28.78 9.55 0.79
C LYS A 325 28.10 9.12 2.09
N GLY A 326 28.45 7.95 2.61
CA GLY A 326 27.82 7.49 3.83
C GLY A 326 26.50 6.81 3.51
N HIS A 327 25.45 7.18 4.24
CA HIS A 327 24.14 6.64 3.95
C HIS A 327 23.43 7.49 2.91
N HIS A 328 22.42 6.86 2.28
CA HIS A 328 21.56 7.46 1.27
C HIS A 328 20.90 8.75 1.74
N LEU A 329 20.38 8.78 2.97
CA LEU A 329 19.80 10.02 3.48
C LEU A 329 20.14 10.35 4.92
N TRP A 330 20.62 9.43 5.74
CA TRP A 330 20.88 9.76 7.13
C TRP A 330 22.21 10.45 7.34
N ASP A 331 23.01 10.65 6.29
CA ASP A 331 24.30 11.30 6.40
C ASP A 331 24.36 12.58 5.57
N ILE A 332 23.21 13.16 5.24
CA ILE A 332 23.19 14.46 4.60
C ILE A 332 23.57 15.52 5.63
N LYS A 333 24.50 16.39 5.26
CA LYS A 333 25.06 17.35 6.20
C LYS A 333 24.08 18.50 6.42
N VAL A 334 23.74 18.75 7.69
CA VAL A 334 22.90 19.85 8.09
C VAL A 334 23.68 20.71 9.07
N GLN A 335 24.04 21.93 8.64
CA GLN A 335 24.84 22.90 9.41
C GLN A 335 26.18 22.32 9.83
N GLY A 336 26.77 21.52 8.96
CA GLY A 336 28.07 20.94 9.24
C GLY A 336 28.06 19.63 9.98
N THR A 337 26.90 19.07 10.27
CA THR A 337 26.79 17.81 11.00
C THR A 337 25.82 16.89 10.29
N ALA A 338 25.95 15.60 10.56
CA ALA A 338 25.09 14.61 9.93
C ALA A 338 23.69 14.66 10.51
N LEU A 339 22.78 13.93 9.87
CA LEU A 339 21.38 13.99 10.30
C LEU A 339 21.15 13.21 11.58
N ARG A 340 21.92 12.14 11.81
CA ARG A 340 21.69 11.33 13.00
C ARG A 340 22.16 12.07 14.25
N THR A 341 23.24 12.82 14.15
CA THR A 341 23.70 13.60 15.30
C THR A 341 22.80 14.81 15.55
N LYS A 342 22.23 15.40 14.49
CA LYS A 342 21.25 16.46 14.67
C LYS A 342 19.97 15.94 15.34
N LEU A 343 19.56 14.73 14.99
CA LEU A 343 18.41 14.11 15.65
C LEU A 343 18.70 13.80 17.11
N LYS A 344 19.93 13.37 17.41
CA LYS A 344 20.30 13.10 18.79
C LYS A 344 20.32 14.39 19.61
N GLU A 345 20.85 15.47 19.05
CA GLU A 345 20.91 16.70 19.83
C GLU A 345 19.55 17.41 19.89
N LEU A 346 18.63 17.07 18.98
CA LEU A 346 17.28 17.61 19.13
C LEU A 346 16.48 16.81 20.15
N TRP A 347 16.68 15.49 20.20
CA TRP A 347 15.97 14.71 21.22
C TRP A 347 16.50 14.99 22.61
N GLN A 348 17.79 15.33 22.72
CA GLN A 348 18.35 15.65 24.03
C GLN A 348 17.81 16.96 24.60
N SER A 349 17.19 17.80 23.78
CA SER A 349 16.66 19.07 24.23
C SER A 349 15.14 19.10 24.35
N ASN A 350 14.45 18.00 24.04
CA ASN A 350 12.99 17.96 24.12
C ASN A 350 12.53 16.66 24.77
N LYS A 351 13.16 16.29 25.88
CA LYS A 351 12.85 15.01 26.53
C LYS A 351 11.53 15.03 27.30
N ASP A 352 10.98 16.20 27.58
CA ASP A 352 9.82 16.28 28.47
C ASP A 352 8.54 15.93 27.73
N ILE A 353 8.49 16.17 26.42
CA ILE A 353 7.24 15.96 25.67
C ILE A 353 7.05 14.53 25.21
N GLY A 354 7.92 13.61 25.61
CA GLY A 354 7.77 12.23 25.23
C GLY A 354 8.37 11.92 23.87
N TRP A 355 8.44 10.63 23.56
CA TRP A 355 9.03 10.20 22.31
C TRP A 355 8.04 10.31 21.16
N ARG A 356 6.80 9.86 21.38
CA ARG A 356 5.80 9.77 20.34
C ARG A 356 5.39 11.15 19.84
N LYS A 357 5.17 12.08 20.77
CA LYS A 357 4.82 13.44 20.40
C LYS A 357 5.97 14.16 19.71
N PHE A 358 7.22 13.85 20.10
CA PHE A 358 8.37 14.46 19.44
C PHE A 358 8.48 14.04 17.99
N THR A 359 8.34 12.73 17.73
CA THR A 359 8.41 12.24 16.36
C THR A 359 7.25 12.76 15.51
N GLU A 360 6.04 12.81 16.08
CA GLU A 360 4.90 13.32 15.31
C GLU A 360 5.01 14.80 15.02
N MET A 361 5.52 15.58 15.97
CA MET A 361 5.62 17.02 15.76
C MET A 361 6.68 17.35 14.71
N LEU A 362 7.83 16.65 14.76
CA LEU A 362 8.86 16.87 13.75
C LEU A 362 8.40 16.42 12.36
N GLY A 363 7.70 15.30 12.28
CA GLY A 363 7.21 14.83 10.98
C GLY A 363 6.15 15.73 10.38
N SER A 364 5.22 16.21 11.22
CA SER A 364 4.17 17.11 10.72
C SER A 364 4.73 18.45 10.30
N ASN A 365 5.73 18.97 11.04
CA ASN A 365 6.36 20.23 10.64
C ASN A 365 7.09 20.10 9.32
N LEU A 366 7.80 18.99 9.11
CA LEU A 366 8.51 18.80 7.85
C LEU A 366 7.56 18.65 6.68
N TYR A 367 6.44 17.94 6.89
CA TYR A 367 5.46 17.80 5.81
C TYR A 367 4.79 19.11 5.45
N LEU A 368 4.50 19.95 6.46
CA LEU A 368 3.85 21.23 6.17
C LEU A 368 4.81 22.19 5.47
N ILE A 369 6.09 22.18 5.84
CA ILE A 369 7.06 23.04 5.15
C ILE A 369 7.27 22.57 3.71
N TYR A 370 7.26 21.25 3.49
CA TYR A 370 7.37 20.73 2.12
C TYR A 370 6.16 21.11 1.27
N LYS A 371 4.95 21.02 1.84
CA LYS A 371 3.75 21.37 1.08
C LYS A 371 3.66 22.85 0.80
N LYS A 372 4.15 23.69 1.71
CA LYS A 372 4.20 25.13 1.44
C LYS A 372 5.24 25.45 0.38
N GLU A 373 6.38 24.76 0.38
CA GLU A 373 7.45 25.09 -0.54
C GLU A 373 7.13 24.61 -1.96
N THR A 374 6.59 23.40 -2.11
CA THR A 374 6.32 22.90 -3.44
C THR A 374 5.14 23.61 -4.09
N GLY A 375 3.97 23.59 -3.45
CA GLY A 375 2.81 24.26 -3.98
C GLY A 375 2.17 23.55 -5.15
N THR A 387 -19.73 21.84 -0.70
CA THR A 387 -19.28 22.80 0.29
C THR A 387 -20.10 22.70 1.57
N GLU A 388 -19.92 23.67 2.45
CA GLU A 388 -20.60 23.66 3.74
C GLU A 388 -22.08 23.97 3.56
N TYR A 389 -22.92 23.23 4.30
CA TYR A 389 -24.36 23.44 4.24
C TYR A 389 -24.95 23.12 5.60
N TYR A 390 -25.48 24.14 6.27
CA TYR A 390 -26.31 23.99 7.44
C TYR A 390 -27.77 24.17 7.05
N SER A 391 -28.67 23.76 7.94
CA SER A 391 -30.14 23.75 7.71
C SER A 391 -30.73 25.14 7.50
N LYS A 392 -31.34 25.36 6.34
CA LYS A 392 -31.85 26.68 5.88
C LYS A 392 -32.93 27.26 6.80
N ALA A 393 -32.97 28.61 6.87
CA ALA A 393 -33.92 29.35 7.73
C ALA A 393 -35.35 29.21 7.22
N HIS A 394 -36.32 29.32 8.14
CA HIS A 394 -37.77 29.22 7.81
C HIS A 394 -38.52 30.37 8.48
N ASP A 395 -38.29 31.60 8.00
CA ASP A 395 -38.94 32.81 8.57
C ASP A 395 -40.21 33.12 7.76
N SER A 396 -40.49 32.31 6.74
CA SER A 396 -41.65 32.50 5.83
C SER A 396 -42.92 31.85 6.38
N GLU A 397 -43.97 31.90 5.56
CA GLU A 397 -45.30 31.30 5.86
C GLU A 397 -45.05 29.88 6.40
N GLY A 398 -44.51 28.97 5.57
CA GLY A 398 -44.18 27.67 6.14
C GLY A 398 -45.41 26.96 6.70
N SER A 399 -45.31 26.55 7.95
CA SER A 399 -46.41 25.91 8.66
C SER A 399 -46.13 25.99 10.15
N ASP A 400 -47.18 26.29 10.92
CA ASP A 400 -47.14 26.23 12.37
C ASP A 400 -48.34 25.40 12.82
N LEU A 401 -48.17 24.10 12.80
CA LEU A 401 -49.29 23.18 12.98
C LEU A 401 -49.25 22.59 14.38
N PHE A 402 -50.13 21.63 14.64
CA PHE A 402 -50.17 20.91 15.90
C PHE A 402 -50.64 19.50 15.62
N ILE A 403 -49.80 18.52 15.89
CA ILE A 403 -50.06 17.13 15.52
C ILE A 403 -50.22 16.31 16.80
N PRO A 404 -51.45 16.04 17.22
CA PRO A 404 -51.65 15.11 18.34
C PRO A 404 -51.65 13.68 17.85
N VAL A 405 -51.06 12.79 18.65
CA VAL A 405 -51.10 11.36 18.39
C VAL A 405 -51.46 10.65 19.68
N THR A 406 -52.55 9.91 19.66
CA THR A 406 -53.03 9.18 20.83
C THR A 406 -52.92 7.70 20.54
N PRO A 407 -52.00 6.99 21.16
CA PRO A 407 -51.86 5.56 20.92
C PRO A 407 -53.02 4.79 21.52
N PRO A 408 -53.32 3.59 21.03
CA PRO A 408 -54.40 2.79 21.60
C PRO A 408 -54.12 2.37 23.04
N GLU A 409 -55.20 1.99 23.72
CA GLU A 409 -55.13 1.83 25.17
C GLU A 409 -54.41 0.54 25.56
N GLY A 410 -54.61 -0.52 24.77
CA GLY A 410 -54.11 -1.82 25.18
C GLY A 410 -52.68 -2.10 24.76
N ILE A 411 -51.95 -1.09 24.30
CA ILE A 411 -50.61 -1.34 23.78
C ILE A 411 -49.63 -1.56 24.93
N GLU A 412 -48.51 -2.20 24.62
CA GLU A 412 -47.43 -2.41 25.57
C GLU A 412 -46.15 -1.85 24.99
N THR A 413 -45.48 -0.98 25.76
CA THR A 413 -44.24 -0.35 25.34
C THR A 413 -43.08 -0.97 26.11
N LYS A 414 -42.05 -1.39 25.38
CA LYS A 414 -40.90 -2.06 25.96
C LYS A 414 -39.63 -1.40 25.46
N GLU A 415 -38.53 -1.66 26.15
CA GLU A 415 -37.23 -1.14 25.75
C GLU A 415 -36.21 -2.27 25.71
N TRP A 416 -35.60 -2.46 24.55
CA TRP A 416 -34.63 -3.51 24.34
C TRP A 416 -33.23 -2.95 24.33
N ILE A 417 -32.29 -3.69 24.91
CA ILE A 417 -30.88 -3.31 24.93
C ILE A 417 -30.05 -4.47 24.44
N ILE A 418 -29.24 -4.22 23.40
CA ILE A 418 -28.35 -5.20 22.81
C ILE A 418 -26.92 -4.82 23.18
N VAL A 419 -26.17 -5.76 23.74
CA VAL A 419 -24.79 -5.53 24.14
C VAL A 419 -23.90 -6.54 23.46
N GLY A 420 -22.70 -6.10 23.08
CA GLY A 420 -21.78 -7.01 22.42
C GLY A 420 -20.45 -6.35 22.14
N ARG A 421 -19.63 -7.02 21.35
CA ARG A 421 -18.32 -6.51 20.98
C ARG A 421 -18.20 -6.45 19.46
N LEU A 422 -17.39 -5.51 18.98
CA LEU A 422 -17.09 -5.34 17.57
C LEU A 422 -15.60 -5.65 17.36
N LYS A 423 -15.32 -6.56 16.45
CA LYS A 423 -13.96 -7.04 16.19
C LYS A 423 -13.59 -6.73 14.75
N ALA A 424 -12.45 -6.08 14.57
CA ALA A 424 -11.96 -5.76 13.24
C ALA A 424 -11.46 -7.02 12.54
N ALA A 425 -11.96 -7.27 11.34
CA ALA A 425 -11.49 -8.39 10.53
C ALA A 425 -10.46 -7.98 9.50
N THR A 426 -10.44 -6.70 9.11
CA THR A 426 -9.46 -6.09 8.23
C THR A 426 -8.84 -4.92 8.98
N PRO A 427 -7.80 -4.25 8.47
CA PRO A 427 -7.45 -2.94 9.01
C PRO A 427 -8.58 -1.94 8.84
N PHE A 428 -8.64 -0.95 9.73
CA PHE A 428 -9.72 0.01 9.69
C PHE A 428 -9.18 1.43 9.55
N TYR A 429 -10.06 2.32 9.12
CA TYR A 429 -9.70 3.72 8.91
C TYR A 429 -10.92 4.59 9.13
N PHE A 430 -10.81 5.54 10.05
CA PHE A 430 -11.85 6.54 10.30
C PHE A 430 -11.21 7.90 10.12
N GLY A 431 -11.56 8.57 9.03
CA GLY A 431 -10.82 9.74 8.62
C GLY A 431 -11.11 10.96 9.47
N VAL A 432 -10.12 11.86 9.51
CA VAL A 432 -10.22 13.08 10.28
C VAL A 432 -9.41 14.14 9.57
N GLN A 433 -9.74 15.40 9.84
CA GLN A 433 -9.04 16.51 9.26
C GLN A 433 -7.64 16.64 9.86
N GLN A 434 -6.78 17.37 9.17
CA GLN A 434 -5.41 17.55 9.63
C GLN A 434 -5.39 18.46 10.85
N PRO A 435 -4.56 18.18 11.84
CA PRO A 435 -4.34 19.14 12.92
C PRO A 435 -3.64 20.38 12.37
N SER A 436 -3.86 21.50 13.07
CA SER A 436 -3.61 22.88 12.65
C SER A 436 -4.48 23.30 11.46
N ASP A 437 -5.51 22.52 11.13
CA ASP A 437 -6.58 22.95 10.25
C ASP A 437 -7.92 22.89 10.94
N SER A 438 -7.97 22.24 12.10
CA SER A 438 -9.23 22.13 12.86
C SER A 438 -8.97 22.55 14.31
N ILE A 439 -8.65 23.82 14.53
CA ILE A 439 -8.44 24.32 15.91
C ILE A 439 -9.73 25.07 16.24
N PRO A 440 -10.35 24.89 17.41
CA PRO A 440 -11.62 25.51 17.64
C PRO A 440 -11.79 27.02 17.52
N GLY A 441 -10.93 27.84 18.08
CA GLY A 441 -11.21 29.28 17.97
C GLY A 441 -11.22 29.83 16.55
N LYS A 442 -10.27 29.44 15.70
CA LYS A 442 -10.18 30.09 14.38
C LYS A 442 -10.59 29.18 13.23
N GLU A 443 -11.70 29.52 12.56
CA GLU A 443 -12.21 28.80 11.37
C GLU A 443 -12.53 29.84 10.28
N LYS A 444 -11.96 29.67 9.09
CA LYS A 444 -12.16 30.65 7.98
C LYS A 444 -13.45 30.33 7.23
N ASN A 453 -5.07 23.57 -2.50
CA ASN A 453 -3.92 22.71 -2.30
C ASN A 453 -4.36 21.55 -1.42
N GLU A 454 -4.77 20.45 -2.04
CA GLU A 454 -5.22 19.29 -1.30
C GLU A 454 -4.04 18.57 -0.66
N HIS A 455 -4.28 17.97 0.49
CA HIS A 455 -3.26 17.27 1.22
C HIS A 455 -3.00 15.90 0.62
N THR A 456 -1.80 15.38 0.89
CA THR A 456 -1.43 14.03 0.52
C THR A 456 -1.26 13.11 1.70
N SER A 457 -1.14 13.64 2.91
CA SER A 457 -1.10 12.82 4.11
C SER A 457 -2.42 12.88 4.84
N PHE A 458 -2.89 11.72 5.29
CA PHE A 458 -4.16 11.61 5.98
C PHE A 458 -3.95 10.91 7.33
N ASN A 459 -4.76 11.27 8.31
CA ASN A 459 -4.64 10.77 9.67
C ASN A 459 -5.88 9.99 10.08
N ILE A 460 -5.82 9.41 11.27
CA ILE A 460 -6.87 8.57 11.80
C ILE A 460 -7.45 9.25 13.03
N LEU A 461 -8.67 8.84 13.40
CA LEU A 461 -9.35 9.44 14.54
C LEU A 461 -8.98 8.73 15.83
N LEU A 462 -8.48 9.48 16.79
CA LEU A 462 -8.06 8.94 18.08
C LEU A 462 -8.69 9.76 19.20
N ASP A 463 -8.64 9.19 20.40
CA ASP A 463 -9.15 9.87 21.59
C ASP A 463 -8.06 10.76 22.17
N LYS A 464 -8.26 11.25 23.39
CA LYS A 464 -7.24 12.09 24.02
C LYS A 464 -6.12 11.25 24.62
N GLU A 465 -6.42 10.02 25.00
CA GLU A 465 -5.41 9.08 25.50
C GLU A 465 -4.86 8.19 24.41
N ASN A 466 -4.96 8.63 23.14
CA ASN A 466 -4.44 7.94 21.96
C ASN A 466 -5.05 6.55 21.78
N ARG A 467 -6.34 6.43 22.05
CA ARG A 467 -7.05 5.19 21.83
C ARG A 467 -7.91 5.28 20.59
N TYR A 468 -8.11 4.15 19.93
CA TYR A 468 -8.88 4.12 18.70
C TYR A 468 -10.36 4.26 19.02
N ARG A 469 -11.10 4.86 18.09
CA ARG A 469 -12.44 5.31 18.37
C ARG A 469 -13.35 5.08 17.17
N ILE A 470 -14.42 4.32 17.39
CA ILE A 470 -15.54 4.26 16.45
C ILE A 470 -16.55 5.31 16.88
N PRO A 471 -16.72 6.39 16.14
CA PRO A 471 -17.64 7.44 16.58
C PRO A 471 -19.09 7.02 16.38
N ARG A 472 -19.97 7.76 17.04
CA ARG A 472 -21.39 7.45 16.99
C ARG A 472 -21.97 7.73 15.61
N SER A 473 -21.49 8.79 14.96
CA SER A 473 -22.03 9.19 13.67
C SER A 473 -21.73 8.18 12.57
N ALA A 474 -20.56 7.53 12.62
CA ALA A 474 -20.23 6.54 11.60
C ALA A 474 -21.06 5.28 11.78
N LEU A 475 -21.25 4.84 13.02
CA LEU A 475 -22.09 3.68 13.31
C LEU A 475 -23.54 3.94 12.95
N ARG A 476 -24.02 5.16 13.19
CA ARG A 476 -25.39 5.52 12.86
C ARG A 476 -25.59 5.62 11.35
N GLY A 477 -24.60 6.13 10.62
CA GLY A 477 -24.69 6.16 9.17
C GLY A 477 -24.68 4.79 8.54
N ALA A 478 -23.85 3.88 9.08
CA ALA A 478 -23.83 2.52 8.56
C ALA A 478 -25.11 1.78 8.88
N LEU A 479 -25.69 2.02 10.07
CA LEU A 479 -26.97 1.43 10.41
C LEU A 479 -28.09 1.96 9.53
N ARG A 480 -28.02 3.25 9.18
CA ARG A 480 -29.01 3.82 8.27
C ARG A 480 -28.91 3.23 6.88
N ARG A 481 -27.69 3.03 6.39
CA ARG A 481 -27.48 2.45 5.07
C ARG A 481 -27.96 1.00 5.00
N ASP A 482 -27.63 0.21 6.02
CA ASP A 482 -28.06 -1.18 6.00
C ASP A 482 -29.54 -1.34 6.26
N LEU A 483 -30.15 -0.45 7.04
CA LEU A 483 -31.59 -0.50 7.24
C LEU A 483 -32.35 -0.10 5.98
N ARG A 484 -31.80 0.86 5.22
CA ARG A 484 -32.43 1.23 3.97
C ARG A 484 -32.31 0.11 2.94
N THR A 485 -31.19 -0.61 2.93
CA THR A 485 -31.09 -1.78 2.06
C THR A 485 -32.06 -2.87 2.50
N ALA A 486 -32.28 -3.02 3.80
CA ALA A 486 -33.16 -4.07 4.30
C ALA A 486 -34.63 -3.78 4.00
N PHE A 487 -35.04 -2.51 4.12
CA PHE A 487 -36.44 -2.18 3.83
C PHE A 487 -36.72 -2.19 2.34
N GLY A 488 -35.73 -1.87 1.53
CA GLY A 488 -35.90 -1.75 0.11
C GLY A 488 -36.01 -0.33 -0.40
N SER A 489 -36.50 0.59 0.42
CA SER A 489 -36.80 1.93 -0.07
C SER A 489 -36.78 2.90 1.09
N GLY A 490 -36.14 4.04 0.89
CA GLY A 490 -36.06 5.07 1.91
C GLY A 490 -35.78 6.40 1.24
N CYS A 491 -35.74 7.45 2.04
CA CYS A 491 -35.59 8.78 1.49
C CYS A 491 -34.16 9.27 1.64
N ASN A 492 -33.82 10.25 0.81
CA ASN A 492 -32.62 11.04 1.06
C ASN A 492 -32.94 12.09 2.10
N VAL A 493 -31.98 12.34 2.99
CA VAL A 493 -32.27 13.12 4.19
C VAL A 493 -32.40 14.59 3.84
N SER A 494 -33.53 15.19 4.18
CA SER A 494 -33.79 16.59 3.93
C SER A 494 -33.53 17.37 5.21
N LEU A 495 -32.84 18.50 5.08
CA LEU A 495 -32.37 19.22 6.26
C LEU A 495 -33.31 20.32 6.70
N GLY A 496 -33.73 21.19 5.81
CA GLY A 496 -34.64 22.24 6.24
C GLY A 496 -36.07 21.77 6.15
N GLY A 497 -36.63 21.33 7.27
CA GLY A 497 -37.95 20.73 7.21
C GLY A 497 -38.94 21.28 8.20
N GLN A 498 -40.18 21.45 7.77
CA GLN A 498 -41.27 21.81 8.67
C GLN A 498 -42.12 20.61 9.08
N ILE A 499 -42.14 19.56 8.29
CA ILE A 499 -42.84 18.32 8.61
C ILE A 499 -41.80 17.22 8.70
N LEU A 500 -41.93 16.35 9.70
CA LEU A 500 -41.01 15.23 9.85
C LEU A 500 -41.27 14.18 8.78
N CYS A 501 -40.21 13.48 8.38
CA CYS A 501 -40.33 12.47 7.34
C CYS A 501 -41.07 11.25 7.85
N ASN A 502 -41.87 10.65 6.98
CA ASN A 502 -42.72 9.52 7.35
C ASN A 502 -42.31 8.24 6.63
N CYS A 503 -41.06 8.16 6.16
CA CYS A 503 -40.57 6.92 5.60
C CYS A 503 -40.29 5.93 6.72
N LYS A 504 -40.17 4.65 6.36
CA LYS A 504 -40.04 3.61 7.37
C LYS A 504 -38.67 3.65 8.05
N VAL A 505 -37.65 4.04 7.30
CA VAL A 505 -36.30 4.14 7.84
C VAL A 505 -36.24 5.26 8.87
N CYS A 506 -36.86 6.41 8.58
CA CYS A 506 -36.84 7.51 9.53
C CYS A 506 -37.77 7.26 10.71
N ILE A 507 -38.76 6.40 10.55
CA ILE A 507 -39.58 6.00 11.69
C ILE A 507 -38.76 5.13 12.63
N GLU A 508 -38.05 4.14 12.09
CA GLU A 508 -37.30 3.22 12.94
C GLU A 508 -36.03 3.86 13.50
N MET A 509 -35.47 4.85 12.81
CA MET A 509 -34.25 5.47 13.30
C MET A 509 -34.49 6.54 14.34
N ARG A 510 -35.73 6.93 14.56
CA ARG A 510 -36.05 7.86 15.63
C ARG A 510 -36.26 7.17 16.97
N ARG A 511 -36.18 5.84 17.01
CA ARG A 511 -36.28 5.10 18.25
C ARG A 511 -34.99 4.38 18.64
N ILE A 512 -33.93 4.50 17.83
CA ILE A 512 -32.68 3.78 18.06
C ILE A 512 -31.66 4.72 18.68
N THR A 513 -31.07 4.30 19.80
CA THR A 513 -30.01 5.05 20.47
C THR A 513 -28.76 4.19 20.54
N LEU A 514 -27.63 4.75 20.16
CA LEU A 514 -26.35 4.08 20.16
C LEU A 514 -25.45 4.68 21.22
N LYS A 515 -24.18 4.26 21.24
CA LYS A 515 -23.21 4.80 22.18
C LYS A 515 -21.84 4.71 21.55
N ASP A 516 -21.04 5.75 21.69
CA ASP A 516 -19.71 5.78 21.09
C ASP A 516 -18.78 4.82 21.82
N SER A 517 -17.81 4.31 21.09
CA SER A 517 -16.96 3.23 21.58
C SER A 517 -15.50 3.67 21.55
N VAL A 518 -14.72 3.16 22.48
CA VAL A 518 -13.28 3.38 22.53
C VAL A 518 -12.66 2.06 22.97
N SER A 519 -11.42 1.82 22.55
CA SER A 519 -10.78 0.55 22.81
C SER A 519 -9.95 0.62 24.09
N ASP A 520 -9.22 -0.46 24.36
CA ASP A 520 -8.24 -0.51 25.42
C ASP A 520 -6.83 -0.65 24.88
N PHE A 521 -6.56 0.03 23.78
CA PHE A 521 -5.31 -0.06 23.04
C PHE A 521 -4.80 1.34 22.75
N SER A 522 -3.50 1.54 22.88
CA SER A 522 -2.94 2.88 22.71
C SER A 522 -1.68 2.86 21.85
N GLU A 523 -1.41 1.76 21.18
CA GLU A 523 -0.19 1.64 20.39
C GLU A 523 -0.36 2.38 19.07
N PRO A 524 0.74 2.91 18.52
CA PRO A 524 0.65 3.84 17.38
C PRO A 524 0.18 3.14 16.11
N PRO A 525 -0.40 3.89 15.17
CA PRO A 525 -0.89 3.28 13.94
C PRO A 525 0.25 2.98 12.97
N GLU A 526 -0.13 2.36 11.86
CA GLU A 526 0.81 2.07 10.78
C GLU A 526 0.52 3.01 9.62
N ILE A 527 1.53 3.26 8.80
CA ILE A 527 1.40 4.14 7.65
C ILE A 527 1.47 3.31 6.38
N ARG A 528 0.43 3.42 5.56
CA ARG A 528 0.32 2.67 4.32
C ARG A 528 0.42 3.61 3.14
N TYR A 529 1.16 3.20 2.12
CA TYR A 529 1.59 4.05 1.01
C TYR A 529 0.93 3.64 -0.29
N ARG A 530 0.68 4.62 -1.16
CA ARG A 530 0.10 4.38 -2.46
C ARG A 530 0.71 5.34 -3.48
N ILE A 531 0.88 4.85 -4.71
CA ILE A 531 1.42 5.61 -5.82
C ILE A 531 0.49 5.46 -7.02
N ALA A 532 0.87 6.10 -8.13
CA ALA A 532 0.17 5.99 -9.39
C ALA A 532 1.11 5.45 -10.45
N LYS A 533 0.55 5.00 -11.56
CA LYS A 533 1.32 4.45 -12.65
C LYS A 533 0.93 5.11 -13.97
N ASN A 534 1.93 5.64 -14.66
CA ASN A 534 1.73 6.17 -16.00
C ASN A 534 1.48 5.02 -16.95
N PRO A 535 0.32 4.94 -17.61
CA PRO A 535 0.02 3.75 -18.40
C PRO A 535 0.81 3.65 -19.69
N GLY A 536 1.41 4.74 -20.18
CA GLY A 536 2.16 4.66 -21.42
C GLY A 536 3.57 4.13 -21.21
N THR A 537 4.21 4.55 -20.13
CA THR A 537 5.58 4.16 -19.86
C THR A 537 5.69 3.04 -18.84
N ALA A 538 4.59 2.71 -18.16
CA ALA A 538 4.52 1.70 -17.09
C ALA A 538 5.50 1.98 -15.96
N THR A 539 5.76 3.25 -15.69
CA THR A 539 6.54 3.69 -14.55
C THR A 539 5.64 4.51 -13.63
N VAL A 540 6.23 5.05 -12.58
CA VAL A 540 5.44 5.86 -11.65
C VAL A 540 5.35 7.29 -12.16
N GLU A 541 4.34 8.00 -11.67
CA GLU A 541 4.17 9.42 -11.97
C GLU A 541 4.71 10.22 -10.81
N ASP A 542 5.41 11.31 -11.12
CA ASP A 542 5.95 12.13 -10.06
C ASP A 542 4.86 12.97 -9.40
N GLY A 543 4.98 13.15 -8.09
CA GLY A 543 3.99 13.91 -7.37
C GLY A 543 2.69 13.19 -7.15
N SER A 544 2.68 11.87 -7.25
CA SER A 544 1.47 11.09 -7.13
C SER A 544 1.43 10.24 -5.88
N LEU A 545 2.39 10.40 -4.99
CA LEU A 545 2.47 9.57 -3.81
C LEU A 545 1.59 10.11 -2.70
N PHE A 546 0.89 9.22 -2.01
CA PHE A 546 0.13 9.62 -0.84
C PHE A 546 0.09 8.47 0.16
N ASP A 547 -0.29 8.80 1.40
CA ASP A 547 -0.23 7.83 2.47
C ASP A 547 -1.38 8.04 3.44
N ILE A 548 -1.78 6.95 4.09
CA ILE A 548 -2.86 6.95 5.07
C ILE A 548 -2.36 6.27 6.34
N GLU A 549 -3.08 6.49 7.43
CA GLU A 549 -2.79 5.88 8.71
C GLU A 549 -3.87 4.87 9.04
N VAL A 550 -3.48 3.62 9.23
CA VAL A 550 -4.42 2.53 9.49
C VAL A 550 -4.13 1.92 10.84
N GLY A 551 -5.16 1.33 11.43
CA GLY A 551 -5.05 0.64 12.69
C GLY A 551 -5.00 -0.86 12.50
N PRO A 552 -4.74 -1.60 13.57
CA PRO A 552 -4.51 -3.03 13.43
C PRO A 552 -5.80 -3.82 13.37
N GLU A 553 -5.70 -5.02 12.79
CA GLU A 553 -6.82 -5.93 12.75
C GLU A 553 -6.83 -6.81 13.99
N GLY A 554 -8.04 -7.17 14.42
CA GLY A 554 -8.22 -7.93 15.63
C GLY A 554 -8.63 -7.13 16.84
N LEU A 555 -8.66 -5.81 16.75
CA LEU A 555 -9.01 -4.97 17.88
C LEU A 555 -10.49 -5.11 18.22
N THR A 556 -10.82 -4.92 19.48
CA THR A 556 -12.18 -5.05 19.96
C THR A 556 -12.67 -3.76 20.56
N PHE A 557 -13.95 -3.45 20.30
CA PHE A 557 -14.65 -2.27 20.77
C PHE A 557 -15.96 -2.70 21.41
N PRO A 558 -16.46 -1.99 22.40
CA PRO A 558 -17.78 -2.30 22.94
C PRO A 558 -18.90 -1.80 22.05
N PHE A 559 -20.09 -2.39 22.22
CA PHE A 559 -21.22 -2.08 21.36
C PHE A 559 -22.51 -2.13 22.17
N VAL A 560 -23.22 -1.00 22.22
CA VAL A 560 -24.50 -0.87 22.92
C VAL A 560 -25.53 -0.34 21.93
N LEU A 561 -26.73 -0.93 21.93
CA LEU A 561 -27.85 -0.42 21.15
C LEU A 561 -29.11 -0.47 22.01
N ARG A 562 -29.96 0.54 21.88
CA ARG A 562 -31.23 0.58 22.60
C ARG A 562 -32.34 0.93 21.63
N TYR A 563 -33.49 0.27 21.81
CA TYR A 563 -34.65 0.49 20.97
C TYR A 563 -35.90 0.54 21.85
N ARG A 564 -36.66 1.61 21.76
CA ARG A 564 -37.87 1.79 22.56
C ARG A 564 -39.08 1.76 21.66
N GLY A 565 -39.99 0.83 21.89
CA GLY A 565 -41.13 0.73 21.00
C GLY A 565 -42.12 -0.33 21.41
N HIS A 566 -42.95 -0.73 20.47
CA HIS A 566 -44.04 -1.67 20.71
C HIS A 566 -43.69 -3.10 20.32
N LYS A 567 -42.92 -3.29 19.25
CA LYS A 567 -42.41 -4.61 18.91
C LYS A 567 -41.06 -4.45 18.24
N PHE A 568 -40.23 -5.47 18.40
CA PHE A 568 -38.90 -5.43 17.82
C PHE A 568 -39.01 -5.68 16.32
N PRO A 569 -38.43 -4.81 15.49
CA PRO A 569 -38.62 -4.95 14.04
C PRO A 569 -37.86 -6.12 13.46
N GLU A 570 -38.37 -6.63 12.34
CA GLU A 570 -37.71 -7.69 11.63
C GLU A 570 -36.46 -7.20 10.94
N GLN A 571 -36.47 -5.95 10.48
CA GLN A 571 -35.38 -5.43 9.69
C GLN A 571 -34.16 -5.12 10.55
N LEU A 572 -34.37 -4.66 11.79
CA LEU A 572 -33.26 -4.41 12.69
C LEU A 572 -32.58 -5.70 13.12
N SER A 573 -33.37 -6.74 13.38
CA SER A 573 -32.79 -8.05 13.68
C SER A 573 -32.08 -8.64 12.47
N SER A 574 -32.58 -8.36 11.26
CA SER A 574 -31.89 -8.81 10.06
C SER A 574 -30.55 -8.11 9.89
N VAL A 575 -30.48 -6.81 10.19
CA VAL A 575 -29.21 -6.09 10.12
C VAL A 575 -28.23 -6.59 11.18
N ILE A 576 -28.74 -6.91 12.38
CA ILE A 576 -27.89 -7.42 13.45
C ILE A 576 -27.32 -8.79 13.09
N ARG A 577 -28.15 -9.67 12.50
CA ARG A 577 -27.67 -10.96 12.06
C ARG A 577 -26.75 -10.85 10.84
N TYR A 578 -26.91 -9.82 10.03
CA TYR A 578 -25.97 -9.55 8.94
C TYR A 578 -24.64 -9.07 9.47
N TRP A 579 -24.63 -8.43 10.64
CA TRP A 579 -23.39 -7.95 11.21
C TRP A 579 -22.68 -9.02 12.04
N GLU A 580 -23.44 -9.95 12.62
CA GLU A 580 -22.89 -10.92 13.54
C GLU A 580 -22.19 -12.05 12.79
N GLU A 581 -21.07 -12.53 13.34
CA GLU A 581 -20.34 -13.64 12.75
C GLU A 581 -20.52 -14.89 13.60
N ASN A 582 -20.65 -16.02 12.93
CA ASN A 582 -20.77 -17.33 13.55
C ASN A 582 -19.81 -18.31 12.87
N ASP A 583 -19.98 -19.59 13.16
CA ASP A 583 -19.28 -20.60 12.39
C ASP A 583 -19.89 -20.71 11.00
N GLY A 584 -19.03 -20.66 9.99
CA GLY A 584 -19.51 -20.65 8.62
C GLY A 584 -19.62 -19.26 8.04
N LYS A 585 -20.40 -18.39 8.67
CA LYS A 585 -20.62 -17.06 8.14
C LYS A 585 -19.67 -16.05 8.76
N ASN A 586 -19.17 -15.14 7.95
CA ASN A 586 -18.32 -14.04 8.39
C ASN A 586 -19.13 -12.75 8.46
N GLY A 587 -18.56 -11.75 9.13
CA GLY A 587 -19.29 -10.53 9.36
C GLY A 587 -19.20 -9.57 8.19
N MET A 588 -20.19 -8.69 8.10
CA MET A 588 -20.34 -7.81 6.95
C MET A 588 -20.68 -6.38 7.36
N ALA A 589 -20.11 -5.90 8.46
CA ALA A 589 -20.36 -4.54 8.92
C ALA A 589 -19.29 -3.63 8.33
N TRP A 590 -19.65 -2.88 7.30
CA TRP A 590 -18.70 -2.03 6.59
C TRP A 590 -18.76 -0.63 7.16
N LEU A 591 -18.07 -0.41 8.27
CA LEU A 591 -17.94 0.93 8.79
C LEU A 591 -16.72 1.58 8.15
N GLY A 592 -16.50 2.84 8.48
CA GLY A 592 -15.27 3.47 8.08
C GLY A 592 -15.34 4.06 6.70
N GLY A 593 -14.16 4.38 6.16
CA GLY A 593 -14.08 5.19 4.97
C GLY A 593 -12.98 4.90 3.97
N LEU A 594 -12.60 3.65 3.76
CA LEU A 594 -11.80 3.28 2.59
C LEU A 594 -12.22 1.92 2.06
N ASP A 595 -13.53 1.71 1.89
CA ASP A 595 -14.08 0.39 1.66
C ASP A 595 -13.70 -0.23 0.32
N SER A 596 -13.28 0.58 -0.66
CA SER A 596 -12.88 0.04 -1.96
C SER A 596 -11.60 -0.76 -1.87
N THR A 597 -10.77 -0.45 -0.88
CA THR A 597 -9.52 -1.16 -0.63
C THR A 597 -9.74 -2.21 0.47
N GLY A 598 -10.97 -2.36 0.93
CA GLY A 598 -11.28 -3.36 1.94
C GLY A 598 -10.83 -3.00 3.32
N LYS A 599 -11.08 -1.78 3.75
CA LYS A 599 -10.68 -1.31 5.06
C LYS A 599 -11.91 -0.89 5.85
N GLY A 600 -12.19 -1.61 6.93
CA GLY A 600 -13.32 -1.29 7.76
C GLY A 600 -14.40 -2.34 7.76
N ARG A 601 -14.04 -3.60 7.64
CA ARG A 601 -14.98 -4.70 7.78
C ARG A 601 -14.89 -5.23 9.19
N PHE A 602 -15.98 -5.11 9.93
CA PHE A 602 -16.03 -5.52 11.33
C PHE A 602 -16.97 -6.71 11.48
N ALA A 603 -16.96 -7.30 12.67
CA ALA A 603 -17.88 -8.36 13.01
C ALA A 603 -18.41 -8.13 14.41
N LEU A 604 -19.56 -8.74 14.70
CA LEU A 604 -20.23 -8.60 15.98
C LEU A 604 -20.14 -9.92 16.74
N LYS A 605 -19.45 -9.89 17.87
CA LYS A 605 -19.25 -11.06 18.70
C LYS A 605 -19.98 -10.87 20.03
N ASP A 606 -20.47 -11.99 20.57
CA ASP A 606 -21.01 -12.11 21.93
C ASP A 606 -22.20 -11.18 22.15
N ILE A 607 -23.27 -11.43 21.40
CA ILE A 607 -24.46 -10.61 21.52
C ILE A 607 -25.31 -11.11 22.69
N LYS A 608 -25.88 -10.17 23.43
CA LYS A 608 -26.87 -10.45 24.44
C LYS A 608 -27.97 -9.40 24.36
N ILE A 609 -29.22 -9.84 24.35
CA ILE A 609 -30.37 -8.95 24.23
C ILE A 609 -31.20 -9.05 25.52
N PHE A 610 -31.44 -7.91 26.14
CA PHE A 610 -32.24 -7.84 27.35
C PHE A 610 -33.43 -6.91 27.11
N GLU A 611 -34.45 -7.05 27.96
CA GLU A 611 -35.75 -6.42 27.75
C GLU A 611 -36.28 -5.82 29.04
N TRP A 612 -36.73 -4.57 28.95
CA TRP A 612 -37.43 -3.87 30.02
C TRP A 612 -38.91 -3.76 29.68
N ASP A 613 -39.75 -4.13 30.63
CA ASP A 613 -41.20 -3.90 30.54
C ASP A 613 -41.50 -2.59 31.23
N LEU A 614 -41.89 -1.58 30.45
CA LEU A 614 -42.04 -0.22 30.96
C LEU A 614 -43.45 0.07 31.45
N ASN A 615 -44.41 -0.82 31.23
CA ASN A 615 -45.76 -0.57 31.71
C ASN A 615 -45.98 -1.03 33.14
N GLN A 616 -45.20 -2.00 33.61
CA GLN A 616 -45.32 -2.52 34.95
C GLN A 616 -44.13 -2.20 35.85
N LYS A 617 -42.95 -2.08 35.28
CA LYS A 617 -41.71 -1.91 36.03
C LYS A 617 -41.05 -0.58 35.70
N ILE A 618 -41.84 0.50 35.67
CA ILE A 618 -41.28 1.81 35.36
C ILE A 618 -40.47 2.34 36.53
N ASN A 619 -40.81 1.95 37.76
CA ASN A 619 -40.09 2.43 38.94
C ASN A 619 -38.69 1.86 39.02
N GLU A 620 -38.52 0.59 38.63
CA GLU A 620 -37.19 0.00 38.60
C GLU A 620 -36.33 0.60 37.50
N TYR A 621 -36.94 0.97 36.37
CA TYR A 621 -36.22 1.69 35.32
C TYR A 621 -35.75 3.05 35.82
N ILE A 622 -36.64 3.77 36.54
CA ILE A 622 -36.28 5.07 37.10
C ILE A 622 -35.18 4.94 38.14
N LYS A 623 -35.22 3.86 38.93
CA LYS A 623 -34.21 3.66 39.96
C LYS A 623 -32.86 3.30 39.37
N GLU A 624 -32.82 2.38 38.40
CA GLU A 624 -31.55 1.92 37.86
C GLU A 624 -31.05 2.76 36.69
N ARG A 625 -31.81 3.79 36.30
CA ARG A 625 -31.41 4.79 35.31
C ARG A 625 -31.15 4.18 33.93
N GLY A 626 -31.80 3.06 33.64
CA GLY A 626 -31.66 2.43 32.35
C GLY A 626 -30.33 1.80 32.07
N MET A 627 -29.52 1.58 33.11
CA MET A 627 -28.15 1.07 33.04
C MET A 627 -27.28 1.91 32.12
N ARG A 628 -27.46 3.22 32.15
CA ARG A 628 -26.66 4.10 31.32
C ARG A 628 -25.30 4.32 31.98
N GLY A 629 -24.25 3.91 31.29
CA GLY A 629 -22.92 3.92 31.85
C GLY A 629 -22.48 2.63 32.49
N LYS A 630 -23.41 1.74 32.79
CA LYS A 630 -23.12 0.43 33.35
C LYS A 630 -23.41 -0.68 32.36
N GLU A 631 -23.26 -0.40 31.07
CA GLU A 631 -23.47 -1.41 30.04
C GLU A 631 -22.31 -2.37 29.91
N LYS A 632 -21.13 -2.00 30.43
CA LYS A 632 -20.00 -2.91 30.46
C LYS A 632 -20.27 -4.07 31.42
N GLU A 633 -20.96 -3.81 32.52
CA GLU A 633 -21.28 -4.84 33.48
C GLU A 633 -22.38 -5.78 33.02
N LEU A 634 -23.10 -5.44 31.95
CA LEU A 634 -24.13 -6.32 31.45
C LEU A 634 -23.54 -7.51 30.70
N LEU A 635 -22.37 -7.34 30.08
CA LEU A 635 -21.75 -8.42 29.34
C LEU A 635 -21.20 -9.50 30.27
N GLU A 636 -20.83 -9.14 31.49
CA GLU A 636 -20.19 -10.04 32.42
C GLU A 636 -21.11 -10.52 33.52
N MET A 637 -22.34 -10.00 33.59
CA MET A 637 -23.24 -10.39 34.66
C MET A 637 -23.85 -11.76 34.36
N GLY A 638 -24.03 -12.55 35.41
CA GLY A 638 -24.84 -13.74 35.30
C GLY A 638 -26.31 -13.40 35.35
N GLU A 639 -27.14 -14.42 35.17
CA GLU A 639 -28.58 -14.19 35.16
C GLU A 639 -29.15 -14.02 36.55
N SER A 640 -28.37 -14.32 37.59
CA SER A 640 -28.86 -14.22 38.96
C SER A 640 -28.64 -12.83 39.55
N SER A 641 -27.71 -12.06 39.00
CA SER A 641 -27.38 -10.74 39.54
C SER A 641 -27.95 -9.60 38.73
N LEU A 642 -28.95 -9.86 37.88
CA LEU A 642 -29.57 -8.80 37.12
C LEU A 642 -30.48 -7.97 38.02
N PRO A 643 -30.65 -6.67 37.71
CA PRO A 643 -31.65 -5.89 38.42
C PRO A 643 -33.04 -6.35 38.06
N ASP A 644 -33.98 -6.15 38.99
CA ASP A 644 -35.34 -6.59 38.75
C ASP A 644 -36.02 -5.68 37.73
N GLY A 645 -36.74 -6.30 36.81
CA GLY A 645 -37.32 -5.59 35.70
C GLY A 645 -36.63 -5.80 34.38
N LEU A 646 -35.41 -6.31 34.40
CA LEU A 646 -34.65 -6.58 33.19
C LEU A 646 -34.54 -8.08 33.00
N ILE A 647 -35.12 -8.58 31.91
CA ILE A 647 -35.12 -10.03 31.68
C ILE A 647 -34.36 -10.32 30.41
N PRO A 648 -33.83 -11.53 30.26
CA PRO A 648 -33.32 -11.95 28.95
C PRO A 648 -34.43 -12.14 27.95
N TYR A 649 -34.11 -11.87 26.69
CA TYR A 649 -35.07 -11.91 25.59
C TYR A 649 -34.78 -13.15 24.76
N LYS A 650 -35.65 -14.14 24.84
CA LYS A 650 -35.43 -15.44 24.23
C LYS A 650 -36.12 -15.61 22.88
N PHE A 651 -36.98 -14.68 22.49
CA PHE A 651 -37.64 -14.74 21.20
C PHE A 651 -36.90 -13.93 20.14
N PHE A 652 -35.60 -14.15 20.00
CA PHE A 652 -34.80 -13.46 19.00
C PHE A 652 -34.76 -14.32 17.74
N GLU A 653 -35.05 -13.70 16.60
CA GLU A 653 -35.24 -14.46 15.37
C GLU A 653 -33.92 -14.95 14.80
N GLU A 654 -33.92 -16.20 14.35
CA GLU A 654 -32.73 -16.83 13.81
C GLU A 654 -32.47 -16.33 12.40
N ARG A 655 -31.31 -16.69 11.86
CA ARG A 655 -30.85 -16.14 10.59
C ARG A 655 -31.67 -16.66 9.41
N GLU A 656 -32.02 -17.95 9.43
CA GLU A 656 -32.71 -18.57 8.31
C GLU A 656 -34.21 -18.34 8.32
N CYS A 657 -34.74 -17.55 9.24
CA CYS A 657 -36.16 -17.24 9.26
C CYS A 657 -36.44 -15.76 9.02
N LEU A 658 -35.42 -14.92 8.93
CA LEU A 658 -35.62 -13.50 8.71
C LEU A 658 -35.78 -13.23 7.22
N PHE A 659 -36.88 -12.60 6.87
CA PHE A 659 -37.28 -12.30 5.51
C PHE A 659 -36.63 -11.07 4.86
N PRO A 660 -36.25 -10.00 5.60
CA PRO A 660 -35.34 -9.03 4.97
C PRO A 660 -33.97 -9.58 4.68
N TYR A 661 -33.48 -10.48 5.53
CA TYR A 661 -32.40 -11.39 5.15
C TYR A 661 -32.89 -12.33 4.05
N LYS A 662 -31.94 -12.89 3.30
CA LYS A 662 -32.13 -13.80 2.16
C LYS A 662 -32.76 -13.15 0.93
N GLU A 663 -33.16 -11.88 1.02
CA GLU A 663 -33.76 -11.21 -0.12
C GLU A 663 -33.15 -9.86 -0.42
N ASN A 664 -32.64 -9.16 0.58
CA ASN A 664 -32.10 -7.83 0.37
C ASN A 664 -30.70 -7.62 0.92
N LEU A 665 -30.27 -8.40 1.91
CA LEU A 665 -28.99 -8.18 2.56
C LEU A 665 -27.93 -9.20 2.18
N LYS A 666 -28.28 -10.50 2.16
CA LYS A 666 -27.30 -11.51 1.81
C LYS A 666 -26.85 -11.48 0.34
N PRO A 667 -27.73 -11.26 -0.68
CA PRO A 667 -27.17 -11.14 -2.03
C PRO A 667 -26.52 -9.82 -2.38
N GLN A 668 -26.24 -8.97 -1.39
CA GLN A 668 -25.72 -7.64 -1.69
C GLN A 668 -24.25 -7.69 -2.11
N TRP A 669 -23.45 -8.52 -1.45
CA TRP A 669 -22.04 -8.69 -1.80
C TRP A 669 -21.72 -10.17 -1.93
N SER A 670 -21.02 -10.53 -3.00
CA SER A 670 -20.65 -11.91 -3.28
C SER A 670 -19.15 -12.07 -3.18
N GLU A 671 -18.72 -13.17 -2.56
CA GLU A 671 -17.33 -13.39 -2.21
C GLU A 671 -16.64 -14.29 -3.24
N VAL A 672 -15.42 -13.91 -3.62
CA VAL A 672 -14.55 -14.74 -4.45
C VAL A 672 -13.24 -14.89 -3.70
N GLN A 673 -12.96 -16.09 -3.22
CA GLN A 673 -11.71 -16.44 -2.57
C GLN A 673 -10.85 -17.26 -3.51
N TYR A 674 -9.53 -17.08 -3.40
CA TYR A 674 -8.61 -17.82 -4.26
C TYR A 674 -7.24 -17.86 -3.60
N THR A 675 -6.37 -18.68 -4.19
CA THR A 675 -5.02 -18.90 -3.69
C THR A 675 -4.05 -18.81 -4.85
N ILE A 676 -3.16 -17.82 -4.79
CA ILE A 676 -2.08 -17.67 -5.75
C ILE A 676 -0.93 -18.56 -5.31
N GLU A 677 -0.40 -19.33 -6.23
CA GLU A 677 0.79 -20.13 -6.01
C GLU A 677 1.92 -19.52 -6.83
N VAL A 678 2.90 -18.94 -6.13
CA VAL A 678 4.03 -18.21 -6.72
C VAL A 678 5.28 -19.06 -6.59
N GLY A 679 5.91 -19.37 -7.71
CA GLY A 679 7.08 -20.22 -7.75
C GLY A 679 8.40 -19.52 -7.97
N SER A 680 8.48 -18.24 -7.66
CA SER A 680 9.66 -17.40 -7.87
C SER A 680 9.85 -16.57 -6.61
N PRO A 681 11.04 -16.00 -6.42
CA PRO A 681 11.21 -15.02 -5.34
C PRO A 681 10.27 -13.82 -5.48
N LEU A 682 9.68 -13.43 -4.37
CA LEU A 682 8.65 -12.39 -4.35
C LEU A 682 9.13 -11.21 -3.52
N LEU A 683 9.13 -10.01 -4.11
CA LEU A 683 9.62 -8.82 -3.44
C LEU A 683 8.65 -7.68 -3.66
N THR A 684 7.89 -7.33 -2.62
CA THR A 684 7.07 -6.13 -2.61
C THR A 684 7.72 -5.18 -1.61
N ALA A 685 8.26 -4.07 -2.13
CA ALA A 685 9.15 -3.23 -1.36
C ALA A 685 8.40 -2.45 -0.29
N ASP A 686 9.17 -1.94 0.67
CA ASP A 686 8.62 -1.20 1.80
C ASP A 686 9.05 0.26 1.79
N THR A 687 10.32 0.54 1.52
CA THR A 687 10.96 1.85 1.28
C THR A 687 10.95 2.79 2.48
N ILE A 688 10.30 2.41 3.58
CA ILE A 688 10.37 3.13 4.83
C ILE A 688 10.93 2.26 5.94
N SER A 689 10.51 1.00 5.98
CA SER A 689 11.08 0.04 6.91
C SER A 689 12.55 -0.24 6.62
N ALA A 690 12.98 -0.12 5.37
CA ALA A 690 14.39 -0.33 5.06
C ALA A 690 15.25 0.82 5.55
N LEU A 691 14.65 1.98 5.80
CA LEU A 691 15.38 3.12 6.35
C LEU A 691 15.42 3.15 7.86
N THR A 692 14.77 2.20 8.53
CA THR A 692 14.63 2.24 9.97
C THR A 692 15.13 0.98 10.67
N GLU A 693 14.85 -0.21 10.14
CA GLU A 693 15.30 -1.42 10.80
C GLU A 693 16.81 -1.61 10.59
N PRO A 694 17.55 -2.02 11.61
CA PRO A 694 19.00 -2.15 11.47
C PRO A 694 19.37 -3.41 10.71
N GLY A 695 20.42 -3.30 9.90
CA GLY A 695 20.84 -4.44 9.12
C GLY A 695 21.21 -4.13 7.68
N ASN A 696 21.33 -2.83 7.37
CA ASN A 696 21.77 -2.21 6.11
C ASN A 696 21.32 -2.97 4.83
N ARG A 697 20.01 -3.21 4.78
CA ARG A 697 19.36 -3.79 3.62
C ARG A 697 18.85 -2.70 2.71
N ASP A 698 18.70 -3.02 1.42
CA ASP A 698 18.24 -2.02 0.46
C ASP A 698 16.77 -2.18 0.12
N ALA A 699 16.30 -3.41 -0.04
CA ALA A 699 14.90 -3.64 -0.33
C ALA A 699 14.43 -4.87 0.42
N ILE A 700 13.47 -4.69 1.32
CA ILE A 700 12.92 -5.79 2.11
C ILE A 700 11.46 -5.96 1.75
N ALA A 701 10.89 -7.07 2.22
CA ALA A 701 9.51 -7.38 1.93
C ALA A 701 8.56 -6.60 2.84
N TYR A 702 7.27 -6.78 2.62
CA TYR A 702 6.25 -6.05 3.35
C TYR A 702 5.67 -6.90 4.47
N LYS A 703 5.44 -6.27 5.62
CA LYS A 703 4.95 -6.95 6.81
C LYS A 703 3.74 -6.22 7.37
N LYS A 704 3.09 -6.84 8.34
CA LYS A 704 1.90 -6.30 8.99
C LYS A 704 1.99 -6.50 10.49
N ARG A 705 1.02 -5.95 11.20
CA ARG A 705 0.88 -6.15 12.63
C ARG A 705 -0.54 -6.57 12.94
N VAL A 706 -0.69 -7.71 13.61
CA VAL A 706 -1.99 -8.29 13.92
C VAL A 706 -2.15 -8.35 15.42
N TYR A 707 -3.22 -7.76 15.94
CA TYR A 707 -3.52 -7.79 17.35
C TYR A 707 -4.21 -9.10 17.71
N ASN A 708 -3.75 -9.73 18.78
CA ASN A 708 -4.35 -10.96 19.29
C ASN A 708 -5.28 -10.63 20.45
N ASP A 709 -6.26 -11.50 20.67
CA ASP A 709 -7.28 -11.27 21.69
C ASP A 709 -7.27 -12.27 22.82
N GLY A 710 -6.64 -13.44 22.64
CA GLY A 710 -6.45 -14.34 23.76
C GLY A 710 -5.54 -13.76 24.81
N ASN A 711 -4.39 -13.24 24.38
CA ASN A 711 -3.61 -12.29 25.14
C ASN A 711 -3.97 -10.89 24.67
N ASN A 712 -3.45 -9.88 25.35
CA ASN A 712 -3.94 -8.53 25.06
C ASN A 712 -2.93 -7.69 24.29
N ALA A 713 -1.86 -8.30 23.78
CA ALA A 713 -0.84 -7.53 23.09
C ALA A 713 -0.80 -7.90 21.62
N ILE A 714 0.02 -7.17 20.87
CA ILE A 714 0.24 -7.51 19.47
C ILE A 714 1.03 -8.80 19.38
N GLU A 715 0.92 -9.48 18.25
CA GLU A 715 1.62 -10.73 18.07
C GLU A 715 3.11 -10.46 17.85
N PRO A 716 4.00 -11.28 18.39
CA PRO A 716 5.43 -10.97 18.27
C PRO A 716 6.00 -11.19 16.88
N GLU A 717 5.57 -12.22 16.17
CA GLU A 717 6.07 -12.40 14.83
C GLU A 717 5.10 -11.79 13.82
N PRO A 718 5.60 -10.95 12.92
CA PRO A 718 4.71 -10.27 11.96
C PRO A 718 4.41 -11.14 10.74
N ARG A 719 3.34 -10.76 10.05
CA ARG A 719 2.80 -11.53 8.95
C ARG A 719 3.15 -10.88 7.61
N PHE A 720 3.58 -11.71 6.66
CA PHE A 720 3.94 -11.26 5.32
C PHE A 720 2.71 -11.26 4.43
N ALA A 721 2.58 -10.23 3.60
CA ALA A 721 1.39 -10.09 2.77
C ALA A 721 1.70 -9.27 1.54
N VAL A 722 0.81 -9.37 0.56
CA VAL A 722 0.75 -8.46 -0.58
C VAL A 722 -0.49 -7.60 -0.37
N LYS A 723 -0.33 -6.29 -0.51
CA LYS A 723 -1.34 -5.33 -0.12
C LYS A 723 -2.55 -5.39 -1.04
N SER A 724 -3.67 -4.85 -0.55
CA SER A 724 -4.90 -4.85 -1.34
C SER A 724 -4.85 -3.85 -2.47
N GLU A 725 -4.10 -2.76 -2.28
CA GLU A 725 -3.93 -1.76 -3.32
C GLU A 725 -3.22 -2.34 -4.54
N THR A 726 -2.26 -3.22 -4.30
CA THR A 726 -1.45 -3.77 -5.38
C THR A 726 -2.28 -4.67 -6.30
N HIS A 727 -3.04 -5.59 -5.73
CA HIS A 727 -3.80 -6.44 -6.64
C HIS A 727 -5.11 -5.80 -7.08
N ARG A 728 -5.56 -4.74 -6.41
CA ARG A 728 -6.59 -3.87 -6.98
C ARG A 728 -6.09 -3.22 -8.26
N GLY A 729 -4.88 -2.67 -8.24
CA GLY A 729 -4.31 -2.09 -9.44
C GLY A 729 -3.99 -3.13 -10.51
N ILE A 730 -3.66 -4.35 -10.10
CA ILE A 730 -3.45 -5.45 -11.04
C ILE A 730 -4.73 -5.73 -11.81
N PHE A 731 -5.85 -5.84 -11.10
CA PHE A 731 -7.13 -6.09 -11.77
C PHE A 731 -7.57 -4.91 -12.64
N ARG A 732 -7.30 -3.70 -12.18
CA ARG A 732 -7.69 -2.51 -12.93
C ARG A 732 -6.91 -2.38 -14.24
N THR A 733 -5.60 -2.61 -14.20
CA THR A 733 -4.79 -2.57 -15.40
C THR A 733 -5.14 -3.74 -16.33
N ALA A 734 -5.43 -4.92 -15.76
CA ALA A 734 -5.79 -6.08 -16.56
C ALA A 734 -7.11 -5.91 -17.28
N VAL A 735 -8.07 -5.19 -16.68
CA VAL A 735 -9.30 -4.92 -17.39
C VAL A 735 -9.13 -3.79 -18.41
N GLY A 736 -8.46 -2.71 -17.99
CA GLY A 736 -8.34 -1.53 -18.83
C GLY A 736 -7.46 -1.70 -20.05
N ARG A 737 -6.57 -2.69 -20.06
CA ARG A 737 -5.82 -2.92 -21.29
C ARG A 737 -6.63 -3.67 -22.33
N ARG A 738 -7.48 -4.60 -21.90
CA ARG A 738 -8.28 -5.35 -22.85
C ARG A 738 -9.45 -4.53 -23.39
N THR A 739 -10.10 -3.75 -22.53
CA THR A 739 -11.18 -2.92 -23.06
C THR A 739 -10.67 -1.66 -23.73
N GLY A 740 -9.43 -1.27 -23.48
CA GLY A 740 -8.88 -0.09 -24.12
C GLY A 740 -9.33 1.21 -23.53
N ASP A 741 -9.50 1.27 -22.21
CA ASP A 741 -9.96 2.49 -21.55
C ASP A 741 -8.84 3.24 -20.83
N LEU A 742 -7.64 2.68 -20.77
CA LEU A 742 -6.54 3.40 -20.15
C LEU A 742 -5.99 4.50 -21.03
N GLY A 743 -6.37 4.53 -22.31
CA GLY A 743 -5.85 5.53 -23.23
C GLY A 743 -6.51 6.88 -23.13
N LYS A 744 -7.70 6.95 -22.54
CA LYS A 744 -8.39 8.22 -22.38
C LYS A 744 -7.65 9.10 -21.39
N GLU A 745 -7.50 10.38 -21.72
CA GLU A 745 -6.78 11.30 -20.85
C GLU A 745 -7.65 11.87 -19.75
N ASP A 746 -8.96 11.91 -19.93
CA ASP A 746 -9.89 12.42 -18.93
C ASP A 746 -10.94 11.36 -18.61
N HIS A 747 -11.36 11.34 -17.36
CA HIS A 747 -12.36 10.39 -16.92
C HIS A 747 -13.50 11.05 -16.15
N GLU A 748 -13.56 12.38 -16.14
CA GLU A 748 -14.69 13.05 -15.53
C GLU A 748 -15.89 12.99 -16.46
N ASP A 749 -17.08 12.82 -15.85
CA ASP A 749 -18.35 12.59 -16.54
C ASP A 749 -18.28 11.42 -17.51
N CYS A 750 -17.67 10.32 -17.06
CA CYS A 750 -17.49 9.16 -17.91
C CYS A 750 -18.45 8.04 -17.53
N THR A 751 -18.65 7.13 -18.46
CA THR A 751 -19.48 5.95 -18.24
C THR A 751 -18.89 4.73 -18.92
N CYS A 752 -17.56 4.65 -19.00
CA CYS A 752 -16.90 3.51 -19.63
C CYS A 752 -16.95 2.30 -18.70
N ASP A 753 -16.32 1.21 -19.15
CA ASP A 753 -16.43 -0.05 -18.41
C ASP A 753 -15.59 -0.02 -17.14
N MET A 754 -14.38 0.51 -17.21
CA MET A 754 -13.54 0.54 -16.02
C MET A 754 -13.97 1.61 -15.03
N CYS A 755 -14.77 2.59 -15.47
CA CYS A 755 -15.34 3.54 -14.54
C CYS A 755 -16.64 3.05 -13.94
N ILE A 756 -17.25 2.04 -14.55
CA ILE A 756 -18.41 1.40 -13.94
C ILE A 756 -17.98 0.35 -12.92
N ILE A 757 -16.97 -0.45 -13.25
CA ILE A 757 -16.53 -1.48 -12.32
C ILE A 757 -15.69 -0.88 -11.19
N PHE A 758 -14.74 -0.02 -11.51
CA PHE A 758 -13.77 0.44 -10.53
C PHE A 758 -14.01 1.86 -10.06
N GLY A 759 -15.06 2.52 -10.52
CA GLY A 759 -15.42 3.81 -9.98
C GLY A 759 -14.57 4.97 -10.44
N ASN A 760 -15.00 6.19 -10.12
CA ASN A 760 -14.26 7.39 -10.46
C ASN A 760 -14.55 8.43 -9.38
N GLU A 761 -14.31 9.69 -9.70
CA GLU A 761 -14.53 10.82 -8.80
C GLU A 761 -16.00 11.13 -8.56
N HIS A 762 -16.93 10.43 -9.19
CA HIS A 762 -18.34 10.69 -9.02
C HIS A 762 -19.15 9.46 -8.65
N GLU A 763 -18.56 8.27 -8.64
CA GLU A 763 -19.26 7.08 -8.20
C GLU A 763 -18.31 6.18 -7.44
N SER A 764 -18.88 5.37 -6.55
CA SER A 764 -18.10 4.40 -5.81
C SER A 764 -17.97 3.11 -6.60
N SER A 765 -16.97 2.32 -6.24
CA SER A 765 -16.67 1.11 -6.98
C SER A 765 -17.61 -0.02 -6.59
N LYS A 766 -17.81 -0.92 -7.53
CA LYS A 766 -18.61 -2.11 -7.33
C LYS A 766 -17.77 -3.33 -7.01
N ILE A 767 -16.47 -3.17 -6.77
CA ILE A 767 -15.58 -4.27 -6.47
C ILE A 767 -14.65 -3.86 -5.35
N ARG A 768 -14.51 -4.71 -4.33
CA ARG A 768 -13.75 -4.39 -3.14
C ARG A 768 -12.73 -5.48 -2.85
N PHE A 769 -11.47 -5.11 -2.68
CA PHE A 769 -10.37 -6.06 -2.58
C PHE A 769 -9.86 -6.16 -1.15
N GLU A 770 -9.24 -7.29 -0.85
CA GLU A 770 -8.60 -7.52 0.44
C GLU A 770 -7.17 -7.98 0.21
N ASP A 771 -6.43 -8.15 1.29
CA ASP A 771 -5.01 -8.46 1.19
C ASP A 771 -4.79 -9.91 0.79
N LEU A 772 -3.57 -10.19 0.35
CA LEU A 772 -3.12 -11.54 0.00
C LEU A 772 -2.07 -11.96 1.02
N GLU A 773 -2.47 -12.77 2.00
CA GLU A 773 -1.60 -13.13 3.11
C GLU A 773 -0.96 -14.49 2.88
N LEU A 774 0.27 -14.65 3.36
CA LEU A 774 1.02 -15.89 3.21
C LEU A 774 0.53 -16.90 4.24
N ILE A 775 0.23 -18.12 3.80
CA ILE A 775 -0.38 -19.12 4.65
C ILE A 775 0.56 -20.29 4.94
N ASN A 776 1.60 -20.48 4.13
CA ASN A 776 2.50 -21.60 4.32
C ASN A 776 3.92 -21.18 4.68
N GLY A 777 4.08 -20.02 5.31
CA GLY A 777 5.42 -19.55 5.64
C GLY A 777 6.04 -20.14 6.88
N ASN A 778 5.62 -21.34 7.27
CA ASN A 778 6.16 -22.04 8.42
C ASN A 778 6.77 -23.38 8.09
N GLU A 779 6.60 -23.89 6.87
CA GLU A 779 7.33 -25.06 6.42
C GLU A 779 8.64 -24.70 5.74
N PHE A 780 8.98 -23.42 5.68
CA PHE A 780 10.27 -23.00 5.18
C PHE A 780 11.28 -22.89 6.33
N GLU A 781 12.55 -23.05 5.99
CA GLU A 781 13.65 -22.59 6.82
C GLU A 781 14.38 -21.52 6.03
N LYS A 782 14.65 -20.38 6.69
CA LYS A 782 15.17 -19.16 6.07
C LYS A 782 14.28 -18.70 4.92
N LEU A 783 13.08 -18.23 5.32
CA LEU A 783 12.07 -17.76 4.39
C LEU A 783 12.56 -16.61 3.51
N GLU A 784 13.35 -15.71 4.09
CA GLU A 784 13.92 -14.63 3.32
C GLU A 784 15.29 -15.00 2.79
N LYS A 785 15.58 -14.63 1.55
CA LYS A 785 16.78 -15.06 0.85
C LYS A 785 17.52 -13.84 0.32
N HIS A 786 18.83 -13.79 0.52
CA HIS A 786 19.63 -12.63 0.14
C HIS A 786 20.17 -12.81 -1.27
N ILE A 787 19.84 -11.89 -2.18
CA ILE A 787 20.28 -11.95 -3.57
C ILE A 787 20.91 -10.63 -3.95
N ASP A 788 22.16 -10.65 -4.41
CA ASP A 788 22.87 -9.43 -4.75
C ASP A 788 23.16 -9.36 -6.25
N HIS A 789 22.99 -8.16 -6.81
CA HIS A 789 23.20 -7.92 -8.23
C HIS A 789 24.19 -6.77 -8.42
N VAL A 790 24.76 -6.72 -9.62
CA VAL A 790 25.73 -5.69 -9.99
C VAL A 790 25.56 -5.39 -11.48
N ALA A 791 26.09 -4.24 -11.90
CA ALA A 791 26.08 -3.82 -13.29
C ALA A 791 27.48 -3.97 -13.89
N ILE A 792 27.54 -4.33 -15.17
CA ILE A 792 28.79 -4.65 -15.84
C ILE A 792 29.03 -3.63 -16.95
N ASP A 793 30.19 -3.00 -16.92
CA ASP A 793 30.57 -2.04 -17.94
C ASP A 793 30.81 -2.77 -19.26
N ARG A 794 30.51 -2.08 -20.36
CA ARG A 794 30.58 -2.72 -21.67
C ARG A 794 31.96 -2.65 -22.29
N PHE A 795 32.75 -1.64 -21.95
CA PHE A 795 34.11 -1.56 -22.47
C PHE A 795 35.08 -2.37 -21.63
N THR A 796 35.08 -2.15 -20.31
CA THR A 796 36.08 -2.79 -19.47
C THR A 796 35.73 -4.24 -19.20
N GLY A 797 34.45 -4.59 -19.18
CA GLY A 797 34.04 -5.94 -18.88
C GLY A 797 33.93 -6.26 -17.41
N GLY A 798 34.29 -5.33 -16.53
CA GLY A 798 34.18 -5.53 -15.11
C GLY A 798 33.00 -4.77 -14.54
N ALA A 799 32.86 -4.86 -13.21
CA ALA A 799 31.73 -4.24 -12.55
C ALA A 799 31.90 -2.74 -12.50
N LEU A 800 30.78 -2.04 -12.61
CA LEU A 800 30.79 -0.59 -12.43
C LEU A 800 31.05 -0.29 -10.95
N ASP A 801 31.91 0.69 -10.70
CA ASP A 801 32.25 1.03 -9.33
C ASP A 801 31.05 1.66 -8.62
N LYS A 802 30.71 1.08 -7.47
CA LYS A 802 29.58 1.47 -6.63
C LYS A 802 28.26 1.41 -7.40
N ALA A 803 27.92 0.24 -7.91
CA ALA A 803 26.62 -0.03 -8.49
C ALA A 803 25.99 -1.29 -7.92
N LYS A 804 26.60 -1.88 -6.90
CA LYS A 804 26.08 -3.09 -6.31
C LYS A 804 24.83 -2.81 -5.50
N PHE A 805 23.82 -3.68 -5.67
CA PHE A 805 22.62 -3.56 -4.87
C PHE A 805 22.18 -4.96 -4.48
N ASP A 806 21.27 -5.04 -3.52
CA ASP A 806 20.86 -6.32 -2.98
C ASP A 806 19.40 -6.28 -2.57
N THR A 807 18.74 -7.43 -2.71
CA THR A 807 17.34 -7.58 -2.41
C THR A 807 17.17 -8.73 -1.42
N TYR A 808 16.08 -8.66 -0.66
CA TYR A 808 15.68 -9.70 0.29
C TYR A 808 14.27 -10.17 -0.02
N PRO A 809 14.07 -10.97 -1.07
CA PRO A 809 12.74 -11.51 -1.32
C PRO A 809 12.50 -12.81 -0.56
N LEU A 810 11.24 -13.20 -0.52
CA LEU A 810 10.86 -14.46 0.09
C LEU A 810 11.25 -15.62 -0.82
N ALA A 811 11.62 -16.74 -0.22
CA ALA A 811 12.17 -17.87 -0.96
C ALA A 811 11.04 -18.62 -1.64
N GLY A 812 10.87 -18.38 -2.94
CA GLY A 812 9.94 -19.14 -3.76
C GLY A 812 10.72 -20.00 -4.73
N SER A 813 10.35 -21.27 -4.77
CA SER A 813 10.98 -22.26 -5.62
C SER A 813 9.92 -23.00 -6.43
N PRO A 814 10.27 -23.55 -7.60
CA PRO A 814 9.29 -24.31 -8.37
C PRO A 814 8.87 -25.62 -7.72
N LYS A 815 9.64 -26.19 -6.81
CA LYS A 815 9.22 -27.38 -6.09
C LYS A 815 8.79 -27.09 -4.66
N LYS A 816 8.94 -25.85 -4.19
CA LYS A 816 8.39 -25.39 -2.92
C LYS A 816 7.90 -23.97 -3.11
N PRO A 817 6.67 -23.80 -3.55
CA PRO A 817 6.18 -22.46 -3.88
C PRO A 817 5.47 -21.78 -2.72
N LEU A 818 5.43 -20.46 -2.79
CA LEU A 818 4.68 -19.66 -1.84
C LEU A 818 3.20 -19.71 -2.16
N LYS A 819 2.37 -19.67 -1.12
CA LYS A 819 0.92 -19.76 -1.26
C LYS A 819 0.28 -18.57 -0.57
N LEU A 820 -0.31 -17.68 -1.36
CA LEU A 820 -0.97 -16.48 -0.86
C LEU A 820 -2.48 -16.62 -1.01
N LYS A 821 -3.22 -16.26 0.04
CA LYS A 821 -4.67 -16.40 0.05
C LYS A 821 -5.32 -15.04 -0.05
N GLY A 822 -6.24 -14.88 -1.00
CA GLY A 822 -6.87 -13.59 -1.23
C GLY A 822 -8.36 -13.72 -1.48
N ARG A 823 -9.01 -12.57 -1.56
CA ARG A 823 -10.47 -12.50 -1.57
C ARG A 823 -10.92 -11.14 -2.06
N PHE A 824 -11.97 -11.11 -2.89
CA PHE A 824 -12.62 -9.85 -3.23
C PHE A 824 -14.13 -10.01 -3.23
N TRP A 825 -14.82 -8.86 -3.21
CA TRP A 825 -16.28 -8.80 -3.12
C TRP A 825 -16.85 -8.07 -4.33
N ILE A 826 -17.92 -8.63 -4.89
CA ILE A 826 -18.60 -8.13 -6.08
C ILE A 826 -20.00 -7.70 -5.68
N LYS A 827 -20.40 -6.51 -6.14
CA LYS A 827 -21.73 -6.02 -5.82
C LYS A 827 -22.78 -6.63 -6.74
N LYS A 828 -24.01 -6.70 -6.24
CA LYS A 828 -25.12 -7.19 -7.01
C LYS A 828 -25.54 -6.17 -8.07
N GLY A 829 -25.82 -6.66 -9.27
CA GLY A 829 -26.29 -5.79 -10.33
C GLY A 829 -25.37 -5.79 -11.52
N PHE A 830 -24.34 -6.63 -11.46
CA PHE A 830 -23.39 -6.74 -12.54
C PHE A 830 -24.00 -7.50 -13.71
N SER A 831 -23.74 -7.00 -14.92
CA SER A 831 -24.21 -7.68 -16.10
C SER A 831 -23.32 -8.88 -16.43
N GLY A 832 -23.61 -9.52 -17.55
CA GLY A 832 -22.78 -10.64 -17.97
C GLY A 832 -21.44 -10.22 -18.50
N ASP A 833 -21.38 -9.05 -19.15
CA ASP A 833 -20.13 -8.58 -19.74
C ASP A 833 -19.13 -8.18 -18.67
N HIS A 834 -19.59 -7.61 -17.57
CA HIS A 834 -18.67 -7.18 -16.52
C HIS A 834 -18.13 -8.37 -15.74
N LYS A 835 -18.97 -9.39 -15.54
CA LYS A 835 -18.48 -10.64 -14.97
C LYS A 835 -17.48 -11.32 -15.89
N LEU A 836 -17.71 -11.25 -17.20
CA LEU A 836 -16.75 -11.82 -18.15
C LEU A 836 -15.43 -11.06 -18.14
N LEU A 837 -15.49 -9.74 -17.96
CA LEU A 837 -14.27 -8.95 -17.89
C LEU A 837 -13.44 -9.28 -16.65
N ILE A 838 -14.11 -9.43 -15.50
CA ILE A 838 -13.39 -9.77 -14.27
C ILE A 838 -12.83 -11.19 -14.34
N THR A 839 -13.57 -12.12 -14.92
CA THR A 839 -13.07 -13.48 -15.05
C THR A 839 -11.92 -13.58 -16.05
N THR A 840 -11.94 -12.77 -17.11
CA THR A 840 -10.82 -12.73 -18.04
C THR A 840 -9.59 -12.12 -17.39
N ALA A 841 -9.77 -11.14 -16.50
CA ALA A 841 -8.64 -10.61 -15.75
C ALA A 841 -8.04 -11.65 -14.81
N LEU A 842 -8.89 -12.47 -14.19
CA LEU A 842 -8.40 -13.55 -13.33
C LEU A 842 -7.63 -14.59 -14.13
N SER A 843 -8.12 -14.95 -15.32
CA SER A 843 -7.41 -15.89 -16.16
C SER A 843 -6.11 -15.30 -16.71
N ASP A 844 -6.05 -13.98 -16.89
CA ASP A 844 -4.80 -13.36 -17.30
C ASP A 844 -3.79 -13.29 -16.18
N ILE A 845 -4.25 -13.16 -14.93
CA ILE A 845 -3.32 -13.29 -13.80
C ILE A 845 -2.82 -14.73 -13.70
N ARG A 846 -3.68 -15.71 -13.93
CA ARG A 846 -3.29 -17.11 -13.84
C ARG A 846 -2.33 -17.51 -14.95
N ASP A 847 -2.52 -17.01 -16.17
CA ASP A 847 -1.65 -17.34 -17.28
C ASP A 847 -0.27 -16.72 -17.14
N GLY A 848 -0.12 -15.64 -16.37
CA GLY A 848 1.19 -15.12 -16.06
C GLY A 848 1.59 -13.89 -16.82
N LEU A 849 0.67 -13.00 -17.15
CA LEU A 849 1.03 -11.76 -17.81
C LEU A 849 1.36 -10.63 -16.85
N TYR A 850 0.88 -10.70 -15.61
CA TYR A 850 1.07 -9.63 -14.63
C TYR A 850 1.74 -10.21 -13.40
N PRO A 851 3.05 -10.03 -13.24
CA PRO A 851 3.72 -10.50 -12.05
C PRO A 851 3.50 -9.59 -10.86
N LEU A 852 3.53 -10.18 -9.67
CA LEU A 852 3.34 -9.47 -8.42
C LEU A 852 4.66 -8.87 -7.95
N GLY A 853 4.63 -7.61 -7.55
CA GLY A 853 5.79 -7.03 -6.94
C GLY A 853 6.75 -6.42 -7.94
N SER A 854 8.00 -6.28 -7.51
CA SER A 854 9.00 -5.57 -8.28
C SER A 854 10.00 -6.55 -8.90
N LYS A 855 10.80 -6.01 -9.82
CA LYS A 855 11.84 -6.74 -10.55
C LYS A 855 11.28 -7.93 -11.32
N GLY A 856 10.12 -7.74 -11.92
CA GLY A 856 9.48 -8.81 -12.67
C GLY A 856 10.16 -9.14 -13.97
N GLY A 857 10.97 -8.23 -14.50
CA GLY A 857 11.67 -8.49 -15.74
C GLY A 857 12.86 -9.42 -15.60
N VAL A 858 13.38 -9.58 -14.39
CA VAL A 858 14.46 -10.51 -14.14
C VAL A 858 13.98 -11.77 -13.44
N GLY A 859 12.68 -11.93 -13.29
CA GLY A 859 12.11 -13.18 -12.85
C GLY A 859 11.52 -13.23 -11.46
N TYR A 860 11.07 -12.09 -10.93
CA TYR A 860 10.57 -12.03 -9.56
C TYR A 860 9.05 -11.97 -9.55
N GLY A 861 8.43 -12.91 -8.84
CA GLY A 861 6.99 -12.85 -8.65
C GLY A 861 6.17 -13.40 -9.79
N TRP A 862 6.60 -14.49 -10.39
CA TRP A 862 5.88 -15.09 -11.50
C TRP A 862 4.83 -16.07 -10.97
N VAL A 863 3.57 -15.83 -11.32
CA VAL A 863 2.48 -16.65 -10.80
C VAL A 863 2.44 -17.98 -11.55
N ALA A 864 2.57 -19.07 -10.81
CA ALA A 864 2.53 -20.39 -11.39
C ALA A 864 1.13 -20.98 -11.39
N GLY A 865 0.28 -20.61 -10.44
CA GLY A 865 -1.05 -21.19 -10.46
C GLY A 865 -2.04 -20.43 -9.62
N ILE A 866 -3.32 -20.79 -9.79
CA ILE A 866 -4.42 -20.19 -9.05
C ILE A 866 -5.42 -21.29 -8.74
N SER A 867 -5.82 -21.40 -7.47
CA SER A 867 -6.83 -22.36 -7.06
C SER A 867 -8.02 -21.64 -6.44
N ILE A 868 -9.23 -22.11 -6.78
CA ILE A 868 -10.48 -21.48 -6.38
C ILE A 868 -11.30 -22.47 -5.58
N ASP A 869 -11.73 -22.07 -4.38
CA ASP A 869 -12.43 -22.98 -3.48
C ASP A 869 -13.87 -23.19 -3.92
N ASP A 870 -14.58 -24.03 -3.15
CA ASP A 870 -15.89 -24.52 -3.52
C ASP A 870 -17.05 -23.61 -3.12
N ASN A 871 -16.80 -22.53 -2.40
CA ASN A 871 -17.88 -21.66 -1.96
C ASN A 871 -18.23 -20.57 -2.96
N VAL A 872 -17.49 -20.48 -4.06
CA VAL A 872 -17.73 -19.45 -5.07
C VAL A 872 -18.99 -19.81 -5.86
N PRO A 873 -19.85 -18.84 -6.22
CA PRO A 873 -21.01 -19.14 -7.07
C PRO A 873 -20.60 -19.70 -8.42
N ASP A 874 -21.54 -20.42 -9.04
CA ASP A 874 -21.21 -21.33 -10.13
C ASP A 874 -20.85 -20.61 -11.42
N ASP A 875 -21.22 -19.34 -11.57
CA ASP A 875 -20.91 -18.62 -12.81
C ASP A 875 -19.41 -18.35 -12.91
N PHE A 876 -18.78 -17.92 -11.82
CA PHE A 876 -17.33 -17.69 -11.83
C PHE A 876 -16.56 -18.99 -11.98
N LYS A 877 -17.05 -20.09 -11.39
CA LYS A 877 -16.40 -21.38 -11.52
C LYS A 877 -16.50 -21.90 -12.95
N GLU A 878 -17.66 -21.73 -13.59
CA GLU A 878 -17.83 -22.25 -14.93
C GLU A 878 -17.15 -21.37 -15.97
N MET A 879 -16.93 -20.09 -15.65
CA MET A 879 -16.20 -19.26 -16.60
C MET A 879 -14.69 -19.30 -16.37
N ILE A 880 -14.23 -19.66 -15.17
CA ILE A 880 -12.79 -19.83 -14.96
C ILE A 880 -12.31 -21.12 -15.63
N ASN A 881 -13.04 -22.21 -15.44
CA ASN A 881 -12.67 -23.48 -16.04
C ASN A 881 -12.98 -23.50 -17.54
N PRO A 898 12.89 -28.95 -31.32
CA PRO A 898 12.46 -29.14 -32.71
C PRO A 898 12.95 -28.02 -33.63
N ILE A 899 12.97 -26.80 -33.09
CA ILE A 899 13.43 -25.65 -33.87
C ILE A 899 14.95 -25.65 -33.91
N ASN A 900 15.53 -25.72 -35.10
CA ASN A 900 16.97 -25.67 -35.29
C ASN A 900 17.32 -24.53 -36.24
N ASN A 901 18.52 -23.97 -36.08
CA ASN A 901 18.84 -22.82 -36.90
C ASN A 901 19.55 -23.17 -38.20
N ASP A 902 20.44 -24.17 -38.16
CA ASP A 902 21.08 -24.77 -39.33
C ASP A 902 21.89 -23.75 -40.13
N TYR A 903 22.63 -22.91 -39.43
CA TYR A 903 23.52 -21.96 -40.04
C TYR A 903 24.93 -22.18 -39.54
N VAL A 904 25.80 -22.64 -40.43
CA VAL A 904 27.17 -22.98 -40.11
C VAL A 904 28.05 -21.81 -40.51
N HIS A 905 28.67 -21.18 -39.54
CA HIS A 905 29.51 -20.02 -39.80
C HIS A 905 30.91 -20.48 -40.21
N PRO A 906 31.42 -20.00 -41.35
CA PRO A 906 32.82 -20.30 -41.69
C PRO A 906 33.77 -19.52 -40.77
N GLY A 907 34.42 -20.27 -39.88
CA GLY A 907 35.30 -19.68 -38.89
C GLY A 907 36.57 -19.06 -39.45
N HIS A 908 37.38 -18.50 -38.56
CA HIS A 908 38.64 -17.89 -38.96
C HIS A 908 39.63 -18.94 -39.45
N GLN A 909 40.36 -18.60 -40.51
CA GLN A 909 41.24 -19.57 -41.14
C GLN A 909 42.58 -19.69 -40.40
N SER A 910 42.91 -18.72 -39.54
CA SER A 910 44.18 -18.81 -38.82
C SER A 910 44.19 -19.89 -37.75
N PRO A 911 43.15 -20.06 -36.87
CA PRO A 911 43.12 -21.29 -36.08
C PRO A 911 42.36 -22.42 -36.78
N LYS A 912 42.63 -22.59 -38.08
CA LYS A 912 42.03 -23.66 -38.85
C LYS A 912 43.10 -24.29 -39.72
N GLN A 913 44.09 -23.48 -40.09
CA GLN A 913 45.16 -23.95 -40.97
C GLN A 913 46.36 -24.38 -40.17
N ASP A 914 46.40 -24.03 -38.89
CA ASP A 914 47.53 -24.42 -38.05
C ASP A 914 47.44 -25.90 -37.68
N HIS A 915 46.37 -26.27 -36.97
CA HIS A 915 45.93 -27.66 -36.70
C HIS A 915 47.01 -28.57 -36.09
N LYS A 916 47.98 -27.95 -35.42
CA LYS A 916 48.95 -28.67 -34.61
C LYS A 916 49.02 -28.00 -33.24
N ASN A 917 48.27 -26.90 -33.11
CA ASN A 917 48.07 -26.15 -31.87
C ASN A 917 49.39 -25.58 -31.33
N LYS A 918 50.08 -24.82 -32.18
CA LYS A 918 51.30 -24.12 -31.77
C LYS A 918 51.08 -22.64 -31.54
N ASN A 919 49.97 -22.09 -32.00
CA ASN A 919 49.70 -20.66 -31.87
C ASN A 919 49.14 -20.36 -30.48
N ILE A 920 49.32 -19.10 -30.07
CA ILE A 920 48.77 -18.61 -28.81
C ILE A 920 47.94 -17.36 -29.12
N TYR A 921 46.72 -17.32 -28.63
CA TYR A 921 45.80 -16.23 -28.88
C TYR A 921 45.51 -15.47 -27.59
N TYR A 922 44.94 -14.33 -27.73
CA TYR A 922 44.56 -13.47 -26.63
C TYR A 922 43.13 -13.77 -26.18
N PRO A 923 42.87 -13.80 -24.88
CA PRO A 923 41.57 -14.29 -24.41
C PRO A 923 40.41 -13.32 -24.51
N HIS A 924 40.64 -12.05 -24.81
CA HIS A 924 39.53 -11.15 -25.08
C HIS A 924 39.88 -10.24 -26.25
N TYR A 925 38.87 -9.91 -27.03
CA TYR A 925 39.02 -9.00 -28.14
C TYR A 925 37.94 -7.93 -28.07
N PHE A 926 38.04 -6.97 -28.97
CA PHE A 926 37.20 -5.79 -28.97
C PHE A 926 36.44 -5.67 -30.29
N LEU A 927 35.21 -5.21 -30.21
CA LEU A 927 34.34 -5.03 -31.36
C LEU A 927 34.07 -3.54 -31.58
N ASP A 928 34.13 -3.10 -32.83
CA ASP A 928 34.11 -1.68 -33.16
C ASP A 928 33.12 -1.44 -34.31
N SER A 929 31.88 -1.13 -33.97
CA SER A 929 30.95 -0.50 -34.89
C SER A 929 30.89 0.98 -34.57
N GLY A 930 31.04 1.81 -35.60
CA GLY A 930 31.61 3.12 -35.39
C GLY A 930 30.84 4.19 -34.63
N SER A 931 29.84 4.81 -35.24
CA SER A 931 29.21 5.94 -34.55
C SER A 931 27.70 5.98 -34.71
N LYS A 932 27.18 5.34 -35.74
CA LYS A 932 25.79 5.57 -36.13
C LYS A 932 24.85 4.73 -35.29
N VAL A 933 23.97 5.41 -34.54
CA VAL A 933 22.87 4.77 -33.83
C VAL A 933 21.57 5.36 -34.37
N TYR A 934 20.51 4.57 -34.34
CA TYR A 934 19.22 4.99 -34.87
C TYR A 934 18.24 5.11 -33.72
N ARG A 935 17.80 6.33 -33.44
CA ARG A 935 16.94 6.62 -32.30
C ARG A 935 15.52 6.89 -32.77
N GLU A 936 14.61 6.00 -32.42
CA GLU A 936 13.22 6.12 -32.81
C GLU A 936 12.46 7.01 -31.84
N LYS A 937 11.67 7.94 -32.38
CA LYS A 937 10.94 8.88 -31.56
C LYS A 937 9.48 8.51 -31.34
N ASP A 938 8.97 7.49 -32.02
CA ASP A 938 7.62 7.00 -31.76
C ASP A 938 7.72 5.72 -30.95
N ILE A 939 7.50 5.86 -29.64
CA ILE A 939 7.70 4.77 -28.70
C ILE A 939 6.43 3.92 -28.65
N ILE A 940 6.60 2.60 -28.71
CA ILE A 940 5.47 1.70 -28.51
C ILE A 940 5.04 1.76 -27.06
N THR A 941 3.75 1.94 -26.83
CA THR A 941 3.21 2.17 -25.50
C THR A 941 2.64 0.89 -24.90
N HIS A 942 2.43 0.92 -23.59
CA HIS A 942 1.91 -0.19 -22.83
C HIS A 942 0.43 -0.06 -22.50
N GLU A 943 -0.27 0.87 -23.15
CA GLU A 943 -1.65 1.13 -22.78
C GLU A 943 -2.59 0.06 -23.28
N GLU A 944 -2.31 -0.53 -24.44
CA GLU A 944 -3.23 -1.47 -25.04
C GLU A 944 -2.44 -2.56 -25.73
N PHE A 945 -3.12 -3.63 -26.10
CA PHE A 945 -2.56 -4.73 -26.87
C PHE A 945 -2.88 -4.44 -28.33
N THR A 946 -1.89 -3.93 -29.06
CA THR A 946 -2.12 -3.48 -30.43
C THR A 946 -2.27 -4.68 -31.36
N GLU A 947 -3.00 -4.47 -32.46
CA GLU A 947 -3.41 -5.57 -33.32
C GLU A 947 -2.28 -5.98 -34.27
N GLU A 948 -1.48 -5.04 -34.74
CA GLU A 948 -0.43 -5.39 -35.69
C GLU A 948 0.84 -5.91 -35.01
N LEU A 949 0.86 -6.00 -33.69
CA LEU A 949 2.05 -6.39 -32.96
C LEU A 949 1.85 -7.77 -32.33
N LEU A 950 2.92 -8.34 -31.79
CA LEU A 950 2.95 -9.71 -31.30
C LEU A 950 3.21 -9.75 -29.81
N SER A 951 2.74 -10.83 -29.17
CA SER A 951 2.92 -11.06 -27.73
C SER A 951 2.85 -12.55 -27.45
N GLY A 952 3.75 -13.05 -26.62
CA GLY A 952 3.74 -14.47 -26.31
C GLY A 952 4.88 -14.90 -25.39
N LYS A 953 5.25 -16.17 -25.52
CA LYS A 953 6.32 -16.74 -24.69
C LYS A 953 7.17 -17.71 -25.50
N ILE A 954 8.43 -17.82 -25.10
CA ILE A 954 9.41 -18.72 -25.70
C ILE A 954 9.94 -19.62 -24.60
N ASN A 955 9.81 -20.93 -24.79
CA ASN A 955 10.38 -21.92 -23.89
C ASN A 955 11.70 -22.39 -24.46
N CYS A 956 12.78 -22.21 -23.70
CA CYS A 956 14.14 -22.44 -24.15
C CYS A 956 14.89 -23.34 -23.18
N LYS A 957 15.89 -24.03 -23.71
CA LYS A 957 16.74 -24.92 -22.95
C LYS A 957 18.20 -24.54 -23.15
N LEU A 958 18.98 -24.70 -22.08
CA LEU A 958 20.35 -24.23 -22.01
C LEU A 958 21.27 -25.40 -21.69
N GLU A 959 22.31 -25.58 -22.50
CA GLU A 959 23.21 -26.71 -22.38
C GLU A 959 24.64 -26.21 -22.22
N THR A 960 25.34 -26.76 -21.24
CA THR A 960 26.69 -26.33 -20.90
C THR A 960 27.71 -27.14 -21.71
N LEU A 961 28.48 -26.45 -22.54
CA LEU A 961 29.53 -27.07 -23.34
C LEU A 961 30.87 -27.13 -22.62
N THR A 962 31.06 -26.27 -21.63
CA THR A 962 32.26 -26.15 -20.83
C THR A 962 31.74 -26.04 -19.39
N PRO A 963 32.55 -26.32 -18.36
CA PRO A 963 32.08 -26.14 -16.98
C PRO A 963 31.61 -24.72 -16.66
N LEU A 964 30.67 -24.65 -15.72
CA LEU A 964 29.92 -23.43 -15.42
C LEU A 964 29.99 -23.12 -13.93
N ILE A 965 30.26 -21.86 -13.60
CA ILE A 965 30.35 -21.38 -12.22
C ILE A 965 29.36 -20.23 -12.05
N ILE A 966 28.33 -20.43 -11.25
CA ILE A 966 27.44 -19.37 -10.80
C ILE A 966 27.48 -19.35 -9.28
N PRO A 967 28.09 -18.33 -8.69
CA PRO A 967 28.30 -18.33 -7.24
C PRO A 967 27.09 -17.79 -6.48
N ASP A 968 27.02 -18.12 -5.18
CA ASP A 968 25.99 -17.62 -4.26
C ASP A 968 26.77 -16.74 -3.39
N THR A 969 26.86 -15.48 -3.72
CA THR A 969 27.76 -14.58 -3.05
C THR A 969 27.29 -13.98 -1.74
N SER A 970 26.28 -14.56 -1.14
CA SER A 970 25.85 -14.11 0.16
C SER A 970 26.94 -14.51 1.09
N ASP A 971 27.03 -15.79 1.40
CA ASP A 971 28.07 -16.31 2.26
C ASP A 971 29.39 -16.40 1.58
N GLU A 972 30.43 -15.89 2.22
CA GLU A 972 31.79 -15.94 1.65
C GLU A 972 32.56 -17.06 2.31
N ASN A 973 31.85 -18.02 2.88
CA ASN A 973 32.45 -19.16 3.56
C ASN A 973 31.41 -20.27 3.55
N GLY A 974 30.97 -20.72 2.39
CA GLY A 974 29.87 -21.69 2.38
C GLY A 974 30.25 -23.13 2.22
N LEU A 975 31.51 -23.41 1.95
CA LEU A 975 32.03 -24.74 1.76
C LEU A 975 32.83 -25.00 3.03
N LYS A 976 32.87 -24.06 3.95
CA LYS A 976 33.53 -24.17 5.27
C LYS A 976 35.03 -24.46 5.30
N LEU A 977 35.83 -23.58 4.73
CA LEU A 977 37.26 -23.81 4.65
C LEU A 977 38.03 -22.66 5.24
N GLN A 978 37.36 -21.67 5.79
CA GLN A 978 38.05 -20.53 6.35
C GLN A 978 38.49 -20.77 7.78
N GLY A 979 38.11 -21.88 8.42
CA GLY A 979 38.69 -22.11 9.74
C GLY A 979 40.19 -21.99 9.71
N ASN A 980 40.84 -22.90 9.00
CA ASN A 980 42.19 -22.66 8.52
C ASN A 980 42.13 -21.81 7.26
N LYS A 981 43.30 -21.34 6.82
CA LYS A 981 43.47 -20.31 5.80
C LYS A 981 42.43 -19.18 5.85
N PRO A 982 42.51 -18.30 6.85
CA PRO A 982 41.48 -17.27 6.99
C PRO A 982 41.60 -16.19 5.92
N GLY A 983 40.46 -15.69 5.48
CA GLY A 983 40.41 -14.74 4.40
C GLY A 983 40.21 -15.36 3.03
N HIS A 984 39.86 -16.64 2.96
CA HIS A 984 39.70 -17.35 1.70
C HIS A 984 38.22 -17.40 1.36
N LYS A 985 37.84 -16.69 0.30
CA LYS A 985 36.46 -16.73 -0.14
C LYS A 985 36.18 -18.05 -0.83
N ASN A 986 35.16 -18.76 -0.34
CA ASN A 986 34.73 -19.97 -1.01
C ASN A 986 33.20 -20.00 -1.00
N TYR A 987 32.64 -20.42 -2.12
CA TYR A 987 31.22 -20.27 -2.40
C TYR A 987 30.61 -21.60 -2.79
N LYS A 988 29.28 -21.64 -2.77
CA LYS A 988 28.51 -22.75 -3.30
C LYS A 988 27.82 -22.31 -4.58
N PHE A 989 27.16 -23.25 -5.24
CA PHE A 989 26.37 -22.90 -6.41
C PHE A 989 25.09 -22.23 -5.97
N PHE A 990 24.47 -21.50 -6.89
CA PHE A 990 23.28 -20.74 -6.56
C PHE A 990 22.09 -21.68 -6.37
N ASN A 991 21.44 -21.57 -5.22
CA ASN A 991 20.31 -22.44 -4.93
C ASN A 991 19.29 -21.71 -4.07
N ILE A 992 18.02 -21.97 -4.36
CA ILE A 992 16.90 -21.62 -3.50
C ILE A 992 16.32 -22.93 -2.99
N ASN A 993 16.37 -23.12 -1.66
CA ASN A 993 15.78 -24.27 -0.95
C ASN A 993 16.40 -25.61 -1.37
N GLY A 994 17.66 -25.61 -1.77
CA GLY A 994 18.32 -26.84 -2.14
C GLY A 994 18.16 -27.25 -3.59
N GLU A 995 17.76 -26.34 -4.47
CA GLU A 995 17.58 -26.64 -5.89
C GLU A 995 18.42 -25.70 -6.72
N LEU A 996 19.26 -26.26 -7.58
CA LEU A 996 20.23 -25.47 -8.33
C LEU A 996 19.53 -24.66 -9.43
N MET A 997 19.79 -23.35 -9.44
CA MET A 997 19.15 -22.44 -10.36
C MET A 997 20.17 -21.45 -10.90
N ILE A 998 19.81 -20.83 -12.02
CA ILE A 998 20.55 -19.72 -12.60
C ILE A 998 19.65 -18.50 -12.53
N PRO A 999 20.13 -17.34 -12.07
CA PRO A 999 19.25 -16.17 -11.98
C PRO A 999 18.89 -15.61 -13.34
N GLY A 1000 17.77 -14.89 -13.38
CA GLY A 1000 17.30 -14.31 -14.62
C GLY A 1000 18.05 -13.06 -15.04
N SER A 1001 18.67 -12.37 -14.09
CA SER A 1001 19.43 -11.17 -14.40
C SER A 1001 20.67 -11.49 -15.22
N GLU A 1002 21.28 -12.65 -14.99
CA GLU A 1002 22.45 -13.05 -15.76
C GLU A 1002 22.10 -13.32 -17.22
N LEU A 1003 21.01 -14.05 -17.45
CA LEU A 1003 20.54 -14.34 -18.79
C LEU A 1003 20.11 -13.07 -19.51
N ARG A 1004 19.46 -12.16 -18.78
CA ARG A 1004 19.03 -10.90 -19.38
C ARG A 1004 20.21 -10.03 -19.76
N GLY A 1005 21.23 -9.96 -18.91
CA GLY A 1005 22.39 -9.14 -19.24
C GLY A 1005 23.20 -9.70 -20.40
N MET A 1006 23.31 -11.04 -20.47
CA MET A 1006 23.98 -11.68 -21.60
C MET A 1006 23.26 -11.41 -22.91
N LEU A 1007 21.95 -11.60 -22.93
CA LEU A 1007 21.18 -11.35 -24.14
C LEU A 1007 21.12 -9.88 -24.51
N ARG A 1008 21.17 -8.99 -23.51
CA ARG A 1008 21.15 -7.57 -23.81
C ARG A 1008 22.47 -7.12 -24.41
N THR A 1009 23.59 -7.65 -23.91
CA THR A 1009 24.88 -7.33 -24.51
C THR A 1009 24.98 -7.84 -25.94
N HIS A 1010 24.45 -9.04 -26.20
CA HIS A 1010 24.45 -9.56 -27.57
C HIS A 1010 23.54 -8.75 -28.49
N PHE A 1011 22.35 -8.37 -28.02
CA PHE A 1011 21.42 -7.60 -28.84
C PHE A 1011 21.94 -6.20 -29.08
N GLU A 1012 22.66 -5.63 -28.13
CA GLU A 1012 23.21 -4.30 -28.30
C GLU A 1012 24.37 -4.32 -29.28
N ALA A 1013 25.17 -5.38 -29.25
CA ALA A 1013 26.27 -5.44 -30.19
C ALA A 1013 25.80 -5.83 -31.58
N LEU A 1014 24.63 -6.44 -31.69
CA LEU A 1014 24.13 -6.86 -33.01
C LEU A 1014 23.54 -5.70 -33.78
N THR A 1015 22.83 -4.81 -33.10
CA THR A 1015 22.03 -3.78 -33.76
C THR A 1015 22.60 -2.38 -33.63
N LYS A 1016 23.87 -2.25 -33.22
CA LYS A 1016 24.57 -0.98 -33.05
C LYS A 1016 23.84 -0.04 -32.10
N SER A 1017 23.67 -0.50 -30.87
CA SER A 1017 22.98 0.27 -29.85
C SER A 1017 24.00 1.04 -29.02
N CYS A 1018 23.49 1.86 -28.11
CA CYS A 1018 24.35 2.66 -27.26
C CYS A 1018 24.98 1.80 -26.19
N PHE A 1019 26.00 2.35 -25.53
CA PHE A 1019 26.57 1.72 -24.36
C PHE A 1019 25.67 2.03 -23.18
N ALA A 1020 24.89 1.05 -22.72
CA ALA A 1020 23.88 1.33 -21.71
C ALA A 1020 24.52 1.56 -20.35
N ILE A 1021 25.49 0.72 -19.98
CA ILE A 1021 26.19 0.82 -18.72
C ILE A 1021 27.63 1.18 -19.02
N PHE A 1022 28.05 2.38 -18.62
CA PHE A 1022 29.35 2.90 -18.99
C PHE A 1022 29.87 3.81 -17.89
N GLY A 1023 31.11 3.59 -17.47
CA GLY A 1023 31.73 4.47 -16.49
C GLY A 1023 32.41 5.66 -17.11
N GLU A 1024 32.07 6.86 -16.66
CA GLU A 1024 32.55 8.09 -17.29
C GLU A 1024 33.54 8.86 -16.46
N ASP A 1025 33.52 8.71 -15.13
CA ASP A 1025 34.30 9.59 -14.27
C ASP A 1025 35.78 9.19 -14.25
N SER A 1026 36.08 7.96 -14.64
CA SER A 1026 37.44 7.45 -14.51
C SER A 1026 38.35 8.09 -15.54
N THR A 1027 39.59 8.36 -15.15
CA THR A 1027 40.55 9.06 -15.98
C THR A 1027 41.81 8.22 -16.09
N LEU A 1028 42.36 8.14 -17.30
CA LEU A 1028 43.54 7.34 -17.55
C LEU A 1028 44.78 8.06 -17.07
N SER A 1029 45.87 7.32 -16.90
CA SER A 1029 47.17 7.86 -16.54
C SER A 1029 48.23 6.85 -16.93
N TRP A 1030 49.17 7.25 -17.78
CA TRP A 1030 50.23 6.36 -18.22
C TRP A 1030 51.52 6.58 -17.44
N LYS A 1389 52.65 10.00 -16.24
CA LYS A 1389 52.16 11.12 -17.06
C LYS A 1389 50.65 11.12 -16.98
N CYS A 1390 50.05 12.30 -16.86
CA CYS A 1390 48.61 12.42 -16.73
C CYS A 1390 47.97 12.41 -18.12
N ALA A 1391 46.70 12.79 -18.20
CA ALA A 1391 45.93 12.66 -19.42
C ALA A 1391 45.13 13.92 -19.71
N SER A 1392 44.45 13.86 -20.85
CA SER A 1392 43.49 14.86 -21.28
C SER A 1392 42.10 14.47 -20.74
N LYS A 1393 41.00 14.93 -21.33
CA LYS A 1393 39.64 14.67 -20.86
C LYS A 1393 39.35 13.20 -20.62
N THR A 1394 38.38 12.94 -19.75
CA THR A 1394 38.16 11.62 -19.18
C THR A 1394 37.61 10.64 -20.21
N LEU A 1395 37.53 9.38 -19.82
CA LEU A 1395 37.14 8.36 -20.79
C LEU A 1395 35.64 8.34 -21.05
N GLY A 1396 34.86 9.16 -20.37
CA GLY A 1396 33.52 9.47 -20.85
C GLY A 1396 33.54 10.46 -22.00
N GLY A 1397 34.53 11.35 -22.02
CA GLY A 1397 34.67 12.29 -23.11
C GLY A 1397 35.39 11.76 -24.32
N LYS A 1398 36.09 10.63 -24.19
CA LYS A 1398 36.71 10.01 -25.35
C LYS A 1398 35.69 9.31 -26.23
N LEU A 1399 34.57 8.90 -25.66
CA LEU A 1399 33.52 8.25 -26.42
C LEU A 1399 32.79 9.25 -27.29
N ASP A 1400 32.18 8.74 -28.36
CA ASP A 1400 31.38 9.57 -29.23
C ASP A 1400 30.08 9.96 -28.54
N LYS A 1401 29.45 11.02 -29.05
CA LYS A 1401 28.25 11.53 -28.41
C LYS A 1401 27.04 10.66 -28.69
N ALA A 1402 27.06 9.93 -29.80
CA ALA A 1402 25.91 9.09 -30.13
C ALA A 1402 25.89 7.82 -29.31
N LEU A 1403 27.04 7.39 -28.79
CA LEU A 1403 27.14 6.16 -28.03
C LEU A 1403 26.94 6.38 -26.54
N HIS A 1404 26.62 7.59 -26.11
CA HIS A 1404 26.30 7.86 -24.74
C HIS A 1404 24.94 7.25 -24.39
N PRO A 1405 24.70 6.94 -23.11
CA PRO A 1405 23.43 6.30 -22.76
C PRO A 1405 22.23 7.22 -22.95
N CYS A 1406 21.09 6.62 -23.26
CA CYS A 1406 19.87 7.38 -23.51
C CYS A 1406 19.34 7.97 -22.22
N THR A 1407 19.05 9.26 -22.24
CA THR A 1407 18.46 9.95 -21.10
C THR A 1407 17.20 10.68 -21.54
N GLY A 1408 16.06 10.19 -21.09
CA GLY A 1408 14.79 10.79 -21.44
C GLY A 1408 14.23 10.25 -22.75
N LEU A 1409 12.95 10.55 -22.96
CA LEU A 1409 12.25 10.14 -24.17
C LEU A 1409 12.16 11.24 -25.21
N SER A 1410 12.82 12.37 -25.00
CA SER A 1410 12.70 13.49 -25.92
C SER A 1410 13.57 13.30 -27.16
N ASP A 1411 14.78 12.78 -26.97
CA ASP A 1411 15.70 12.56 -28.09
C ASP A 1411 15.56 11.19 -28.73
N GLY A 1412 14.59 10.39 -28.31
CA GLY A 1412 14.40 9.07 -28.89
C GLY A 1412 15.02 7.97 -28.04
N LEU A 1413 14.97 6.77 -28.58
CA LEU A 1413 15.54 5.60 -27.92
C LEU A 1413 16.25 4.71 -28.93
N CYS A 1414 17.40 4.17 -28.51
CA CYS A 1414 18.13 3.19 -29.30
C CYS A 1414 17.34 1.89 -29.34
N PRO A 1415 17.64 0.97 -30.28
CA PRO A 1415 16.91 -0.31 -30.32
C PRO A 1415 17.04 -1.15 -29.07
N GLY A 1416 18.20 -1.17 -28.43
CA GLY A 1416 18.36 -1.92 -27.20
C GLY A 1416 17.58 -1.31 -26.04
N CYS A 1417 17.56 0.02 -25.96
CA CYS A 1417 16.80 0.66 -24.91
C CYS A 1417 15.31 0.66 -25.22
N HIS A 1418 14.95 0.53 -26.49
CA HIS A 1418 13.54 0.42 -26.85
C HIS A 1418 12.99 -0.96 -26.59
N LEU A 1419 13.81 -2.00 -26.68
CA LEU A 1419 13.31 -3.34 -26.43
C LEU A 1419 13.49 -3.77 -24.97
N PHE A 1420 14.60 -3.40 -24.34
CA PHE A 1420 14.89 -3.85 -22.99
C PHE A 1420 14.56 -2.83 -21.91
N GLY A 1421 14.43 -1.55 -22.26
CA GLY A 1421 13.95 -0.57 -21.31
C GLY A 1421 15.03 0.40 -20.86
N THR A 1422 14.57 1.40 -20.10
CA THR A 1422 15.44 2.38 -19.51
C THR A 1422 14.81 2.84 -18.21
N THR A 1423 15.30 3.95 -17.65
CA THR A 1423 14.78 4.45 -16.38
C THR A 1423 13.42 5.11 -16.54
N ASP A 1424 13.12 5.59 -17.75
CA ASP A 1424 11.86 6.30 -18.00
C ASP A 1424 10.88 5.50 -18.83
N TYR A 1425 11.19 4.24 -19.13
CA TYR A 1425 10.35 3.45 -20.02
C TYR A 1425 10.54 1.98 -19.69
N LYS A 1426 9.45 1.26 -19.47
CA LYS A 1426 9.56 -0.15 -19.13
C LYS A 1426 9.92 -0.97 -20.36
N GLY A 1427 10.70 -2.01 -20.15
CA GLY A 1427 11.03 -2.91 -21.22
C GLY A 1427 9.87 -3.80 -21.58
N ARG A 1428 10.00 -4.45 -22.73
CA ARG A 1428 8.94 -5.29 -23.26
C ARG A 1428 9.31 -6.76 -23.26
N VAL A 1429 10.43 -7.14 -22.63
CA VAL A 1429 10.86 -8.52 -22.53
C VAL A 1429 11.11 -8.85 -21.06
N LYS A 1430 10.74 -10.06 -20.66
CA LYS A 1430 10.92 -10.53 -19.29
C LYS A 1430 11.58 -11.90 -19.29
N PHE A 1431 12.68 -12.02 -18.55
CA PHE A 1431 13.45 -13.24 -18.46
C PHE A 1431 13.23 -13.91 -17.12
N GLY A 1432 13.05 -15.23 -17.13
CA GLY A 1432 12.75 -15.94 -15.91
C GLY A 1432 13.93 -16.71 -15.36
N PHE A 1433 13.71 -17.29 -14.18
CA PHE A 1433 14.74 -18.10 -13.54
C PHE A 1433 14.85 -19.45 -14.23
N ALA A 1434 16.06 -19.96 -14.34
CA ALA A 1434 16.31 -21.23 -15.02
C ALA A 1434 16.44 -22.34 -14.00
N LYS A 1435 15.85 -23.49 -14.27
CA LYS A 1435 15.92 -24.61 -13.36
C LYS A 1435 16.70 -25.76 -13.98
N TYR A 1436 17.49 -26.43 -13.13
CA TYR A 1436 18.26 -27.58 -13.55
C TYR A 1436 17.35 -28.78 -13.69
N GLU A 1437 17.55 -29.58 -14.75
CA GLU A 1437 16.65 -30.72 -14.89
C GLU A 1437 17.29 -32.04 -15.28
N ASN A 1438 18.48 -32.07 -15.87
CA ASN A 1438 18.92 -33.31 -16.50
C ASN A 1438 20.43 -33.32 -16.54
N GLY A 1439 20.99 -34.53 -16.58
CA GLY A 1439 22.40 -34.73 -16.84
C GLY A 1439 23.20 -35.02 -15.60
N PRO A 1440 24.53 -34.97 -15.73
CA PRO A 1440 25.40 -35.13 -14.56
C PRO A 1440 25.42 -33.89 -13.69
N GLU A 1441 26.24 -33.91 -12.66
CA GLU A 1441 26.49 -32.70 -11.88
C GLU A 1441 27.86 -32.86 -11.23
N TRP A 1442 28.41 -31.71 -10.81
CA TRP A 1442 29.58 -31.66 -9.95
C TRP A 1442 30.82 -32.33 -10.52
N LEU A 1443 31.49 -31.67 -11.47
CA LEU A 1443 32.80 -32.08 -11.96
C LEU A 1443 33.76 -32.44 -10.83
N ILE A 1444 34.15 -33.72 -10.75
CA ILE A 1444 34.86 -34.25 -9.60
C ILE A 1444 36.35 -34.21 -9.86
N THR A 1445 37.09 -33.63 -8.92
CA THR A 1445 38.54 -33.71 -8.88
C THR A 1445 38.93 -34.63 -7.74
N ARG A 1446 39.98 -35.43 -7.96
CA ARG A 1446 40.33 -36.50 -7.02
C ARG A 1446 40.91 -35.95 -5.72
N GLY A 1447 42.02 -35.22 -5.81
CA GLY A 1447 42.62 -34.71 -4.60
C GLY A 1447 42.20 -33.29 -4.27
N ASN A 1448 41.17 -33.15 -3.45
CA ASN A 1448 40.62 -31.86 -3.07
C ASN A 1448 39.77 -32.06 -1.82
N ASN A 1449 39.52 -30.97 -1.09
CA ASN A 1449 38.90 -31.12 0.23
C ASN A 1449 37.41 -31.42 0.13
N PRO A 1450 36.61 -30.77 -0.75
CA PRO A 1450 35.43 -31.48 -1.27
C PRO A 1450 35.78 -32.14 -2.60
N GLU A 1451 35.01 -33.13 -3.04
CA GLU A 1451 35.31 -33.75 -4.33
C GLU A 1451 34.96 -32.83 -5.47
N ARG A 1452 34.03 -31.90 -5.23
CA ARG A 1452 33.77 -30.74 -6.08
C ARG A 1452 34.78 -29.64 -5.82
N SER A 1453 34.44 -28.41 -6.22
CA SER A 1453 35.07 -27.18 -5.75
C SER A 1453 36.54 -27.06 -6.17
N LEU A 1454 36.73 -26.84 -7.46
CA LEU A 1454 38.01 -26.36 -7.98
C LEU A 1454 38.40 -25.03 -7.33
N THR A 1455 39.71 -24.83 -7.19
CA THR A 1455 40.26 -23.59 -6.69
C THR A 1455 40.76 -22.76 -7.86
N LEU A 1456 40.19 -21.58 -8.03
CA LEU A 1456 40.42 -20.80 -9.24
C LEU A 1456 41.77 -20.08 -9.18
N GLY A 1457 42.11 -19.41 -10.27
CA GLY A 1457 43.29 -18.59 -10.32
C GLY A 1457 43.01 -17.19 -9.83
N VAL A 1458 43.88 -16.28 -10.22
CA VAL A 1458 43.73 -14.89 -9.83
C VAL A 1458 42.91 -14.17 -10.88
N LEU A 1459 41.90 -13.43 -10.44
CA LEU A 1459 40.97 -12.73 -11.33
C LEU A 1459 41.04 -11.26 -10.97
N GLU A 1460 42.02 -10.56 -11.54
CA GLU A 1460 42.34 -9.20 -11.14
C GLU A 1460 41.69 -8.19 -12.07
N SER A 1461 41.68 -6.94 -11.63
CA SER A 1461 40.85 -5.89 -12.20
C SER A 1461 41.31 -5.54 -13.61
N PRO A 1462 40.37 -5.31 -14.53
CA PRO A 1462 40.76 -5.05 -15.92
C PRO A 1462 41.29 -3.64 -16.11
N ARG A 1463 42.38 -3.53 -16.86
CA ARG A 1463 43.10 -2.28 -16.97
C ARG A 1463 42.86 -1.66 -18.34
N PRO A 1464 42.19 -0.51 -18.42
CA PRO A 1464 41.93 0.10 -19.73
C PRO A 1464 43.12 0.80 -20.36
N ALA A 1465 44.28 0.82 -19.73
CA ALA A 1465 45.42 1.50 -20.32
C ALA A 1465 46.11 0.67 -21.40
N PHE A 1466 45.72 -0.57 -21.60
CA PHE A 1466 46.36 -1.39 -22.63
C PHE A 1466 45.77 -1.10 -24.00
N SER A 1467 44.50 -0.67 -24.04
CA SER A 1467 43.79 -0.46 -25.29
C SER A 1467 43.77 0.99 -25.74
N ILE A 1468 44.03 1.94 -24.85
CA ILE A 1468 44.12 3.36 -25.18
C ILE A 1468 45.51 3.85 -24.79
N PRO A 1469 46.55 3.51 -25.53
CA PRO A 1469 47.90 3.82 -25.04
C PRO A 1469 48.51 5.12 -25.54
N ASP A 1470 47.74 6.22 -25.54
CA ASP A 1470 48.15 7.58 -25.89
C ASP A 1470 47.01 8.55 -25.72
N ASP A 1471 47.25 9.84 -25.92
CA ASP A 1471 46.19 10.83 -25.78
C ASP A 1471 45.20 10.78 -26.93
N GLU A 1472 45.60 10.28 -28.10
CA GLU A 1472 44.70 10.02 -29.21
C GLU A 1472 44.10 8.62 -29.06
N SER A 1473 43.56 8.06 -30.15
CA SER A 1473 43.15 6.65 -30.26
C SER A 1473 42.03 6.30 -29.27
N GLU A 1474 40.83 6.79 -29.59
CA GLU A 1474 39.63 6.60 -28.78
C GLU A 1474 39.20 5.15 -28.59
N ILE A 1475 38.14 4.97 -27.82
CA ILE A 1475 37.65 3.72 -27.23
C ILE A 1475 37.39 2.64 -28.27
N PRO A 1476 37.98 1.47 -28.14
CA PRO A 1476 37.82 0.44 -29.18
C PRO A 1476 36.61 -0.45 -29.01
N GLY A 1477 35.47 0.10 -28.65
CA GLY A 1477 34.26 -0.70 -28.69
C GLY A 1477 34.11 -1.69 -27.55
N ARG A 1478 33.23 -2.66 -27.77
CA ARG A 1478 32.83 -3.60 -26.74
C ARG A 1478 33.88 -4.70 -26.57
N LYS A 1479 33.74 -5.46 -25.49
CA LYS A 1479 34.73 -6.46 -25.12
C LYS A 1479 34.07 -7.83 -25.05
N PHE A 1480 34.68 -8.82 -25.71
CA PHE A 1480 34.14 -10.16 -25.75
C PHE A 1480 35.24 -11.16 -25.48
N TYR A 1481 34.86 -12.32 -24.95
CA TYR A 1481 35.79 -13.36 -24.55
C TYR A 1481 35.67 -14.56 -25.49
N LEU A 1482 36.73 -15.36 -25.52
CA LEU A 1482 36.88 -16.44 -26.47
C LEU A 1482 36.53 -17.78 -25.84
N HIS A 1483 36.23 -18.75 -26.69
CA HIS A 1483 35.83 -20.09 -26.25
C HIS A 1483 37.02 -21.04 -26.37
N HIS A 1484 37.43 -21.61 -25.25
CA HIS A 1484 38.56 -22.52 -25.24
C HIS A 1484 38.47 -23.42 -24.02
N ASN A 1485 39.18 -24.53 -24.10
CA ASN A 1485 39.25 -25.48 -22.99
C ASN A 1485 40.49 -25.21 -22.12
N GLY A 1486 40.60 -23.97 -21.67
CA GLY A 1486 41.70 -23.62 -20.80
C GLY A 1486 41.50 -24.00 -19.35
N TRP A 1487 40.32 -24.53 -19.01
CA TRP A 1487 40.05 -24.97 -17.65
C TRP A 1487 40.76 -26.25 -17.31
N ARG A 1488 41.23 -27.00 -18.31
CA ARG A 1488 41.91 -28.26 -18.07
C ARG A 1488 43.24 -28.02 -17.35
N ILE A 1489 43.95 -26.96 -17.72
CA ILE A 1489 45.20 -26.67 -17.05
C ILE A 1489 44.97 -26.06 -15.67
N ILE A 1490 43.79 -25.49 -15.40
CA ILE A 1490 43.47 -25.10 -14.03
C ILE A 1490 43.18 -26.34 -13.20
N ARG A 1491 42.48 -27.30 -13.80
CA ARG A 1491 42.11 -28.53 -13.11
C ARG A 1491 43.33 -29.41 -12.81
N GLN A 1492 44.35 -29.36 -13.66
CA GLN A 1492 45.50 -30.24 -13.48
C GLN A 1492 46.39 -29.78 -12.34
N LYS A 1493 46.86 -28.53 -12.38
CA LYS A 1493 47.82 -28.08 -11.36
C LYS A 1493 47.12 -27.45 -10.15
N GLN A 1494 46.26 -28.23 -9.50
CA GLN A 1494 45.58 -27.75 -8.30
C GLN A 1494 46.55 -27.70 -7.12
N LEU A 1495 47.52 -28.61 -7.08
CA LEU A 1495 48.56 -28.53 -6.05
C LEU A 1495 49.49 -27.35 -6.27
N GLU A 1496 49.80 -27.03 -7.52
CA GLU A 1496 50.56 -25.83 -7.82
C GLU A 1496 49.77 -24.57 -7.53
N ILE A 1497 48.44 -24.65 -7.50
CA ILE A 1497 47.63 -23.46 -7.22
C ILE A 1497 47.48 -23.26 -5.73
N ARG A 1498 47.19 -24.31 -4.97
CA ARG A 1498 46.84 -24.13 -3.56
C ARG A 1498 48.05 -23.80 -2.71
N GLU A 1499 49.24 -24.19 -3.16
CA GLU A 1499 50.49 -23.67 -2.62
C GLU A 1499 50.94 -22.53 -3.52
N THR A 1500 51.77 -21.62 -2.98
CA THR A 1500 52.40 -20.51 -3.68
C THR A 1500 51.44 -19.58 -4.42
N VAL A 1501 50.28 -19.29 -3.84
CA VAL A 1501 49.56 -18.06 -4.11
C VAL A 1501 48.80 -17.76 -2.82
N GLN A 1502 48.61 -16.48 -2.52
CA GLN A 1502 48.08 -16.11 -1.22
C GLN A 1502 46.58 -16.40 -1.17
N PRO A 1503 46.08 -16.92 -0.05
CA PRO A 1503 44.66 -17.28 0.03
C PRO A 1503 43.70 -16.10 0.09
N GLU A 1504 44.20 -14.87 0.25
CA GLU A 1504 43.31 -13.73 0.13
C GLU A 1504 43.10 -13.28 -1.31
N ARG A 1505 43.84 -13.84 -2.27
CA ARG A 1505 43.65 -13.50 -3.68
C ARG A 1505 42.84 -14.54 -4.44
N ASN A 1506 42.76 -15.77 -3.95
CA ASN A 1506 42.09 -16.85 -4.65
C ASN A 1506 40.64 -16.98 -4.22
N VAL A 1507 39.87 -17.70 -5.02
CA VAL A 1507 38.47 -17.99 -4.75
C VAL A 1507 38.25 -19.48 -5.00
N THR A 1508 37.62 -20.17 -4.06
CA THR A 1508 37.24 -21.57 -4.23
C THR A 1508 35.73 -21.66 -4.42
N THR A 1509 35.28 -22.41 -5.43
CA THR A 1509 33.86 -22.48 -5.72
C THR A 1509 33.52 -23.78 -6.43
N GLU A 1510 32.28 -24.23 -6.23
CA GLU A 1510 31.81 -25.46 -6.83
C GLU A 1510 31.53 -25.28 -8.32
N VAL A 1511 31.71 -26.35 -9.08
CA VAL A 1511 31.59 -26.31 -10.53
C VAL A 1511 30.59 -27.37 -10.98
N MET A 1512 29.97 -27.12 -12.12
CA MET A 1512 29.09 -28.08 -12.76
C MET A 1512 29.72 -28.57 -14.05
N ASP A 1513 29.55 -29.86 -14.33
CA ASP A 1513 30.21 -30.47 -15.46
C ASP A 1513 29.49 -30.10 -16.77
N LYS A 1514 30.13 -30.42 -17.88
CA LYS A 1514 29.50 -30.21 -19.16
C LYS A 1514 28.43 -31.25 -19.42
N GLY A 1515 27.35 -30.82 -20.04
CA GLY A 1515 26.27 -31.72 -20.39
C GLY A 1515 25.02 -31.58 -19.54
N ASN A 1516 24.96 -30.59 -18.66
CA ASN A 1516 23.76 -30.38 -17.86
C ASN A 1516 22.79 -29.46 -18.58
N VAL A 1517 21.50 -29.72 -18.40
CA VAL A 1517 20.44 -29.03 -19.12
C VAL A 1517 19.63 -28.21 -18.13
N PHE A 1518 19.47 -26.93 -18.42
CA PHE A 1518 18.63 -26.00 -17.69
C PHE A 1518 17.47 -25.60 -18.58
N SER A 1519 16.38 -25.16 -17.97
CA SER A 1519 15.21 -24.76 -18.72
C SER A 1519 14.72 -23.42 -18.22
N PHE A 1520 14.32 -22.54 -19.14
CA PHE A 1520 13.82 -21.23 -18.75
C PHE A 1520 12.87 -20.70 -19.81
N ASP A 1521 12.18 -19.61 -19.48
CA ASP A 1521 11.16 -19.00 -20.31
C ASP A 1521 11.46 -17.53 -20.53
N VAL A 1522 11.13 -17.04 -21.72
CA VAL A 1522 11.18 -15.62 -22.05
C VAL A 1522 9.76 -15.19 -22.41
N ARG A 1523 9.33 -14.06 -21.90
CA ARG A 1523 7.98 -13.58 -22.14
C ARG A 1523 8.06 -12.20 -22.77
N PHE A 1524 7.19 -11.93 -23.75
CA PHE A 1524 7.27 -10.67 -24.48
C PHE A 1524 5.88 -10.18 -24.83
N GLU A 1525 5.74 -8.85 -24.95
CA GLU A 1525 4.49 -8.23 -25.33
C GLU A 1525 4.76 -6.98 -26.16
N ASN A 1526 3.88 -6.77 -27.15
CA ASN A 1526 3.86 -5.62 -28.06
C ASN A 1526 5.18 -5.48 -28.83
N LEU A 1527 5.49 -6.48 -29.61
CA LEU A 1527 6.70 -6.48 -30.42
C LEU A 1527 6.35 -6.49 -31.89
N ARG A 1528 7.19 -5.86 -32.69
CA ARG A 1528 7.06 -5.92 -34.13
C ARG A 1528 7.67 -7.22 -34.65
N GLU A 1529 7.56 -7.43 -35.95
CA GLU A 1529 7.99 -8.69 -36.53
C GLU A 1529 9.51 -8.83 -36.53
N TRP A 1530 10.22 -7.76 -36.89
CA TRP A 1530 11.66 -7.83 -36.95
C TRP A 1530 12.31 -7.88 -35.57
N GLU A 1531 11.65 -7.34 -34.55
CA GLU A 1531 12.19 -7.43 -33.20
C GLU A 1531 12.13 -8.86 -32.67
N LEU A 1532 11.02 -9.56 -32.94
CA LEU A 1532 10.94 -10.97 -32.57
C LEU A 1532 11.88 -11.81 -33.39
N GLY A 1533 12.10 -11.46 -34.67
CA GLY A 1533 13.08 -12.16 -35.46
C GLY A 1533 14.50 -12.01 -34.95
N LEU A 1534 14.87 -10.79 -34.57
CA LEU A 1534 16.21 -10.56 -34.04
C LEU A 1534 16.37 -11.16 -32.65
N LEU A 1535 15.30 -11.24 -31.87
CA LEU A 1535 15.38 -11.91 -30.57
C LEU A 1535 15.56 -13.41 -30.72
N LEU A 1536 14.83 -14.03 -31.65
CA LEU A 1536 15.00 -15.46 -31.91
C LEU A 1536 16.34 -15.77 -32.55
N GLN A 1537 16.93 -14.80 -33.25
CA GLN A 1537 18.29 -15.00 -33.75
C GLN A 1537 19.31 -14.85 -32.64
N SER A 1538 19.09 -13.91 -31.71
CA SER A 1538 20.04 -13.71 -30.61
C SER A 1538 19.98 -14.84 -29.60
N LEU A 1539 18.86 -15.56 -29.54
CA LEU A 1539 18.79 -16.71 -28.63
C LEU A 1539 19.62 -17.87 -29.16
N ASP A 1540 19.40 -18.27 -30.40
CA ASP A 1540 20.11 -19.38 -31.03
C ASP A 1540 20.68 -18.91 -32.35
N PRO A 1541 21.93 -18.43 -32.37
CA PRO A 1541 22.48 -17.88 -33.61
C PRO A 1541 23.04 -18.91 -34.57
N GLY A 1542 22.89 -20.21 -34.30
CA GLY A 1542 23.26 -21.25 -35.23
C GLY A 1542 24.17 -22.27 -34.60
N LYS A 1543 24.54 -23.26 -35.40
CA LYS A 1543 25.61 -24.16 -35.00
C LYS A 1543 26.93 -23.42 -35.00
N ASN A 1544 27.87 -23.94 -34.20
CA ASN A 1544 29.22 -23.39 -33.98
C ASN A 1544 29.22 -21.98 -33.40
N ILE A 1545 28.09 -21.47 -32.93
CA ILE A 1545 28.04 -20.17 -32.25
C ILE A 1545 27.38 -20.37 -30.91
N ALA A 1546 27.99 -19.82 -29.86
CA ALA A 1546 27.49 -20.00 -28.50
C ALA A 1546 27.78 -18.76 -27.69
N HIS A 1547 27.27 -18.75 -26.46
CA HIS A 1547 27.38 -17.61 -25.55
C HIS A 1547 28.34 -17.90 -24.42
N LYS A 1548 28.58 -16.88 -23.59
CA LYS A 1548 29.43 -16.98 -22.42
C LYS A 1548 28.69 -16.47 -21.19
N LEU A 1549 28.82 -17.18 -20.08
CA LEU A 1549 28.02 -16.90 -18.89
C LEU A 1549 28.77 -17.35 -17.64
N GLY A 1550 28.83 -16.48 -16.64
CA GLY A 1550 29.31 -16.89 -15.34
C GLY A 1550 30.70 -16.40 -15.01
N LYS A 1551 31.28 -17.05 -14.00
CA LYS A 1551 32.59 -16.69 -13.48
C LYS A 1551 33.70 -17.41 -14.24
N GLY A 1552 34.85 -16.75 -14.35
CA GLY A 1552 36.01 -17.38 -14.93
C GLY A 1552 35.99 -17.47 -16.43
N LYS A 1553 35.48 -16.47 -17.11
CA LYS A 1553 35.40 -16.49 -18.57
C LYS A 1553 36.73 -16.39 -19.31
N PRO A 1554 37.76 -15.67 -18.84
CA PRO A 1554 39.06 -15.80 -19.53
C PRO A 1554 39.71 -17.16 -19.39
N TYR A 1555 39.43 -17.90 -18.34
CA TYR A 1555 40.01 -19.23 -18.18
C TYR A 1555 39.25 -20.30 -18.93
N GLY A 1556 38.13 -19.97 -19.56
CA GLY A 1556 37.39 -20.92 -20.35
C GLY A 1556 36.07 -21.37 -19.77
N PHE A 1557 35.77 -21.06 -18.51
CA PHE A 1557 34.55 -21.54 -17.89
C PHE A 1557 33.34 -20.83 -18.45
N GLY A 1558 32.26 -21.58 -18.64
CA GLY A 1558 30.99 -20.98 -18.87
C GLY A 1558 30.61 -20.72 -20.31
N SER A 1559 30.60 -21.75 -21.14
CA SER A 1559 30.08 -21.65 -22.49
C SER A 1559 28.75 -22.39 -22.55
N VAL A 1560 27.70 -21.68 -22.90
CA VAL A 1560 26.36 -22.24 -22.94
C VAL A 1560 25.81 -22.12 -24.36
N LYS A 1561 24.85 -22.98 -24.68
CA LYS A 1561 24.20 -22.98 -25.99
C LYS A 1561 22.70 -23.12 -25.78
N ILE A 1562 21.94 -22.17 -26.31
CA ILE A 1562 20.50 -22.07 -26.06
C ILE A 1562 19.73 -22.61 -27.25
N LYS A 1563 18.87 -23.58 -27.00
CA LYS A 1563 18.01 -24.18 -28.00
C LYS A 1563 16.56 -23.76 -27.73
N ILE A 1564 15.88 -23.30 -28.77
CA ILE A 1564 14.50 -22.82 -28.64
C ILE A 1564 13.56 -24.01 -28.78
N ASP A 1565 12.86 -24.34 -27.70
CA ASP A 1565 11.99 -25.51 -27.71
C ASP A 1565 10.62 -25.17 -28.25
N SER A 1566 10.03 -24.05 -27.82
CA SER A 1566 8.70 -23.72 -28.34
C SER A 1566 8.48 -22.21 -28.34
N LEU A 1567 7.59 -21.78 -29.22
CA LEU A 1567 7.19 -20.37 -29.32
C LEU A 1567 5.68 -20.29 -29.41
N HIS A 1568 5.06 -19.54 -28.51
CA HIS A 1568 3.62 -19.34 -28.50
C HIS A 1568 3.32 -17.86 -28.60
N THR A 1569 2.29 -17.53 -29.37
CA THR A 1569 1.88 -16.16 -29.59
C THR A 1569 0.38 -16.06 -29.38
N PHE A 1570 -0.06 -15.07 -28.60
CA PHE A 1570 -1.48 -14.88 -28.39
C PHE A 1570 -1.93 -13.55 -28.95
N LYS A 1571 -3.18 -13.50 -29.37
CA LYS A 1571 -3.82 -12.29 -29.88
C LYS A 1571 -5.12 -12.14 -29.12
N ILE A 1572 -5.13 -11.23 -28.14
CA ILE A 1572 -6.31 -11.07 -27.30
C ILE A 1572 -7.23 -9.95 -27.75
N ASN A 1573 -6.87 -9.22 -28.81
CA ASN A 1573 -7.82 -8.31 -29.43
C ASN A 1573 -8.68 -9.01 -30.49
N SER A 1574 -8.44 -10.30 -30.71
CA SER A 1574 -9.22 -11.08 -31.66
C SER A 1574 -10.51 -11.59 -31.03
N ASN A 1575 -11.16 -12.53 -31.73
CA ASN A 1575 -12.44 -13.09 -31.29
C ASN A 1575 -12.32 -13.88 -29.99
N ASN A 1576 -11.44 -14.88 -29.94
CA ASN A 1576 -11.25 -15.66 -28.74
C ASN A 1576 -9.76 -15.67 -28.36
N ASP A 1577 -9.50 -15.55 -27.06
CA ASP A 1577 -8.14 -15.53 -26.56
C ASP A 1577 -7.58 -16.95 -26.54
N LYS A 1578 -6.76 -17.28 -27.51
CA LYS A 1578 -6.18 -18.61 -27.64
C LYS A 1578 -4.65 -18.51 -27.60
N ILE A 1579 -4.01 -19.67 -27.64
CA ILE A 1579 -2.56 -19.78 -27.67
C ILE A 1579 -2.21 -20.66 -28.85
N LYS A 1580 -1.46 -20.10 -29.81
CA LYS A 1580 -1.05 -20.86 -30.97
C LYS A 1580 0.28 -21.55 -30.70
N ARG A 1581 0.82 -22.19 -31.73
CA ARG A 1581 2.07 -22.91 -31.65
C ARG A 1581 3.17 -22.29 -32.51
N VAL A 1582 2.81 -21.36 -33.39
CA VAL A 1582 3.72 -20.58 -34.24
C VAL A 1582 4.68 -21.46 -35.03
N PRO A 1583 4.24 -22.08 -36.14
CA PRO A 1583 5.05 -23.12 -36.81
C PRO A 1583 6.35 -22.62 -37.41
N GLN A 1584 7.12 -23.56 -37.98
CA GLN A 1584 8.48 -23.30 -38.41
C GLN A 1584 8.55 -22.29 -39.55
N SER A 1585 7.53 -22.27 -40.42
CA SER A 1585 7.54 -21.39 -41.57
C SER A 1585 7.43 -19.92 -41.17
N ASP A 1586 6.55 -19.62 -40.21
CA ASP A 1586 6.41 -18.23 -39.77
C ASP A 1586 7.62 -17.77 -38.98
N ILE A 1587 8.29 -18.69 -38.27
CA ILE A 1587 9.52 -18.34 -37.58
C ILE A 1587 10.62 -17.99 -38.57
N ARG A 1588 10.71 -18.77 -39.66
CA ARG A 1588 11.68 -18.45 -40.70
C ARG A 1588 11.37 -17.12 -41.37
N GLU A 1589 10.08 -16.81 -41.54
CA GLU A 1589 9.69 -15.51 -42.08
C GLU A 1589 10.04 -14.36 -41.13
N TYR A 1590 9.93 -14.59 -39.82
CA TYR A 1590 10.29 -13.56 -38.85
C TYR A 1590 11.80 -13.28 -38.85
N ILE A 1591 12.62 -14.33 -38.89
CA ILE A 1591 14.07 -14.14 -38.94
C ILE A 1591 14.47 -13.46 -40.25
N ASN A 1592 13.77 -13.78 -41.33
CA ASN A 1592 14.05 -13.12 -42.60
C ASN A 1592 13.69 -11.64 -42.56
N LYS A 1593 12.59 -11.29 -41.89
CA LYS A 1593 12.22 -9.88 -41.74
C LYS A 1593 13.23 -9.12 -40.89
N GLY A 1594 13.77 -9.75 -39.86
CA GLY A 1594 14.84 -9.15 -39.09
C GLY A 1594 16.12 -8.92 -39.89
N TYR A 1595 16.45 -9.89 -40.74
CA TYR A 1595 17.63 -9.73 -41.61
C TYR A 1595 17.45 -8.60 -42.62
N GLN A 1596 16.24 -8.47 -43.18
CA GLN A 1596 15.99 -7.36 -44.10
C GLN A 1596 16.03 -6.01 -43.38
N LYS A 1597 15.60 -5.97 -42.12
CA LYS A 1597 15.71 -4.74 -41.35
C LYS A 1597 17.17 -4.37 -41.09
N LEU A 1598 18.02 -5.36 -40.86
CA LEU A 1598 19.43 -5.08 -40.66
C LEU A 1598 20.10 -4.59 -41.94
N ILE A 1599 19.69 -5.13 -43.09
CA ILE A 1599 20.21 -4.65 -44.38
C ILE A 1599 19.76 -3.22 -44.64
N GLU A 1600 18.50 -2.91 -44.34
CA GLU A 1600 17.97 -1.55 -44.53
C GLU A 1600 18.65 -0.55 -43.61
N TRP A 1601 19.02 -0.97 -42.40
CA TRP A 1601 19.79 -0.08 -41.53
C TRP A 1601 21.21 0.10 -42.03
N SER A 1602 21.77 -0.92 -42.70
CA SER A 1602 23.13 -0.78 -43.22
C SER A 1602 23.18 0.19 -44.39
N GLY A 1603 22.20 0.13 -45.29
CA GLY A 1603 22.17 0.97 -46.45
C GLY A 1603 22.59 0.30 -47.74
N ASN A 1604 23.20 -0.88 -47.68
CA ASN A 1604 23.67 -1.58 -48.87
C ASN A 1604 22.47 -2.21 -49.56
N ASN A 1605 22.09 -1.66 -50.70
CA ASN A 1605 20.98 -2.16 -51.49
C ASN A 1605 21.40 -3.19 -52.54
N SER A 1606 22.63 -3.69 -52.48
CA SER A 1606 23.12 -4.62 -53.50
C SER A 1606 22.69 -6.05 -53.25
N ILE A 1607 22.23 -6.37 -52.05
CA ILE A 1607 21.83 -7.74 -51.72
C ILE A 1607 20.35 -7.91 -52.04
N GLN A 1608 20.03 -8.93 -52.82
CA GLN A 1608 18.70 -9.14 -53.34
C GLN A 1608 17.74 -9.61 -52.23
N LYS A 1609 16.46 -9.61 -52.56
CA LYS A 1609 15.40 -10.03 -51.65
C LYS A 1609 14.72 -11.27 -52.22
N GLY A 1610 14.63 -12.32 -51.40
CA GLY A 1610 14.01 -13.55 -51.86
C GLY A 1610 13.88 -14.54 -50.72
N ASN A 1611 13.50 -15.76 -51.08
CA ASN A 1611 13.36 -16.86 -50.12
C ASN A 1611 14.64 -17.68 -49.99
N VAL A 1612 15.74 -17.00 -49.70
CA VAL A 1612 17.04 -17.61 -49.48
C VAL A 1612 17.34 -17.57 -47.99
N LEU A 1613 17.94 -18.64 -47.48
CA LEU A 1613 18.33 -18.68 -46.07
C LEU A 1613 19.48 -17.70 -45.85
N PRO A 1614 19.42 -16.86 -44.82
CA PRO A 1614 20.27 -15.68 -44.80
C PRO A 1614 21.70 -16.00 -44.40
N GLN A 1615 22.62 -15.30 -45.02
CA GLN A 1615 24.04 -15.35 -44.70
C GLN A 1615 24.35 -14.06 -43.95
N TRP A 1616 24.54 -14.17 -42.65
CA TRP A 1616 24.70 -12.99 -41.82
C TRP A 1616 26.07 -12.36 -41.95
N HIS A 1617 27.03 -13.04 -42.58
CA HIS A 1617 28.38 -12.51 -42.68
C HIS A 1617 28.57 -11.59 -43.88
N VAL A 1618 27.50 -11.15 -44.53
CA VAL A 1618 27.66 -10.14 -45.57
C VAL A 1618 27.71 -8.75 -44.94
N ILE A 1619 27.21 -8.61 -43.73
CA ILE A 1619 27.36 -7.39 -42.95
C ILE A 1619 28.68 -7.52 -42.20
N PRO A 1620 29.51 -6.48 -42.14
CA PRO A 1620 30.84 -6.64 -41.51
C PRO A 1620 30.82 -6.87 -40.01
N HIS A 1621 30.02 -6.11 -39.27
CA HIS A 1621 30.09 -6.21 -37.82
C HIS A 1621 29.43 -7.48 -37.30
N ILE A 1622 28.46 -8.03 -38.04
CA ILE A 1622 27.92 -9.33 -37.66
C ILE A 1622 28.95 -10.43 -37.90
N ASP A 1623 29.80 -10.26 -38.91
CA ASP A 1623 30.86 -11.22 -39.19
C ASP A 1623 31.91 -11.19 -38.08
N LYS A 1624 32.28 -9.98 -37.63
CA LYS A 1624 33.22 -9.88 -36.51
C LYS A 1624 32.64 -10.45 -35.22
N LEU A 1625 31.36 -10.16 -34.95
CA LEU A 1625 30.70 -10.66 -33.76
C LEU A 1625 30.60 -12.17 -33.77
N TYR A 1626 30.36 -12.76 -34.93
CA TYR A 1626 30.21 -14.21 -34.97
C TYR A 1626 31.56 -14.91 -35.09
N LYS A 1627 32.61 -14.19 -35.45
CA LYS A 1627 33.95 -14.72 -35.26
C LYS A 1627 34.30 -14.75 -33.79
N LEU A 1628 33.82 -13.77 -33.01
CA LEU A 1628 34.14 -13.73 -31.59
C LEU A 1628 33.44 -14.82 -30.81
N LEU A 1629 32.30 -15.31 -31.29
CA LEU A 1629 31.52 -16.31 -30.57
C LEU A 1629 31.56 -17.67 -31.24
N TRP A 1630 32.65 -17.99 -31.92
CA TRP A 1630 32.76 -19.24 -32.65
C TRP A 1630 33.40 -20.30 -31.75
N VAL A 1631 32.79 -21.48 -31.72
CA VAL A 1631 33.24 -22.59 -30.87
C VAL A 1631 33.97 -23.59 -31.74
N PRO A 1632 35.30 -23.70 -31.65
CA PRO A 1632 36.02 -24.57 -32.60
C PRO A 1632 36.00 -26.04 -32.24
N PHE A 1633 35.84 -26.40 -30.97
CA PHE A 1633 35.95 -27.78 -30.54
C PHE A 1633 34.62 -28.51 -30.54
N LEU A 1634 33.65 -28.09 -31.34
CA LEU A 1634 32.28 -28.51 -31.12
C LEU A 1634 31.98 -29.87 -31.72
N ASN A 1635 32.33 -30.07 -32.99
CA ASN A 1635 31.87 -31.23 -33.74
C ASN A 1635 32.87 -32.38 -33.71
N ASP A 1636 33.57 -32.54 -32.57
CA ASP A 1636 34.59 -33.55 -32.34
C ASP A 1636 35.73 -33.45 -33.37
N SER A 1637 36.07 -32.22 -33.74
CA SER A 1637 37.20 -32.00 -34.62
C SER A 1637 38.50 -32.13 -33.83
N LYS A 1638 39.61 -32.18 -34.56
CA LYS A 1638 40.89 -32.48 -33.93
C LYS A 1638 41.40 -31.28 -33.14
N LEU A 1639 40.93 -30.09 -33.47
CA LEU A 1639 41.58 -28.87 -33.02
C LEU A 1639 40.98 -28.34 -31.73
N GLU A 1640 41.85 -27.79 -30.89
CA GLU A 1640 41.47 -27.00 -29.74
C GLU A 1640 42.60 -26.02 -29.50
N PRO A 1641 42.34 -24.73 -29.59
CA PRO A 1641 43.43 -23.75 -29.57
C PRO A 1641 43.95 -23.52 -28.17
N ASP A 1642 44.98 -22.71 -28.10
CA ASP A 1642 45.69 -22.40 -26.87
C ASP A 1642 45.50 -20.91 -26.62
N VAL A 1643 44.73 -20.58 -25.60
CA VAL A 1643 44.33 -19.22 -25.30
C VAL A 1643 44.79 -18.89 -23.88
N ARG A 1644 45.58 -17.84 -23.74
CA ARG A 1644 46.25 -17.55 -22.48
C ARG A 1644 46.75 -16.11 -22.50
N TYR A 1645 46.80 -15.49 -21.33
CA TYR A 1645 47.44 -14.20 -21.19
C TYR A 1645 48.96 -14.37 -21.15
N PRO A 1646 49.75 -13.32 -21.45
CA PRO A 1646 51.20 -13.34 -21.35
C PRO A 1646 51.69 -13.35 -19.90
N VAL A 1647 52.99 -13.37 -19.63
CA VAL A 1647 53.46 -13.51 -18.24
C VAL A 1647 54.44 -12.44 -17.76
N LEU A 1648 54.26 -11.15 -18.02
CA LEU A 1648 55.18 -10.10 -17.48
C LEU A 1648 56.64 -10.41 -17.87
N ASN A 1649 57.56 -10.55 -16.91
CA ASN A 1649 58.96 -10.84 -17.28
C ASN A 1649 59.32 -12.33 -17.32
N GLU A 1650 60.56 -12.60 -17.75
CA GLU A 1650 61.18 -13.91 -18.04
C GLU A 1650 61.54 -14.66 -16.77
N GLU A 1651 61.09 -14.20 -15.60
CA GLU A 1651 61.37 -14.90 -14.35
C GLU A 1651 60.12 -15.10 -13.50
N SER A 1652 58.95 -14.64 -13.95
CA SER A 1652 57.78 -14.56 -13.07
C SER A 1652 57.18 -15.90 -12.62
N LYS A 1653 56.51 -16.63 -13.45
CA LYS A 1653 55.89 -17.82 -12.92
C LYS A 1653 56.09 -19.03 -13.74
N GLY A 1654 55.33 -19.12 -14.80
CA GLY A 1654 55.47 -20.26 -15.65
C GLY A 1654 55.79 -19.77 -17.01
N TYR A 1655 57.02 -19.36 -17.21
CA TYR A 1655 57.43 -18.91 -18.50
C TYR A 1655 57.79 -20.15 -19.24
N ILE A 1656 57.76 -20.07 -20.56
CA ILE A 1656 58.10 -21.23 -21.43
C ILE A 1656 59.43 -20.83 -22.06
N GLU A 1657 60.41 -21.72 -22.09
CA GLU A 1657 61.75 -21.29 -22.57
C GLU A 1657 61.70 -20.73 -23.99
N GLY A 1658 62.35 -19.57 -24.16
CA GLY A 1658 62.51 -18.94 -25.48
C GLY A 1658 61.22 -18.82 -26.25
N SER A 1659 60.14 -18.35 -25.62
CA SER A 1659 58.88 -18.12 -26.38
C SER A 1659 58.70 -16.62 -26.59
N ASP A 1660 59.34 -15.83 -25.75
CA ASP A 1660 59.25 -14.36 -25.78
C ASP A 1660 57.80 -13.91 -25.65
N TYR A 1661 56.96 -14.54 -24.80
CA TYR A 1661 55.55 -14.18 -24.69
C TYR A 1661 55.32 -13.37 -23.43
N THR A 1662 56.09 -12.31 -23.22
CA THR A 1662 55.95 -11.47 -22.06
C THR A 1662 55.31 -10.13 -22.43
N TYR A 1663 54.85 -9.43 -21.41
CA TYR A 1663 54.40 -8.06 -21.60
C TYR A 1663 55.55 -7.08 -21.71
N LYS A 1664 56.78 -7.50 -21.36
CA LYS A 1664 57.92 -6.63 -21.50
C LYS A 1664 58.31 -6.45 -22.96
N LYS A 1665 57.97 -7.40 -23.82
CA LYS A 1665 58.24 -7.25 -25.24
C LYS A 1665 57.03 -6.81 -26.04
N LEU A 1666 55.81 -7.08 -25.56
CA LEU A 1666 54.63 -6.55 -26.22
C LEU A 1666 54.28 -5.13 -25.76
N GLY A 1667 55.12 -4.51 -24.95
CA GLY A 1667 54.76 -3.23 -24.36
C GLY A 1667 55.42 -2.01 -24.98
N ASP A 1668 56.67 -2.13 -25.37
CA ASP A 1668 57.44 -0.97 -25.81
C ASP A 1668 57.23 -0.72 -27.29
N LYS A 1669 57.56 0.49 -27.73
CA LYS A 1669 57.42 0.86 -29.13
C LYS A 1669 58.67 0.52 -29.94
N ASP A 1670 59.18 -0.68 -29.75
CA ASP A 1670 60.29 -1.22 -30.51
C ASP A 1670 59.91 -2.52 -31.19
N ASN A 1671 59.19 -3.39 -30.51
CA ASN A 1671 58.73 -4.64 -31.10
C ASN A 1671 57.37 -4.52 -31.73
N LEU A 1672 56.49 -3.67 -31.21
CA LEU A 1672 55.27 -3.30 -31.90
C LEU A 1672 54.84 -1.92 -31.46
N PRO A 1673 54.55 -1.01 -32.37
CA PRO A 1673 53.99 0.29 -31.97
C PRO A 1673 52.56 0.18 -31.46
N TYR A 1674 51.99 1.30 -31.05
CA TYR A 1674 50.69 1.27 -30.39
C TYR A 1674 49.58 0.99 -31.40
N LYS A 1675 49.78 1.40 -32.65
CA LYS A 1675 48.75 1.27 -33.67
C LYS A 1675 48.51 -0.19 -34.03
N THR A 1676 49.58 -0.97 -34.22
CA THR A 1676 49.39 -2.38 -34.54
C THR A 1676 48.92 -3.16 -33.33
N ARG A 1677 49.17 -2.67 -32.12
CA ARG A 1677 48.63 -3.30 -30.93
C ARG A 1677 47.12 -3.15 -30.87
N VAL A 1678 46.62 -1.94 -31.16
CA VAL A 1678 45.17 -1.72 -31.17
C VAL A 1678 44.53 -2.49 -32.32
N LYS A 1679 45.29 -2.64 -33.40
CA LYS A 1679 44.90 -3.38 -34.62
C LYS A 1679 44.75 -4.86 -34.29
N GLY A 1680 45.65 -5.40 -33.49
CA GLY A 1680 45.60 -6.78 -33.09
C GLY A 1680 44.56 -7.06 -32.03
N LEU A 1681 44.24 -6.06 -31.20
CA LEU A 1681 43.18 -6.26 -30.23
C LEU A 1681 41.80 -6.05 -30.84
N THR A 1682 41.72 -5.45 -32.02
CA THR A 1682 40.43 -5.25 -32.67
C THR A 1682 39.99 -6.42 -33.55
N THR A 1683 40.89 -7.02 -34.34
CA THR A 1683 40.51 -8.11 -35.23
C THR A 1683 40.49 -9.42 -34.48
N PRO A 1684 39.41 -10.19 -34.49
CA PRO A 1684 39.35 -11.44 -33.78
C PRO A 1684 40.20 -12.60 -34.26
N TRP A 1685 40.59 -13.41 -33.31
CA TRP A 1685 41.37 -14.65 -33.44
C TRP A 1685 42.69 -14.45 -34.15
N SER A 1686 43.41 -13.36 -33.95
CA SER A 1686 44.68 -13.23 -34.68
C SER A 1686 45.79 -13.73 -33.78
N PRO A 1687 46.75 -14.57 -34.21
CA PRO A 1687 47.74 -15.07 -33.32
C PRO A 1687 48.63 -13.97 -32.77
N TRP A 1688 49.00 -14.11 -31.51
CA TRP A 1688 49.88 -13.18 -30.77
C TRP A 1688 51.19 -13.86 -30.43
N ASN A 1689 51.40 -15.14 -30.74
CA ASN A 1689 52.70 -15.69 -30.31
C ASN A 1689 53.71 -15.30 -31.36
N PRO A 1690 53.72 -15.98 -32.52
CA PRO A 1690 54.54 -15.54 -33.60
C PRO A 1690 53.60 -14.42 -34.00
N PHE A 1691 53.94 -13.16 -33.76
CA PHE A 1691 52.96 -12.08 -33.98
C PHE A 1691 52.65 -11.91 -35.45
N GLN A 1692 51.37 -11.81 -35.74
CA GLN A 1692 50.87 -11.58 -37.11
C GLN A 1692 49.50 -10.97 -36.94
ZN ZN C . -54.08 20.45 33.53
ZN ZN D . -36.95 9.34 5.62
ZN ZN E . -14.03 6.17 -17.93
ZN ZN F . 19.90 3.42 -25.99
#